data_5XAZ
#
_entry.id   5XAZ
#
_cell.length_a   101.479
_cell.length_b   71.566
_cell.length_c   158.584
_cell.angle_alpha   90.00
_cell.angle_beta   102.92
_cell.angle_gamma   90.00
#
_symmetry.space_group_name_H-M   'P 1 21 1'
#
loop_
_entity.id
_entity.type
_entity.pdbx_description
1 polymer 'Gamma-butyrolactone receptor protein'
2 water water
#
_entity_poly.entity_id   1
_entity_poly.type   'polypeptide(L)'
_entity_poly.pdbx_seq_one_letter_code
;ARQERAAQTRRTIVAAAAAVFDELGYEATTIAEILKRSGVTKGALYFHFTSKEQLAQEVLTSQLRAVPPVEEQRLVLQQI
IDETLLLAQLLSKGDPLVRGSVRLTVEPGAPADGLDRRAPMQEWIGHGRDLLRRAEAGGELLPRLDVDAVARMLVGGFTG
AQILSNILTGHADLLERVTDMHRHLMTSVAVPAVLVRLDFSAERSITVYDEAMRRREAPLPAAGDLEH
;
_entity_poly.pdbx_strand_id   A,H,B,C,D,E,F,G
#
# COMPACT_ATOMS: atom_id res chain seq x y z
N ALA A 1 5.92 7.38 -15.06
CA ALA A 1 4.67 7.64 -14.34
C ALA A 1 4.61 6.75 -13.08
N ARG A 2 3.41 6.66 -12.50
CA ARG A 2 3.15 6.04 -11.24
C ARG A 2 3.79 4.61 -11.10
N GLN A 3 3.69 3.79 -12.14
CA GLN A 3 4.19 2.42 -12.03
C GLN A 3 5.68 2.25 -11.98
N GLU A 4 6.40 3.04 -12.80
CA GLU A 4 7.82 2.99 -12.80
C GLU A 4 8.31 3.48 -11.46
N ARG A 5 7.69 4.57 -10.94
CA ARG A 5 8.06 5.13 -9.60
C ARG A 5 7.85 4.12 -8.48
N ALA A 6 6.78 3.35 -8.59
CA ALA A 6 6.43 2.38 -7.53
C ALA A 6 7.42 1.23 -7.60
N ALA A 7 7.75 0.81 -8.82
CA ALA A 7 8.73 -0.30 -9.00
C ALA A 7 10.13 0.07 -8.45
N GLN A 8 10.48 1.37 -8.58
CA GLN A 8 11.79 1.85 -8.11
C GLN A 8 11.85 1.77 -6.57
N THR A 9 10.77 2.21 -5.90
CA THR A 9 10.78 2.12 -4.46
C THR A 9 10.62 0.71 -3.98
N ARG A 10 9.86 -0.10 -4.70
CA ARG A 10 9.94 -1.56 -4.44
C ARG A 10 11.38 -2.11 -4.36
N ARG A 11 12.15 -1.88 -5.44
CA ARG A 11 13.56 -2.30 -5.47
C ARG A 11 14.36 -1.76 -4.28
N THR A 12 14.10 -0.52 -3.86
CA THR A 12 14.85 0.02 -2.74
C THR A 12 14.52 -0.73 -1.46
N ILE A 13 13.24 -1.05 -1.29
CA ILE A 13 12.81 -1.80 -0.11
C ILE A 13 13.46 -3.19 -0.06
N VAL A 14 13.44 -3.91 -1.19
CA VAL A 14 14.17 -5.19 -1.28
C VAL A 14 15.68 -5.09 -0.96
N ALA A 15 16.39 -4.07 -1.52
CA ALA A 15 17.84 -3.91 -1.28
C ALA A 15 18.15 -3.63 0.18
N ALA A 16 17.44 -2.67 0.76
CA ALA A 16 17.61 -2.32 2.16
C ALA A 16 17.23 -3.48 3.06
N ALA A 17 16.13 -4.21 2.74
CA ALA A 17 15.78 -5.35 3.60
C ALA A 17 16.96 -6.33 3.61
N ALA A 18 17.51 -6.60 2.43
CA ALA A 18 18.63 -7.55 2.34
C ALA A 18 19.82 -7.15 3.21
N ALA A 19 20.24 -5.88 3.14
CA ALA A 19 21.37 -5.46 3.94
C ALA A 19 21.09 -5.74 5.46
N VAL A 20 19.86 -5.49 5.90
CA VAL A 20 19.54 -5.62 7.35
C VAL A 20 19.52 -7.13 7.72
N PHE A 21 18.90 -7.92 6.83
CA PHE A 21 18.86 -9.38 7.09
C PHE A 21 20.28 -9.93 7.17
N ASP A 22 21.15 -9.45 6.29
CA ASP A 22 22.57 -9.73 6.36
C ASP A 22 23.20 -9.45 7.77
N GLU A 23 23.07 -8.23 8.26
CA GLU A 23 23.71 -7.91 9.52
C GLU A 23 23.06 -8.63 10.64
N LEU A 24 21.72 -8.75 10.65
CA LEU A 24 21.00 -9.17 11.88
C LEU A 24 20.34 -10.55 11.79
N GLY A 25 20.16 -11.12 10.60
CA GLY A 25 19.38 -12.34 10.60
C GLY A 25 17.92 -12.01 10.63
N TYR A 26 17.08 -13.02 10.38
CA TYR A 26 15.62 -12.86 10.23
C TYR A 26 14.90 -12.34 11.46
N GLU A 27 15.13 -12.97 12.60
CA GLU A 27 14.31 -12.68 13.75
C GLU A 27 14.55 -11.26 14.24
N ALA A 28 15.81 -10.81 14.19
CA ALA A 28 16.22 -9.57 14.85
C ALA A 28 15.99 -8.37 13.91
N THR A 29 15.87 -8.65 12.60
CA THR A 29 15.39 -7.68 11.62
C THR A 29 13.94 -7.24 11.82
N THR A 30 13.75 -5.96 11.62
CA THR A 30 12.53 -5.30 11.92
C THR A 30 12.12 -4.47 10.68
N ILE A 31 10.82 -4.39 10.43
CA ILE A 31 10.28 -3.52 9.39
C ILE A 31 10.75 -2.09 9.70
N ALA A 32 10.79 -1.75 10.98
CA ALA A 32 11.18 -0.42 11.43
C ALA A 32 12.63 -0.13 11.08
N GLU A 33 13.55 -1.05 11.41
CA GLU A 33 14.94 -0.90 10.93
C GLU A 33 15.05 -0.77 9.37
N ILE A 34 14.31 -1.57 8.64
CA ILE A 34 14.29 -1.43 7.19
C ILE A 34 13.79 -0.03 6.72
N LEU A 35 12.77 0.54 7.37
CA LEU A 35 12.27 1.89 7.00
C LEU A 35 13.31 2.93 7.34
N LYS A 36 13.93 2.75 8.51
CA LYS A 36 14.98 3.63 8.99
C LYS A 36 16.06 3.74 7.96
N ARG A 37 16.49 2.61 7.43
CA ARG A 37 17.58 2.58 6.46
C ARG A 37 17.25 2.97 5.06
N SER A 38 16.18 2.44 4.49
CA SER A 38 15.74 2.91 3.20
C SER A 38 15.21 4.38 3.16
N GLY A 39 14.79 4.96 4.28
CA GLY A 39 14.05 6.25 4.26
C GLY A 39 12.64 6.26 3.61
N VAL A 40 12.05 5.08 3.42
CA VAL A 40 10.76 4.89 2.75
C VAL A 40 9.59 4.98 3.77
N THR A 41 8.40 5.43 3.35
CA THR A 41 7.24 5.43 4.30
C THR A 41 6.74 3.99 4.56
N LYS A 42 6.14 3.83 5.71
CA LYS A 42 5.35 2.66 6.08
C LYS A 42 4.25 2.36 5.03
N GLY A 43 3.50 3.40 4.63
CA GLY A 43 2.45 3.25 3.60
C GLY A 43 2.96 2.59 2.33
N ALA A 44 4.14 2.98 1.86
CA ALA A 44 4.65 2.36 0.63
C ALA A 44 5.07 0.90 0.91
N LEU A 45 5.69 0.66 2.07
CA LEU A 45 6.10 -0.69 2.39
C LEU A 45 4.87 -1.65 2.53
N TYR A 46 3.87 -1.21 3.30
CA TYR A 46 2.61 -1.95 3.41
C TYR A 46 1.98 -2.23 2.09
N PHE A 47 2.07 -1.31 1.14
CA PHE A 47 1.54 -1.56 -0.19
C PHE A 47 2.31 -2.64 -0.97
N HIS A 48 3.62 -2.69 -0.80
CA HIS A 48 4.45 -3.61 -1.59
C HIS A 48 4.51 -5.01 -0.97
N PHE A 49 4.44 -5.10 0.36
CA PHE A 49 4.64 -6.38 1.00
C PHE A 49 3.62 -6.67 2.08
N THR A 50 3.18 -7.93 2.14
CA THR A 50 2.19 -8.35 3.12
C THR A 50 2.81 -8.48 4.50
N SER A 51 4.11 -8.72 4.59
CA SER A 51 4.75 -9.10 5.91
C SER A 51 6.27 -9.10 5.79
N LYS A 52 6.90 -9.11 6.95
CA LYS A 52 8.34 -9.31 7.02
C LYS A 52 8.71 -10.62 6.26
N GLU A 53 7.89 -11.64 6.47
CA GLU A 53 8.16 -12.95 5.90
C GLU A 53 8.13 -12.88 4.41
N GLN A 54 7.09 -12.31 3.79
CA GLN A 54 7.07 -12.27 2.31
C GLN A 54 8.24 -11.46 1.73
N LEU A 55 8.66 -10.46 2.51
CA LEU A 55 9.78 -9.62 2.13
C LEU A 55 11.11 -10.42 2.20
N ALA A 56 11.29 -11.20 3.27
CA ALA A 56 12.43 -12.08 3.39
C ALA A 56 12.40 -13.09 2.27
N GLN A 57 11.23 -13.59 1.91
CA GLN A 57 11.22 -14.53 0.79
C GLN A 57 11.56 -13.87 -0.53
N GLU A 58 11.18 -12.61 -0.67
CA GLU A 58 11.45 -11.83 -1.87
C GLU A 58 12.98 -11.58 -2.02
N VAL A 59 13.65 -11.30 -0.89
CA VAL A 59 15.12 -11.24 -0.85
C VAL A 59 15.68 -12.61 -1.29
N LEU A 60 15.23 -13.68 -0.66
CA LEU A 60 15.71 -15.02 -1.00
C LEU A 60 15.62 -15.39 -2.50
N THR A 61 14.69 -14.77 -3.18
CA THR A 61 14.26 -15.18 -4.49
C THR A 61 14.65 -14.11 -5.50
N SER A 62 15.20 -13.02 -5.01
CA SER A 62 15.70 -11.90 -5.86
C SER A 62 16.57 -12.23 -7.07
N GLN A 63 17.62 -13.07 -6.89
CA GLN A 63 18.53 -13.39 -8.01
C GLN A 63 17.93 -14.26 -9.07
N LEU A 64 16.81 -14.90 -8.80
CA LEU A 64 15.97 -15.55 -9.81
C LEU A 64 15.33 -14.60 -10.85
N ARG A 65 15.11 -13.30 -10.53
CA ARG A 65 14.77 -12.25 -11.56
C ARG A 65 15.94 -11.73 -12.43
N ALA A 66 17.13 -11.51 -11.83
CA ALA A 66 18.37 -11.06 -12.56
C ALA A 66 18.73 -11.85 -13.84
N GLU A 72 21.38 -15.09 -25.77
CA GLU A 72 21.17 -16.52 -25.60
C GLU A 72 22.43 -17.32 -25.86
N GLN A 73 22.63 -18.30 -25.01
CA GLN A 73 23.74 -19.23 -25.05
C GLN A 73 23.53 -20.23 -26.15
N ARG A 74 24.54 -20.98 -26.46
CA ARG A 74 24.33 -22.09 -27.34
C ARG A 74 24.03 -23.30 -26.46
N LEU A 75 24.63 -23.35 -25.28
CA LEU A 75 24.41 -24.48 -24.41
C LEU A 75 23.70 -24.07 -23.15
N VAL A 76 22.61 -24.73 -22.85
CA VAL A 76 21.87 -24.52 -21.62
C VAL A 76 22.67 -24.72 -20.32
N LEU A 77 23.53 -25.72 -20.27
CA LEU A 77 24.35 -25.87 -19.06
C LEU A 77 25.30 -24.66 -18.83
N GLN A 78 25.64 -23.96 -19.90
CA GLN A 78 26.47 -22.76 -19.69
C GLN A 78 25.61 -21.71 -18.97
N GLN A 79 24.30 -21.71 -19.17
CA GLN A 79 23.48 -20.80 -18.37
C GLN A 79 23.60 -21.13 -16.88
N ILE A 80 23.51 -22.40 -16.53
CA ILE A 80 23.67 -22.81 -15.14
C ILE A 80 25.04 -22.38 -14.57
N ILE A 81 26.12 -22.59 -15.33
CA ILE A 81 27.45 -22.09 -14.93
C ILE A 81 27.48 -20.57 -14.71
N ASP A 82 26.90 -19.86 -15.66
CA ASP A 82 26.97 -18.44 -15.61
C ASP A 82 26.24 -17.92 -14.40
N GLU A 83 25.03 -18.43 -14.12
CA GLU A 83 24.29 -17.94 -12.96
C GLU A 83 25.05 -18.34 -11.67
N THR A 84 25.64 -19.53 -11.60
CA THR A 84 26.25 -19.93 -10.35
C THR A 84 27.50 -19.09 -10.07
N LEU A 85 28.32 -18.84 -11.09
CA LEU A 85 29.56 -18.16 -10.81
C LEU A 85 29.29 -16.67 -10.56
N LEU A 86 28.30 -16.13 -11.25
CA LEU A 86 27.80 -14.80 -10.95
C LEU A 86 27.48 -14.65 -9.43
N LEU A 87 26.70 -15.57 -8.91
CA LEU A 87 26.35 -15.50 -7.49
C LEU A 87 27.62 -15.46 -6.63
N ALA A 88 28.61 -16.30 -7.00
CA ALA A 88 29.85 -16.32 -6.23
C ALA A 88 30.56 -14.96 -6.31
N GLN A 89 30.56 -14.31 -7.49
CA GLN A 89 31.30 -13.03 -7.70
C GLN A 89 30.58 -11.95 -6.85
N LEU A 90 29.24 -11.96 -6.93
CA LEU A 90 28.41 -11.03 -6.17
C LEU A 90 28.60 -11.24 -4.66
N LEU A 91 28.61 -12.48 -4.25
CA LEU A 91 28.74 -12.71 -2.83
C LEU A 91 30.15 -12.31 -2.43
N SER A 92 31.10 -12.71 -3.25
CA SER A 92 32.50 -12.32 -3.00
C SER A 92 32.62 -10.80 -2.78
N LYS A 93 32.00 -10.01 -3.64
CA LYS A 93 32.01 -8.58 -3.44
C LYS A 93 31.19 -8.00 -2.29
N GLY A 94 30.40 -8.83 -1.62
CA GLY A 94 29.48 -8.35 -0.60
C GLY A 94 28.26 -7.59 -1.14
N ASP A 95 27.75 -7.95 -2.32
CA ASP A 95 26.47 -7.42 -2.78
C ASP A 95 25.35 -7.73 -1.71
N PRO A 96 24.58 -6.71 -1.28
CA PRO A 96 23.56 -6.88 -0.20
C PRO A 96 22.50 -7.95 -0.48
N LEU A 97 21.92 -7.96 -1.69
CA LEU A 97 20.96 -8.97 -2.08
C LEU A 97 21.44 -10.42 -1.89
N VAL A 98 22.71 -10.69 -2.26
CA VAL A 98 23.15 -12.02 -2.34
C VAL A 98 23.64 -12.30 -0.92
N ARG A 99 24.28 -11.34 -0.26
CA ARG A 99 24.62 -11.55 1.18
C ARG A 99 23.38 -11.90 2.05
N GLY A 100 22.31 -11.10 1.93
CA GLY A 100 21.15 -11.30 2.76
C GLY A 100 20.48 -12.63 2.42
N SER A 101 20.40 -12.98 1.15
CA SER A 101 19.77 -14.25 0.89
C SER A 101 20.57 -15.50 1.30
N VAL A 102 21.90 -15.43 1.30
CA VAL A 102 22.70 -16.53 1.79
C VAL A 102 22.58 -16.66 3.30
N ARG A 103 22.57 -15.55 4.00
CA ARG A 103 22.32 -15.63 5.45
C ARG A 103 20.91 -16.21 5.78
N LEU A 104 19.85 -15.74 5.14
CA LEU A 104 18.49 -16.22 5.44
C LEU A 104 18.38 -17.69 5.05
N THR A 105 19.09 -18.15 4.00
CA THR A 105 19.16 -19.59 3.64
C THR A 105 19.72 -20.46 4.78
N VAL A 106 20.83 -20.03 5.36
CA VAL A 106 21.69 -20.96 6.07
C VAL A 106 21.35 -20.94 7.56
N GLU A 107 20.75 -19.87 8.00
CA GLU A 107 20.35 -19.56 9.37
C GLU A 107 19.49 -20.62 9.98
N PRO A 108 19.77 -21.03 11.19
CA PRO A 108 18.88 -21.98 11.80
C PRO A 108 17.50 -21.41 11.99
N GLY A 109 16.54 -22.28 11.81
CA GLY A 109 15.18 -21.90 11.98
C GLY A 109 14.97 -21.15 13.26
N ALA A 110 14.20 -20.10 13.25
CA ALA A 110 13.85 -19.62 14.56
C ALA A 110 12.93 -20.68 15.15
N PRO A 111 12.35 -21.52 14.30
CA PRO A 111 11.37 -22.45 14.80
C PRO A 111 11.86 -22.90 16.13
N ALA A 112 11.24 -22.26 17.10
CA ALA A 112 10.15 -21.39 16.69
C ALA A 112 10.66 -20.19 15.91
N ASP A 113 10.48 -20.21 14.60
CA ASP A 113 10.69 -19.06 13.73
C ASP A 113 9.49 -18.91 12.80
N GLY A 114 9.18 -17.70 12.44
CA GLY A 114 8.13 -17.52 11.48
C GLY A 114 8.62 -17.39 10.06
N LEU A 115 9.79 -17.94 9.69
CA LEU A 115 10.21 -17.84 8.28
C LEU A 115 10.21 -19.14 7.52
N ASP A 116 9.31 -19.23 6.58
CA ASP A 116 9.25 -20.36 5.66
C ASP A 116 10.36 -20.18 4.56
N ARG A 117 11.55 -20.77 4.78
CA ARG A 117 12.68 -20.86 3.78
C ARG A 117 12.39 -21.85 2.69
N ARG A 118 11.53 -22.84 2.98
CA ARG A 118 11.30 -23.97 2.10
C ARG A 118 10.65 -23.51 0.78
N ALA A 119 9.67 -22.61 0.85
CA ALA A 119 8.98 -22.16 -0.38
C ALA A 119 9.97 -21.47 -1.39
N PRO A 120 10.73 -20.48 -0.93
CA PRO A 120 11.64 -19.87 -1.96
C PRO A 120 12.81 -20.79 -2.30
N MET A 121 13.29 -21.60 -1.34
CA MET A 121 14.26 -22.65 -1.81
C MET A 121 13.69 -23.56 -2.93
N GLN A 122 12.38 -23.88 -2.86
CA GLN A 122 11.74 -24.72 -3.85
C GLN A 122 11.70 -23.96 -5.18
N GLU A 123 11.71 -22.65 -5.14
CA GLU A 123 11.76 -21.92 -6.40
C GLU A 123 13.15 -21.96 -7.04
N TRP A 124 14.17 -21.95 -6.21
CA TRP A 124 15.54 -22.15 -6.71
C TRP A 124 15.67 -23.49 -7.36
N ILE A 125 15.13 -24.53 -6.70
CA ILE A 125 15.25 -25.90 -7.21
C ILE A 125 14.46 -25.99 -8.53
N GLY A 126 13.28 -25.36 -8.58
CA GLY A 126 12.46 -25.42 -9.79
C GLY A 126 13.17 -24.77 -10.95
N HIS A 127 13.85 -23.65 -10.72
CA HIS A 127 14.56 -22.92 -11.77
C HIS A 127 15.65 -23.82 -12.29
N GLY A 128 16.41 -24.44 -11.41
CA GLY A 128 17.49 -25.32 -11.87
C GLY A 128 16.90 -26.47 -12.69
N ARG A 129 15.78 -26.98 -12.20
CA ARG A 129 15.09 -28.08 -12.81
C ARG A 129 14.60 -27.76 -14.24
N ASP A 130 13.92 -26.63 -14.39
CA ASP A 130 13.55 -26.11 -15.69
C ASP A 130 14.75 -26.02 -16.63
N LEU A 131 15.85 -25.53 -16.13
CA LEU A 131 17.00 -25.39 -17.02
C LEU A 131 17.49 -26.76 -17.46
N LEU A 132 17.52 -27.69 -16.51
CA LEU A 132 18.04 -29.03 -16.74
C LEU A 132 17.14 -29.77 -17.75
N ARG A 133 15.84 -29.50 -17.72
CA ARG A 133 14.94 -30.10 -18.75
C ARG A 133 15.17 -29.52 -20.12
N ARG A 134 15.46 -28.22 -20.18
CA ARG A 134 15.87 -27.64 -21.43
C ARG A 134 17.15 -28.24 -21.92
N ALA A 135 18.09 -28.45 -21.02
CA ALA A 135 19.32 -29.08 -21.41
C ALA A 135 19.04 -30.47 -21.96
N GLU A 136 18.08 -31.19 -21.36
CA GLU A 136 17.81 -32.56 -21.79
C GLU A 136 17.18 -32.57 -23.19
N ALA A 137 16.28 -31.63 -23.43
CA ALA A 137 15.61 -31.48 -24.74
C ALA A 137 16.63 -31.23 -25.84
N GLY A 138 17.71 -30.49 -25.56
CA GLY A 138 18.80 -30.27 -26.52
C GLY A 138 19.88 -31.38 -26.49
N GLY A 139 19.63 -32.49 -25.78
CA GLY A 139 20.67 -33.54 -25.70
C GLY A 139 21.92 -33.26 -24.85
N GLU A 140 21.91 -32.37 -23.86
CA GLU A 140 23.22 -32.05 -23.15
C GLU A 140 23.59 -32.95 -21.97
N LEU A 141 22.61 -33.73 -21.51
CA LEU A 141 22.74 -34.47 -20.25
C LEU A 141 23.13 -35.89 -20.51
N LEU A 142 23.87 -36.46 -19.57
CA LEU A 142 24.00 -37.91 -19.56
C LEU A 142 22.58 -38.52 -19.37
N PRO A 143 22.37 -39.75 -19.89
CA PRO A 143 21.00 -40.32 -19.95
C PRO A 143 20.40 -40.67 -18.61
N ARG A 144 19.08 -40.45 -18.49
CA ARG A 144 18.31 -41.06 -17.41
C ARG A 144 18.60 -40.37 -16.05
N LEU A 145 18.95 -39.10 -16.07
CA LEU A 145 19.19 -38.45 -14.77
C LEU A 145 17.90 -37.99 -14.11
N ASP A 146 17.85 -38.03 -12.79
CA ASP A 146 16.72 -37.40 -12.13
C ASP A 146 17.05 -35.90 -11.98
N VAL A 147 16.30 -35.13 -12.72
CA VAL A 147 16.57 -33.73 -12.94
C VAL A 147 16.35 -32.93 -11.61
N ASP A 148 15.43 -33.38 -10.80
CA ASP A 148 15.26 -32.79 -9.48
C ASP A 148 16.40 -33.09 -8.47
N ALA A 149 16.82 -34.32 -8.44
CA ALA A 149 17.89 -34.74 -7.55
C ALA A 149 19.15 -33.95 -7.97
N VAL A 150 19.29 -33.70 -9.27
CA VAL A 150 20.44 -32.97 -9.79
C VAL A 150 20.39 -31.50 -9.42
N ALA A 151 19.20 -30.89 -9.54
CA ALA A 151 19.12 -29.49 -9.25
C ALA A 151 19.47 -29.34 -7.76
N ARG A 152 18.97 -30.25 -6.96
CA ARG A 152 19.31 -30.24 -5.52
C ARG A 152 20.79 -30.35 -5.21
N MET A 153 21.49 -31.18 -5.97
CA MET A 153 22.93 -31.35 -5.80
C MET A 153 23.66 -30.08 -6.27
N LEU A 154 23.26 -29.50 -7.41
CA LEU A 154 23.87 -28.18 -7.80
C LEU A 154 23.74 -27.10 -6.72
N VAL A 155 22.52 -26.91 -6.21
CA VAL A 155 22.26 -25.90 -5.20
C VAL A 155 22.97 -26.27 -3.89
N GLY A 156 22.97 -27.55 -3.52
CA GLY A 156 23.68 -27.97 -2.26
C GLY A 156 25.18 -27.83 -2.40
N GLY A 157 25.72 -28.05 -3.59
CA GLY A 157 27.16 -27.84 -3.80
C GLY A 157 27.58 -26.36 -3.67
N PHE A 158 26.83 -25.44 -4.29
CA PHE A 158 27.13 -23.98 -4.04
C PHE A 158 27.11 -23.59 -2.55
N THR A 159 26.02 -23.96 -1.85
CA THR A 159 25.78 -23.69 -0.43
C THR A 159 26.89 -24.22 0.41
N GLY A 160 27.30 -25.48 0.21
CA GLY A 160 28.40 -26.05 1.06
C GLY A 160 29.77 -25.45 0.67
N ALA A 161 30.00 -25.15 -0.64
CA ALA A 161 31.28 -24.51 -1.02
C ALA A 161 31.39 -23.13 -0.33
N GLN A 162 30.27 -22.47 -0.25
CA GLN A 162 30.18 -21.07 0.13
C GLN A 162 30.50 -21.04 1.62
N ILE A 163 29.83 -21.90 2.37
CA ILE A 163 30.00 -21.99 3.81
C ILE A 163 31.45 -22.27 4.26
N LEU A 164 32.05 -23.33 3.71
CA LEU A 164 33.41 -23.67 4.06
C LEU A 164 34.32 -22.53 3.63
N SER A 165 34.08 -21.93 2.46
CA SER A 165 34.93 -20.85 2.00
C SER A 165 34.95 -19.66 3.00
N ASN A 166 33.77 -19.37 3.54
CA ASN A 166 33.59 -18.37 4.60
C ASN A 166 34.34 -18.74 5.88
N ILE A 167 34.10 -19.95 6.39
CA ILE A 167 34.82 -20.42 7.59
C ILE A 167 36.34 -20.50 7.46
N LEU A 168 36.86 -21.01 6.34
CA LEU A 168 38.29 -21.16 6.15
C LEU A 168 39.01 -19.90 5.66
N THR A 169 38.34 -19.02 4.92
CA THR A 169 39.10 -17.91 4.33
C THR A 169 38.35 -16.61 4.26
N GLY A 170 37.26 -16.49 5.00
CA GLY A 170 36.37 -15.33 4.81
C GLY A 170 35.98 -15.04 3.37
N HIS A 171 35.77 -16.06 2.52
CA HIS A 171 35.37 -15.83 1.11
C HIS A 171 36.51 -15.40 0.16
N ALA A 172 37.73 -15.34 0.64
CA ALA A 172 38.85 -15.02 -0.30
C ALA A 172 38.96 -16.04 -1.51
N ASP A 173 38.84 -17.34 -1.23
CA ASP A 173 38.90 -18.36 -2.28
C ASP A 173 37.51 -18.74 -2.80
N LEU A 174 36.49 -17.91 -2.56
CA LEU A 174 35.11 -18.31 -2.88
C LEU A 174 34.89 -18.80 -4.34
N LEU A 175 35.40 -18.05 -5.28
CA LEU A 175 35.08 -18.33 -6.66
C LEU A 175 35.76 -19.65 -7.07
N GLU A 176 37.00 -19.84 -6.64
CA GLU A 176 37.72 -21.08 -6.91
C GLU A 176 36.93 -22.33 -6.33
N ARG A 177 36.36 -22.21 -5.12
CA ARG A 177 35.67 -23.34 -4.49
C ARG A 177 34.36 -23.68 -5.15
N VAL A 178 33.64 -22.63 -5.55
CA VAL A 178 32.39 -22.80 -6.21
C VAL A 178 32.67 -23.44 -7.55
N THR A 179 33.64 -22.92 -8.28
CA THR A 179 33.97 -23.38 -9.60
C THR A 179 34.40 -24.86 -9.57
N ASP A 180 35.32 -25.20 -8.66
CA ASP A 180 35.71 -26.61 -8.46
C ASP A 180 34.50 -27.50 -8.22
N MET A 181 33.59 -27.02 -7.35
CA MET A 181 32.45 -27.82 -6.94
C MET A 181 31.58 -28.04 -8.17
N HIS A 182 31.36 -26.97 -8.89
CA HIS A 182 30.45 -27.02 -10.02
C HIS A 182 31.04 -27.75 -11.20
N ARG A 183 32.37 -27.62 -11.37
CA ARG A 183 32.98 -28.26 -12.49
C ARG A 183 32.86 -29.77 -12.27
N HIS A 184 33.15 -30.19 -11.04
CA HIS A 184 33.08 -31.62 -10.74
C HIS A 184 31.69 -32.21 -10.82
N LEU A 185 30.68 -31.52 -10.26
CA LEU A 185 29.25 -31.91 -10.45
C LEU A 185 28.83 -31.98 -11.93
N MET A 186 29.18 -30.94 -12.72
CA MET A 186 28.86 -30.91 -14.13
C MET A 186 29.48 -32.07 -14.86
N THR A 187 30.67 -32.46 -14.45
CA THR A 187 31.33 -33.56 -15.11
C THR A 187 30.55 -34.84 -14.92
N SER A 188 29.86 -34.98 -13.79
CA SER A 188 29.01 -36.17 -13.58
C SER A 188 27.65 -36.07 -14.24
N VAL A 189 27.31 -34.96 -14.87
CA VAL A 189 25.96 -34.72 -15.36
C VAL A 189 25.88 -34.49 -16.90
N ALA A 190 26.94 -33.95 -17.50
CA ALA A 190 26.91 -33.45 -18.89
C ALA A 190 27.45 -34.53 -19.82
N VAL A 191 26.94 -34.65 -21.06
CA VAL A 191 27.67 -35.52 -22.01
C VAL A 191 29.08 -35.00 -22.23
N PRO A 192 30.08 -35.87 -22.38
CA PRO A 192 31.42 -35.27 -22.57
C PRO A 192 31.58 -34.23 -23.74
N ALA A 193 30.91 -34.43 -24.87
CA ALA A 193 31.08 -33.53 -26.01
C ALA A 193 30.62 -32.11 -25.59
N VAL A 194 29.69 -32.05 -24.65
CA VAL A 194 29.17 -30.76 -24.15
C VAL A 194 30.11 -30.33 -23.04
N LEU A 195 30.55 -31.27 -22.17
CA LEU A 195 31.44 -30.86 -21.07
C LEU A 195 32.72 -30.08 -21.57
N VAL A 196 33.36 -30.57 -22.64
CA VAL A 196 34.61 -29.96 -23.16
C VAL A 196 34.33 -28.56 -23.71
N ARG A 197 33.09 -28.29 -24.12
CA ARG A 197 32.78 -26.98 -24.69
C ARG A 197 32.30 -25.95 -23.66
N LEU A 198 32.03 -26.39 -22.42
CA LEU A 198 31.54 -25.53 -21.35
C LEU A 198 32.68 -24.66 -20.87
N ASP A 199 32.38 -23.43 -20.48
CA ASP A 199 33.45 -22.54 -20.04
C ASP A 199 33.36 -22.22 -18.53
N PHE A 200 34.25 -22.81 -17.74
CA PHE A 200 34.37 -22.53 -16.30
C PHE A 200 35.36 -21.42 -15.87
N SER A 201 35.96 -20.69 -16.82
CA SER A 201 37.07 -19.79 -16.51
C SER A 201 36.63 -18.64 -15.62
N ALA A 202 37.53 -18.24 -14.74
CA ALA A 202 37.43 -16.97 -14.05
C ALA A 202 37.31 -15.83 -15.07
N GLU A 203 37.90 -15.96 -16.26
CA GLU A 203 37.76 -14.93 -17.35
C GLU A 203 36.31 -14.68 -17.75
N ARG A 204 35.60 -15.72 -18.13
CA ARG A 204 34.23 -15.53 -18.60
C ARG A 204 33.31 -14.98 -17.47
N SER A 205 33.56 -15.48 -16.27
CA SER A 205 32.77 -15.10 -15.12
C SER A 205 33.02 -13.61 -14.76
N ILE A 206 34.28 -13.14 -14.91
CA ILE A 206 34.61 -11.67 -14.77
C ILE A 206 33.76 -10.78 -15.73
N THR A 207 33.72 -11.18 -17.00
CA THR A 207 32.89 -10.53 -18.01
C THR A 207 31.45 -10.52 -17.65
N VAL A 208 30.92 -11.67 -17.21
CA VAL A 208 29.46 -11.76 -16.88
C VAL A 208 29.06 -10.83 -15.70
N TYR A 209 29.87 -10.87 -14.66
CA TYR A 209 29.83 -10.00 -13.51
C TYR A 209 29.93 -8.51 -13.88
N ASP A 210 30.91 -8.14 -14.71
CA ASP A 210 31.01 -6.77 -15.24
C ASP A 210 29.70 -6.34 -15.88
N GLU A 211 29.20 -7.16 -16.81
CA GLU A 211 27.98 -6.89 -17.49
C GLU A 211 26.87 -6.74 -16.45
N ALA A 212 26.81 -7.63 -15.45
CA ALA A 212 25.70 -7.55 -14.49
C ALA A 212 25.75 -6.29 -13.63
N MET A 213 26.96 -5.75 -13.42
CA MET A 213 27.21 -4.59 -12.57
C MET A 213 26.88 -3.28 -13.28
N ARG A 214 26.87 -3.34 -14.60
CA ARG A 214 26.25 -2.31 -15.39
C ARG A 214 24.74 -2.59 -15.49
N ARG A 215 24.04 -2.46 -14.39
CA ARG A 215 22.62 -2.75 -14.37
C ARG A 215 22.16 -3.02 -12.96
N ARG A 216 23.09 -2.94 -12.03
CA ARG A 216 22.85 -3.18 -10.62
C ARG A 216 23.12 -1.90 -9.82
N GLU A 217 22.55 -0.80 -10.29
CA GLU A 217 22.65 0.48 -9.58
C GLU A 217 21.95 0.43 -8.24
N ALA A 218 22.56 1.00 -7.23
CA ALA A 218 21.91 1.02 -5.94
C ALA A 218 20.54 1.66 -6.08
N PRO A 219 19.46 0.95 -5.80
CA PRO A 219 18.19 1.62 -6.11
C PRO A 219 17.88 2.72 -5.08
N LEU A 220 17.29 3.82 -5.53
CA LEU A 220 16.83 4.82 -4.55
C LEU A 220 15.31 4.96 -4.67
N PRO A 221 14.64 5.29 -3.58
CA PRO A 221 13.18 5.37 -3.67
C PRO A 221 12.64 6.52 -4.61
N ALA A 222 11.50 6.37 -5.22
CA ALA A 222 10.83 7.49 -5.85
C ALA A 222 10.46 8.50 -4.75
N ALA A 223 10.67 9.77 -5.05
CA ALA A 223 10.51 10.82 -4.05
C ALA A 223 9.14 10.82 -3.36
N GLY A 224 8.10 10.36 -4.04
CA GLY A 224 6.75 10.31 -3.42
C GLY A 224 6.67 9.32 -2.26
N ASP A 225 7.61 8.38 -2.13
CA ASP A 225 7.61 7.36 -1.06
C ASP A 225 8.64 7.58 0.05
N LEU A 226 9.20 8.80 0.09
CA LEU A 226 10.19 9.16 1.11
C LEU A 226 9.52 9.71 2.35
N GLU A 227 9.95 9.24 3.51
CA GLU A 227 9.49 9.70 4.83
C GLU A 227 9.89 11.15 5.11
N HIS A 228 8.98 11.98 5.63
CA HIS A 228 9.35 13.41 5.89
C HIS A 228 9.34 13.89 7.33
N GLU B 4 40.75 -43.14 35.03
CA GLU B 4 39.56 -43.07 35.94
C GLU B 4 38.22 -42.91 35.18
N ARG B 5 37.21 -43.77 35.49
CA ARG B 5 35.83 -43.70 34.88
C ARG B 5 34.78 -42.78 35.54
N ALA B 6 35.17 -41.52 35.66
CA ALA B 6 34.26 -40.40 35.67
C ALA B 6 34.67 -39.46 34.49
N ALA B 7 35.74 -39.78 33.74
CA ALA B 7 36.00 -39.11 32.44
C ALA B 7 34.93 -39.59 31.43
N GLN B 8 34.05 -40.46 31.93
CA GLN B 8 32.76 -40.78 31.32
C GLN B 8 31.71 -39.68 31.63
N THR B 9 31.74 -39.09 32.83
CA THR B 9 30.87 -37.93 33.09
C THR B 9 31.30 -36.72 32.23
N ARG B 10 32.56 -36.72 31.77
CA ARG B 10 33.01 -35.78 30.76
C ARG B 10 32.19 -35.94 29.47
N ARG B 11 32.00 -37.19 29.06
CA ARG B 11 31.15 -37.52 27.90
C ARG B 11 29.69 -37.09 28.14
N THR B 12 29.15 -37.23 29.36
CA THR B 12 27.74 -36.85 29.56
C THR B 12 27.57 -35.33 29.67
N ILE B 13 28.69 -34.62 29.82
CA ILE B 13 28.69 -33.17 29.91
C ILE B 13 28.70 -32.60 28.47
N VAL B 14 29.56 -33.17 27.61
CA VAL B 14 29.64 -32.79 26.18
C VAL B 14 28.30 -33.08 25.45
N ALA B 15 27.71 -34.24 25.72
CA ALA B 15 26.42 -34.54 25.13
C ALA B 15 25.35 -33.49 25.49
N ALA B 16 25.25 -33.14 26.77
CA ALA B 16 24.23 -32.18 27.22
C ALA B 16 24.56 -30.84 26.58
N ALA B 17 25.86 -30.52 26.52
CA ALA B 17 26.28 -29.22 26.02
C ALA B 17 25.93 -29.11 24.54
N ALA B 18 26.18 -30.20 23.79
CA ALA B 18 25.87 -30.22 22.35
C ALA B 18 24.37 -30.06 22.08
N ALA B 19 23.57 -30.79 22.85
CA ALA B 19 22.12 -30.71 22.75
C ALA B 19 21.61 -29.28 22.97
N VAL B 20 22.13 -28.61 23.99
CA VAL B 20 21.76 -27.24 24.24
C VAL B 20 22.22 -26.29 23.15
N PHE B 21 23.46 -26.45 22.69
CA PHE B 21 23.90 -25.67 21.56
C PHE B 21 23.00 -25.89 20.34
N ASP B 22 22.62 -27.15 20.13
CA ASP B 22 21.81 -27.47 18.99
C ASP B 22 20.46 -26.75 19.07
N GLU B 23 19.86 -26.70 20.27
CA GLU B 23 18.51 -26.14 20.39
C GLU B 23 18.54 -24.66 20.44
N LEU B 24 19.63 -24.09 20.95
CA LEU B 24 19.60 -22.68 21.32
C LEU B 24 20.65 -21.83 20.67
N GLY B 25 21.65 -22.43 20.03
CA GLY B 25 22.75 -21.64 19.45
C GLY B 25 23.77 -21.24 20.51
N TYR B 26 24.93 -20.79 20.06
CA TYR B 26 26.00 -20.37 20.96
C TYR B 26 25.56 -19.26 21.95
N GLU B 27 25.08 -18.13 21.44
CA GLU B 27 24.83 -16.96 22.26
C GLU B 27 23.83 -17.29 23.39
N ALA B 28 22.77 -18.05 23.07
CA ALA B 28 21.66 -18.24 24.03
C ALA B 28 21.99 -19.33 25.02
N THR B 29 22.92 -20.21 24.67
CA THR B 29 23.33 -21.29 25.57
C THR B 29 24.12 -20.73 26.77
N THR B 30 23.85 -21.28 27.95
CA THR B 30 24.49 -20.86 29.19
C THR B 30 25.01 -22.09 29.89
N ILE B 31 26.09 -21.89 30.65
CA ILE B 31 26.58 -22.93 31.53
C ILE B 31 25.55 -23.41 32.52
N ALA B 32 24.73 -22.50 33.06
CA ALA B 32 23.64 -22.88 33.98
C ALA B 32 22.69 -23.87 33.32
N GLU B 33 22.37 -23.62 32.05
CA GLU B 33 21.47 -24.49 31.27
C GLU B 33 22.14 -25.85 31.05
N ILE B 34 23.43 -25.81 30.72
CA ILE B 34 24.19 -27.03 30.51
C ILE B 34 24.25 -27.89 31.76
N LEU B 35 24.59 -27.29 32.92
CA LEU B 35 24.38 -27.92 34.25
C LEU B 35 22.95 -28.44 34.55
N LYS B 36 21.88 -27.64 34.37
CA LYS B 36 20.49 -28.24 34.46
C LYS B 36 20.39 -29.52 33.60
N ARG B 37 20.67 -29.39 32.30
CA ARG B 37 20.49 -30.46 31.33
C ARG B 37 21.33 -31.72 31.57
N SER B 38 22.56 -31.56 32.07
CA SER B 38 23.44 -32.71 32.31
C SER B 38 23.22 -33.30 33.71
N GLY B 39 22.68 -32.50 34.62
CA GLY B 39 22.52 -32.92 36.01
C GLY B 39 23.81 -33.19 36.77
N VAL B 40 24.99 -32.87 36.21
CA VAL B 40 26.26 -32.93 36.99
C VAL B 40 26.41 -31.74 37.95
N THR B 41 27.57 -31.64 38.61
CA THR B 41 27.83 -30.58 39.59
C THR B 41 28.76 -29.52 39.00
N LYS B 42 28.57 -28.27 39.46
CA LYS B 42 29.42 -27.14 39.08
C LYS B 42 30.91 -27.54 39.05
N GLY B 43 31.35 -28.22 40.13
CA GLY B 43 32.72 -28.72 40.26
C GLY B 43 33.12 -29.80 39.25
N ALA B 44 32.18 -30.70 38.90
CA ALA B 44 32.41 -31.66 37.78
C ALA B 44 32.71 -30.90 36.48
N LEU B 45 31.79 -29.99 36.15
CA LEU B 45 31.87 -29.21 34.93
C LEU B 45 33.23 -28.54 34.72
N TYR B 46 33.66 -27.79 35.75
CA TYR B 46 34.84 -26.95 35.67
C TYR B 46 36.15 -27.71 35.72
N PHE B 47 36.13 -28.86 36.40
CA PHE B 47 37.21 -29.87 36.38
C PHE B 47 37.59 -30.13 34.91
N HIS B 48 36.57 -30.11 34.07
CA HIS B 48 36.70 -30.51 32.69
C HIS B 48 36.81 -29.40 31.69
N PHE B 49 36.09 -28.31 31.92
CA PHE B 49 36.02 -27.15 31.02
C PHE B 49 35.91 -25.89 31.81
N THR B 50 36.70 -24.92 31.45
CA THR B 50 36.68 -23.66 32.17
C THR B 50 35.61 -22.66 31.71
N SER B 51 35.17 -22.73 30.46
CA SER B 51 34.21 -21.76 29.93
C SER B 51 33.16 -22.29 28.98
N LYS B 52 32.10 -21.55 28.78
CA LYS B 52 31.19 -21.90 27.66
C LYS B 52 31.96 -22.03 26.32
N GLU B 53 32.84 -21.06 26.04
CA GLU B 53 33.80 -21.10 24.94
C GLU B 53 34.63 -22.40 24.67
N GLN B 54 35.17 -23.04 25.69
CA GLN B 54 35.97 -24.26 25.46
C GLN B 54 35.04 -25.46 25.29
N LEU B 55 33.87 -25.33 25.91
CA LEU B 55 32.84 -26.31 25.77
C LEU B 55 32.40 -26.33 24.27
N ALA B 56 32.16 -25.14 23.70
CA ALA B 56 31.81 -25.03 22.28
C ALA B 56 32.90 -25.56 21.34
N GLN B 57 34.17 -25.27 21.62
CA GLN B 57 35.30 -25.70 20.77
C GLN B 57 35.35 -27.21 20.73
N GLU B 58 35.01 -27.78 21.88
CA GLU B 58 34.96 -29.22 22.05
C GLU B 58 33.83 -29.74 21.18
N VAL B 59 32.61 -29.21 21.38
CA VAL B 59 31.49 -29.64 20.55
C VAL B 59 31.75 -29.45 19.03
N LEU B 60 32.46 -28.38 18.66
CA LEU B 60 32.83 -28.11 17.26
C LEU B 60 33.54 -29.28 16.61
N THR B 61 34.41 -29.96 17.36
CA THR B 61 35.24 -30.99 16.75
C THR B 61 34.51 -32.28 16.38
N SER B 62 33.21 -32.38 16.71
CA SER B 62 32.44 -33.66 16.64
C SER B 62 32.12 -34.25 15.24
N GLN B 63 32.00 -33.37 14.24
CA GLN B 63 31.78 -33.84 12.86
C GLN B 63 32.98 -34.72 12.42
N LEU B 64 34.15 -34.45 13.00
CA LEU B 64 35.32 -35.35 12.89
C LEU B 64 35.39 -36.39 14.05
N ARG B 65 35.53 -35.88 15.29
CA ARG B 65 35.91 -36.65 16.49
C ARG B 65 34.77 -37.49 17.09
N ALA B 66 33.53 -37.21 16.71
CA ALA B 66 32.41 -38.04 17.22
C ALA B 66 32.09 -39.30 16.40
N VAL B 67 32.54 -39.33 15.14
CA VAL B 67 32.46 -40.54 14.29
C VAL B 67 33.44 -41.57 14.92
N PRO B 68 32.95 -42.77 15.34
CA PRO B 68 33.92 -43.76 15.84
C PRO B 68 34.83 -44.28 14.68
N PRO B 69 36.05 -44.77 14.99
CA PRO B 69 36.88 -45.08 13.84
C PRO B 69 36.33 -46.26 13.02
N VAL B 70 36.71 -46.28 11.76
CA VAL B 70 36.13 -47.21 10.82
C VAL B 70 37.22 -48.17 10.38
N GLU B 71 36.91 -49.38 9.94
CA GLU B 71 38.02 -50.18 9.49
C GLU B 71 38.55 -49.86 8.05
N GLU B 72 39.84 -50.09 7.84
CA GLU B 72 40.43 -50.02 6.50
C GLU B 72 39.85 -51.03 5.50
N GLN B 73 39.82 -50.65 4.23
CA GLN B 73 39.08 -51.41 3.24
C GLN B 73 40.02 -51.71 2.12
N ARG B 74 39.67 -52.66 1.28
CA ARG B 74 40.43 -52.89 0.09
C ARG B 74 40.65 -51.59 -0.74
N LEU B 75 39.67 -50.70 -0.76
CA LEU B 75 39.86 -49.39 -1.41
C LEU B 75 39.84 -48.24 -0.39
N VAL B 76 40.87 -47.39 -0.34
CA VAL B 76 40.78 -46.27 0.58
C VAL B 76 39.47 -45.47 0.33
N LEU B 77 39.04 -45.30 -0.92
CA LEU B 77 37.86 -44.52 -1.25
C LEU B 77 36.59 -45.09 -0.56
N GLN B 78 36.56 -46.39 -0.36
CA GLN B 78 35.47 -46.97 0.31
C GLN B 78 35.46 -46.61 1.81
N GLN B 79 36.64 -46.50 2.40
CA GLN B 79 36.72 -46.04 3.77
C GLN B 79 36.15 -44.58 3.89
N ILE B 80 36.43 -43.70 2.92
CA ILE B 80 35.88 -42.33 2.89
C ILE B 80 34.37 -42.34 2.68
N ILE B 81 33.88 -43.21 1.82
CA ILE B 81 32.45 -43.38 1.72
C ILE B 81 31.88 -43.82 3.05
N ASP B 82 32.46 -44.89 3.65
CA ASP B 82 32.03 -45.39 4.96
C ASP B 82 31.95 -44.31 6.04
N GLU B 83 32.95 -43.43 6.09
CA GLU B 83 32.93 -42.35 7.07
C GLU B 83 31.86 -41.31 6.75
N THR B 84 31.72 -40.95 5.48
CA THR B 84 30.74 -39.96 5.09
C THR B 84 29.32 -40.40 5.44
N LEU B 85 28.98 -41.61 5.04
CA LEU B 85 27.67 -42.13 5.30
C LEU B 85 27.43 -42.37 6.79
N LEU B 86 28.47 -42.77 7.53
CA LEU B 86 28.29 -42.90 8.96
C LEU B 86 27.95 -41.54 9.61
N LEU B 87 28.61 -40.47 9.17
CA LEU B 87 28.35 -39.16 9.68
C LEU B 87 26.87 -38.83 9.36
N ALA B 88 26.43 -39.10 8.12
CA ALA B 88 25.06 -38.82 7.80
C ALA B 88 24.06 -39.66 8.65
N GLN B 89 24.36 -40.94 8.90
CA GLN B 89 23.54 -41.76 9.82
C GLN B 89 23.41 -41.10 11.21
N LEU B 90 24.52 -40.62 11.74
CA LEU B 90 24.45 -39.91 13.02
C LEU B 90 23.58 -38.64 12.94
N LEU B 91 23.90 -37.79 11.99
CA LEU B 91 23.14 -36.57 11.76
C LEU B 91 21.66 -36.97 11.74
N SER B 92 21.32 -37.92 10.88
CA SER B 92 19.94 -38.32 10.68
C SER B 92 19.24 -38.94 11.92
N LYS B 93 19.98 -39.59 12.81
CA LYS B 93 19.44 -40.14 14.05
C LYS B 93 19.46 -39.11 15.17
N GLY B 94 19.96 -37.92 14.90
CA GLY B 94 19.92 -36.84 15.85
C GLY B 94 20.97 -36.97 16.94
N ASP B 95 22.07 -37.66 16.67
CA ASP B 95 23.18 -37.66 17.59
C ASP B 95 23.52 -36.20 17.91
N PRO B 96 23.55 -35.88 19.21
CA PRO B 96 23.65 -34.52 19.77
C PRO B 96 25.01 -33.87 19.51
N LEU B 97 26.08 -34.64 19.67
CA LEU B 97 27.42 -34.10 19.34
C LEU B 97 27.44 -33.60 17.90
N VAL B 98 26.92 -34.41 16.96
CA VAL B 98 27.01 -34.09 15.53
C VAL B 98 26.09 -32.87 15.21
N ARG B 99 24.86 -32.94 15.71
CA ARG B 99 23.92 -31.85 15.62
C ARG B 99 24.43 -30.51 16.12
N GLY B 100 25.02 -30.51 17.32
CA GLY B 100 25.47 -29.26 17.91
C GLY B 100 26.67 -28.80 17.11
N SER B 101 27.51 -29.74 16.67
CA SER B 101 28.63 -29.37 15.80
C SER B 101 28.18 -28.65 14.50
N VAL B 102 27.17 -29.20 13.84
CA VAL B 102 26.59 -28.57 12.63
C VAL B 102 26.09 -27.13 12.96
N ARG B 103 25.31 -26.99 14.06
CA ARG B 103 24.77 -25.70 14.37
C ARG B 103 25.82 -24.66 14.68
N LEU B 104 26.82 -25.04 15.48
CA LEU B 104 27.89 -24.11 15.85
C LEU B 104 28.65 -23.68 14.61
N THR B 105 28.86 -24.64 13.69
CA THR B 105 29.63 -24.38 12.44
C THR B 105 28.93 -23.39 11.53
N VAL B 106 27.67 -23.64 11.22
CA VAL B 106 27.01 -22.92 10.15
C VAL B 106 26.25 -21.67 10.58
N GLU B 107 25.92 -21.55 11.84
CA GLU B 107 25.10 -20.48 12.28
C GLU B 107 25.92 -19.26 12.46
N PRO B 108 25.51 -18.19 11.82
CA PRO B 108 26.18 -16.91 11.94
C PRO B 108 26.25 -16.50 13.38
N GLY B 109 27.42 -16.23 13.87
CA GLY B 109 27.52 -15.88 15.25
C GLY B 109 27.18 -14.43 15.51
N ALA B 110 27.05 -14.09 16.79
CA ALA B 110 27.05 -12.71 17.16
C ALA B 110 28.43 -12.33 16.63
N PRO B 111 28.58 -11.15 16.09
CA PRO B 111 29.85 -10.79 15.48
C PRO B 111 30.94 -10.75 16.52
N ALA B 112 32.06 -11.44 16.31
CA ALA B 112 33.19 -11.51 17.26
C ALA B 112 32.92 -12.13 18.64
N ASP B 113 32.46 -13.40 18.62
CA ASP B 113 32.04 -14.22 19.74
C ASP B 113 33.21 -15.01 20.26
N GLY B 114 34.35 -14.83 19.64
CA GLY B 114 35.59 -15.36 20.14
C GLY B 114 35.70 -16.85 19.89
N LEU B 115 34.88 -17.35 19.00
CA LEU B 115 34.82 -18.79 18.84
C LEU B 115 35.55 -19.16 17.58
N ASP B 116 36.51 -20.09 17.68
CA ASP B 116 37.37 -20.45 16.51
C ASP B 116 36.76 -21.65 15.75
N ARG B 117 36.18 -21.34 14.60
CA ARG B 117 35.44 -22.31 13.79
C ARG B 117 36.38 -22.89 12.72
N ARG B 118 37.36 -22.07 12.34
CA ARG B 118 38.39 -22.39 11.38
C ARG B 118 39.27 -23.63 11.77
N ALA B 119 39.89 -23.61 12.98
CA ALA B 119 40.79 -24.72 13.42
C ALA B 119 40.09 -26.10 13.31
N PRO B 120 38.86 -26.25 13.89
CA PRO B 120 38.16 -27.54 13.76
C PRO B 120 37.75 -27.91 12.30
N MET B 121 37.37 -26.93 11.48
CA MET B 121 37.10 -27.24 10.09
C MET B 121 38.41 -27.64 9.36
N GLN B 122 39.53 -26.98 9.69
CA GLN B 122 40.84 -27.40 9.16
C GLN B 122 41.19 -28.85 9.53
N GLU B 123 40.99 -29.24 10.78
CA GLU B 123 41.24 -30.62 11.18
C GLU B 123 40.34 -31.60 10.43
N TRP B 124 39.14 -31.18 10.05
CA TRP B 124 38.19 -32.07 9.41
C TRP B 124 38.59 -32.33 8.00
N ILE B 125 38.94 -31.27 7.30
CA ILE B 125 39.49 -31.32 6.00
C ILE B 125 40.87 -32.02 5.96
N GLY B 126 41.72 -31.75 6.97
CA GLY B 126 43.01 -32.41 7.10
C GLY B 126 42.85 -33.94 7.10
N HIS B 127 41.80 -34.44 7.72
CA HIS B 127 41.63 -35.86 7.82
C HIS B 127 41.19 -36.44 6.49
N GLY B 128 40.37 -35.69 5.76
CA GLY B 128 39.95 -36.16 4.47
C GLY B 128 41.12 -36.15 3.53
N ARG B 129 41.94 -35.09 3.61
CA ARG B 129 43.15 -34.97 2.84
C ARG B 129 44.15 -36.15 3.09
N ASP B 130 44.28 -36.60 4.34
CA ASP B 130 45.05 -37.80 4.72
C ASP B 130 44.54 -39.08 4.04
N LEU B 131 43.25 -39.37 4.15
CA LEU B 131 42.70 -40.50 3.40
C LEU B 131 42.91 -40.36 1.88
N LEU B 132 42.72 -39.18 1.29
CA LEU B 132 42.89 -39.04 -0.16
C LEU B 132 44.36 -39.20 -0.60
N ARG B 133 45.29 -38.83 0.28
CA ARG B 133 46.71 -39.09 0.07
C ARG B 133 47.02 -40.60 0.01
N ARG B 134 46.44 -41.40 0.90
CA ARG B 134 46.58 -42.86 0.78
C ARG B 134 45.89 -43.45 -0.47
N ALA B 135 44.69 -42.97 -0.81
CA ALA B 135 44.04 -43.33 -2.08
C ALA B 135 44.92 -42.97 -3.28
N GLU B 136 45.51 -41.79 -3.26
CA GLU B 136 46.32 -41.30 -4.38
C GLU B 136 47.52 -42.21 -4.59
N ALA B 137 48.23 -42.54 -3.53
CA ALA B 137 49.37 -43.44 -3.57
C ALA B 137 48.94 -44.85 -4.00
N GLY B 138 47.71 -45.27 -3.64
CA GLY B 138 47.11 -46.49 -4.17
C GLY B 138 46.71 -46.47 -5.66
N GLY B 139 46.89 -45.35 -6.36
CA GLY B 139 46.47 -45.31 -7.77
C GLY B 139 44.95 -45.17 -7.97
N GLU B 140 44.22 -44.85 -6.89
CA GLU B 140 42.74 -44.83 -6.92
C GLU B 140 42.13 -43.59 -7.53
N LEU B 141 42.94 -42.54 -7.65
CA LEU B 141 42.42 -41.24 -8.12
C LEU B 141 42.87 -40.89 -9.54
N LEU B 142 42.01 -40.18 -10.26
CA LEU B 142 42.33 -39.68 -11.57
C LEU B 142 43.58 -38.82 -11.45
N PRO B 143 44.42 -38.80 -12.45
CA PRO B 143 45.63 -37.99 -12.36
C PRO B 143 45.35 -36.49 -12.28
N ARG B 144 46.26 -35.76 -11.67
CA ARG B 144 46.33 -34.29 -11.67
C ARG B 144 45.44 -33.67 -10.63
N LEU B 145 44.75 -34.48 -9.88
CA LEU B 145 43.87 -33.98 -8.88
C LEU B 145 44.61 -33.42 -7.71
N ASP B 146 44.12 -32.32 -7.19
CA ASP B 146 44.66 -31.71 -5.99
C ASP B 146 43.84 -32.22 -4.79
N VAL B 147 44.55 -32.92 -3.94
CA VAL B 147 44.04 -33.68 -2.81
C VAL B 147 43.45 -32.76 -1.74
N ASP B 148 43.97 -31.54 -1.64
CA ASP B 148 43.32 -30.54 -0.75
C ASP B 148 42.03 -29.94 -1.34
N ALA B 149 42.03 -29.61 -2.63
CA ALA B 149 40.79 -29.16 -3.32
C ALA B 149 39.69 -30.23 -3.25
N VAL B 150 40.09 -31.50 -3.48
CA VAL B 150 39.17 -32.58 -3.44
C VAL B 150 38.56 -32.74 -2.04
N ALA B 151 39.43 -32.79 -1.00
CA ALA B 151 38.96 -32.85 0.40
C ALA B 151 37.97 -31.75 0.78
N ARG B 152 38.23 -30.51 0.36
CA ARG B 152 37.25 -29.44 0.52
C ARG B 152 35.92 -29.66 -0.18
N MET B 153 36.01 -30.26 -1.36
CA MET B 153 34.80 -30.57 -2.11
C MET B 153 33.95 -31.60 -1.38
N LEU B 154 34.54 -32.65 -0.86
CA LEU B 154 33.77 -33.66 -0.19
C LEU B 154 33.09 -33.13 1.06
N VAL B 155 33.84 -32.34 1.85
CA VAL B 155 33.25 -31.76 3.10
C VAL B 155 32.21 -30.73 2.72
N GLY B 156 32.51 -29.93 1.72
CA GLY B 156 31.53 -28.94 1.30
C GLY B 156 30.28 -29.64 0.77
N GLY B 157 30.46 -30.76 0.07
CA GLY B 157 29.34 -31.39 -0.59
C GLY B 157 28.44 -31.97 0.51
N PHE B 158 29.05 -32.70 1.45
CA PHE B 158 28.31 -33.17 2.61
C PHE B 158 27.51 -32.03 3.30
N THR B 159 28.20 -30.96 3.64
CA THR B 159 27.60 -29.82 4.32
C THR B 159 26.42 -29.21 3.49
N GLY B 160 26.63 -29.00 2.19
CA GLY B 160 25.54 -28.35 1.40
C GLY B 160 24.31 -29.29 1.33
N ALA B 161 24.54 -30.59 1.10
CA ALA B 161 23.48 -31.54 0.89
C ALA B 161 22.67 -31.66 2.22
N GLN B 162 23.36 -31.68 3.32
CA GLN B 162 22.80 -31.82 4.61
C GLN B 162 21.91 -30.61 5.03
N ILE B 163 22.40 -29.40 4.78
CA ILE B 163 21.67 -28.17 5.06
C ILE B 163 20.42 -28.05 4.20
N LEU B 164 20.57 -28.24 2.88
CA LEU B 164 19.43 -28.24 1.97
C LEU B 164 18.36 -29.33 2.29
N SER B 165 18.81 -30.48 2.75
CA SER B 165 17.93 -31.55 3.11
C SER B 165 17.12 -31.16 4.36
N ASN B 166 17.76 -30.42 5.25
CA ASN B 166 17.12 -29.89 6.41
C ASN B 166 15.98 -28.94 5.99
N ILE B 167 16.34 -27.98 5.15
CA ILE B 167 15.40 -26.96 4.64
C ILE B 167 14.19 -27.58 3.94
N LEU B 168 14.43 -28.56 3.07
CA LEU B 168 13.44 -29.06 2.14
C LEU B 168 12.65 -30.21 2.68
N THR B 169 13.22 -30.98 3.60
CA THR B 169 12.52 -32.18 4.11
C THR B 169 12.73 -32.43 5.58
N GLY B 170 13.37 -31.54 6.32
CA GLY B 170 13.61 -31.86 7.71
C GLY B 170 14.56 -33.04 7.91
N HIS B 171 15.40 -33.31 6.91
CA HIS B 171 16.39 -34.41 7.00
C HIS B 171 15.82 -35.74 6.70
N ALA B 172 14.56 -35.81 6.26
CA ALA B 172 13.97 -37.08 5.88
C ALA B 172 14.73 -37.70 4.67
N ASP B 173 15.28 -36.90 3.75
CA ASP B 173 15.92 -37.47 2.53
C ASP B 173 17.48 -37.33 2.66
N LEU B 174 17.94 -37.09 3.87
CA LEU B 174 19.31 -36.83 4.12
C LEU B 174 20.30 -37.89 3.54
N LEU B 175 20.12 -39.15 3.88
CA LEU B 175 20.97 -40.18 3.34
C LEU B 175 20.94 -40.20 1.84
N GLU B 176 19.79 -40.22 1.27
CA GLU B 176 19.75 -40.15 -0.15
C GLU B 176 20.54 -38.97 -0.73
N ARG B 177 20.42 -37.79 -0.12
CA ARG B 177 21.02 -36.61 -0.70
C ARG B 177 22.53 -36.58 -0.60
N VAL B 178 22.99 -36.87 0.61
CA VAL B 178 24.43 -37.02 0.86
C VAL B 178 25.03 -38.13 -0.05
N THR B 179 24.33 -39.25 -0.19
CA THR B 179 24.78 -40.31 -1.11
C THR B 179 24.83 -39.85 -2.57
N ASP B 180 23.82 -39.09 -3.03
CA ASP B 180 23.83 -38.61 -4.40
C ASP B 180 25.02 -37.70 -4.51
N MET B 181 25.20 -36.83 -3.52
CA MET B 181 26.27 -35.80 -3.61
C MET B 181 27.68 -36.49 -3.69
N HIS B 182 27.91 -37.40 -2.75
CA HIS B 182 29.15 -38.12 -2.66
C HIS B 182 29.41 -39.00 -3.85
N ARG B 183 28.37 -39.62 -4.38
CA ARG B 183 28.55 -40.54 -5.49
C ARG B 183 28.85 -39.73 -6.79
N HIS B 184 28.17 -38.60 -6.98
CA HIS B 184 28.43 -37.78 -8.15
C HIS B 184 29.84 -37.15 -8.05
N LEU B 185 30.27 -36.73 -6.86
CA LEU B 185 31.65 -36.29 -6.65
C LEU B 185 32.70 -37.41 -6.96
N MET B 186 32.52 -38.62 -6.45
CA MET B 186 33.40 -39.74 -6.75
C MET B 186 33.54 -40.01 -8.22
N THR B 187 32.47 -39.79 -9.01
CA THR B 187 32.54 -39.98 -10.46
C THR B 187 33.62 -39.15 -11.15
N SER B 188 34.00 -37.99 -10.57
CA SER B 188 35.10 -37.17 -11.20
C SER B 188 36.37 -37.22 -10.44
N VAL B 189 36.53 -38.19 -9.58
CA VAL B 189 37.70 -38.27 -8.76
C VAL B 189 38.31 -39.69 -8.84
N ALA B 190 37.46 -40.72 -8.96
CA ALA B 190 37.93 -42.11 -8.91
C ALA B 190 38.26 -42.59 -10.31
N VAL B 191 39.36 -43.35 -10.47
CA VAL B 191 39.62 -44.07 -11.71
C VAL B 191 38.46 -45.07 -11.99
N PRO B 192 38.09 -45.27 -13.30
CA PRO B 192 36.87 -46.04 -13.60
C PRO B 192 36.86 -47.46 -13.00
N ALA B 193 37.98 -48.18 -13.06
CA ALA B 193 38.02 -49.50 -12.43
C ALA B 193 37.71 -49.50 -10.94
N VAL B 194 38.16 -48.47 -10.24
CA VAL B 194 37.78 -48.38 -8.85
C VAL B 194 36.34 -47.91 -8.66
N LEU B 195 35.91 -46.95 -9.46
CA LEU B 195 34.60 -46.33 -9.26
C LEU B 195 33.50 -47.36 -9.19
N VAL B 196 33.54 -48.31 -10.14
CA VAL B 196 32.49 -49.29 -10.27
C VAL B 196 32.51 -50.35 -9.14
N ARG B 197 33.50 -50.32 -8.26
CA ARG B 197 33.59 -51.27 -7.16
C ARG B 197 33.36 -50.60 -5.81
N LEU B 198 32.88 -49.38 -5.82
CA LEU B 198 32.62 -48.61 -4.61
C LEU B 198 31.20 -48.97 -4.26
N ASP B 199 30.86 -49.04 -2.98
CA ASP B 199 29.49 -49.46 -2.53
C ASP B 199 28.88 -48.27 -1.80
N PHE B 200 27.85 -47.67 -2.39
CA PHE B 200 27.13 -46.56 -1.77
C PHE B 200 25.82 -46.96 -1.16
N SER B 201 25.58 -48.24 -0.93
CA SER B 201 24.26 -48.72 -0.53
C SER B 201 23.93 -48.36 0.90
N ALA B 202 22.62 -48.28 1.15
CA ALA B 202 22.10 -48.00 2.48
C ALA B 202 22.38 -49.25 3.34
N GLU B 203 22.31 -50.43 2.70
CA GLU B 203 22.59 -51.63 3.44
C GLU B 203 24.01 -51.63 4.05
N ARG B 204 25.03 -51.27 3.26
CA ARG B 204 26.39 -51.37 3.88
C ARG B 204 26.51 -50.27 4.95
N SER B 205 25.95 -49.10 4.66
CA SER B 205 25.93 -48.03 5.60
C SER B 205 25.29 -48.37 7.00
N ILE B 206 24.16 -49.08 7.06
CA ILE B 206 23.67 -49.47 8.41
C ILE B 206 24.62 -50.50 9.09
N THR B 207 25.12 -51.43 8.31
CA THR B 207 26.14 -52.34 8.82
C THR B 207 27.35 -51.63 9.37
N VAL B 208 27.91 -50.65 8.66
CA VAL B 208 29.02 -49.87 9.19
C VAL B 208 28.59 -49.19 10.48
N TYR B 209 27.43 -48.54 10.45
CA TYR B 209 26.86 -47.98 11.66
C TYR B 209 26.77 -48.95 12.87
N ASP B 210 26.08 -50.06 12.69
CA ASP B 210 25.92 -51.03 13.78
C ASP B 210 27.28 -51.47 14.36
N GLU B 211 28.19 -51.95 13.48
CA GLU B 211 29.54 -52.42 13.85
C GLU B 211 30.41 -51.41 14.52
N ALA B 212 30.20 -50.15 14.19
CA ALA B 212 30.93 -49.09 14.88
C ALA B 212 30.36 -48.81 16.28
N MET B 213 29.08 -49.03 16.49
CA MET B 213 28.48 -48.78 17.78
C MET B 213 28.85 -49.95 18.65
N ARG B 214 29.86 -49.74 19.46
CA ARG B 214 30.36 -50.82 20.23
C ARG B 214 31.84 -50.61 20.48
N ALA C 1 2.00 -3.72 11.02
CA ALA C 1 0.94 -4.16 11.98
C ALA C 1 -0.49 -4.20 11.38
N ARG C 2 -1.23 -5.23 11.77
CA ARG C 2 -2.54 -5.56 11.21
C ARG C 2 -3.47 -4.34 11.12
N GLN C 3 -3.56 -3.59 12.19
CA GLN C 3 -4.39 -2.43 12.34
C GLN C 3 -4.11 -1.29 11.42
N GLU C 4 -2.86 -0.93 11.27
CA GLU C 4 -2.47 0.15 10.39
C GLU C 4 -2.67 -0.20 8.96
N ARG C 5 -2.37 -1.44 8.61
CA ARG C 5 -2.65 -1.94 7.29
C ARG C 5 -4.09 -1.87 6.89
N ALA C 6 -4.97 -2.29 7.77
CA ALA C 6 -6.39 -2.23 7.57
C ALA C 6 -6.89 -0.79 7.39
N ALA C 7 -6.42 0.09 8.23
CA ALA C 7 -6.78 1.49 8.15
C ALA C 7 -6.30 2.07 6.79
N GLN C 8 -5.16 1.60 6.27
CA GLN C 8 -4.67 2.13 5.00
C GLN C 8 -5.59 1.61 3.88
N THR C 9 -5.98 0.32 3.95
CA THR C 9 -6.86 -0.20 2.93
C THR C 9 -8.22 0.53 3.00
N ARG C 10 -8.66 0.79 4.20
CA ARG C 10 -9.84 1.57 4.37
C ARG C 10 -9.83 2.93 3.65
N ARG C 11 -8.78 3.72 3.85
CA ARG C 11 -8.66 5.02 3.17
C ARG C 11 -8.73 4.86 1.68
N THR C 12 -8.15 3.77 1.16
CA THR C 12 -8.14 3.63 -0.27
C THR C 12 -9.53 3.37 -0.75
N ILE C 13 -10.30 2.54 -0.02
CA ILE C 13 -11.68 2.27 -0.42
C ILE C 13 -12.50 3.58 -0.44
N VAL C 14 -12.32 4.40 0.59
CA VAL C 14 -13.03 5.66 0.70
C VAL C 14 -12.67 6.64 -0.44
N ALA C 15 -11.36 6.79 -0.74
CA ALA C 15 -10.93 7.63 -1.89
C ALA C 15 -11.48 7.13 -3.24
N ALA C 16 -11.26 5.86 -3.56
CA ALA C 16 -11.83 5.31 -4.79
C ALA C 16 -13.36 5.48 -4.87
N ALA C 17 -14.10 5.19 -3.77
CA ALA C 17 -15.54 5.39 -3.75
C ALA C 17 -15.92 6.83 -4.03
N ALA C 18 -15.22 7.78 -3.42
CA ALA C 18 -15.52 9.15 -3.70
C ALA C 18 -15.39 9.46 -5.17
N ALA C 19 -14.33 9.00 -5.82
CA ALA C 19 -14.17 9.33 -7.24
C ALA C 19 -15.33 8.74 -8.06
N VAL C 20 -15.77 7.52 -7.75
CA VAL C 20 -16.85 6.89 -8.56
C VAL C 20 -18.17 7.65 -8.30
N PHE C 21 -18.45 7.99 -7.02
CA PHE C 21 -19.67 8.77 -6.70
C PHE C 21 -19.68 10.11 -7.41
N ASP C 22 -18.51 10.75 -7.45
CA ASP C 22 -18.37 11.97 -8.20
C ASP C 22 -18.77 11.82 -9.73
N GLU C 23 -18.20 10.85 -10.42
CA GLU C 23 -18.56 10.61 -11.80
C GLU C 23 -19.95 10.16 -12.01
N LEU C 24 -20.47 9.26 -11.20
CA LEU C 24 -21.77 8.58 -11.53
C LEU C 24 -22.96 8.94 -10.63
N GLY C 25 -22.70 9.51 -9.45
CA GLY C 25 -23.72 9.67 -8.46
C GLY C 25 -24.02 8.38 -7.73
N TYR C 26 -24.84 8.49 -6.71
CA TYR C 26 -25.12 7.42 -5.80
C TYR C 26 -25.70 6.14 -6.43
N GLU C 27 -26.73 6.30 -7.25
CA GLU C 27 -27.52 5.15 -7.66
C GLU C 27 -26.73 4.33 -8.65
N ALA C 28 -26.05 5.02 -9.57
CA ALA C 28 -25.33 4.41 -10.66
C ALA C 28 -23.97 3.86 -10.19
N THR C 29 -23.45 4.38 -9.07
CA THR C 29 -22.25 3.84 -8.46
C THR C 29 -22.44 2.43 -7.96
N THR C 30 -21.40 1.64 -8.16
CA THR C 30 -21.49 0.24 -7.85
C THR C 30 -20.28 -0.18 -6.96
N ILE C 31 -20.53 -1.11 -6.05
CA ILE C 31 -19.45 -1.72 -5.30
C ILE C 31 -18.47 -2.30 -6.32
N ALA C 32 -18.99 -2.96 -7.37
CA ALA C 32 -18.13 -3.60 -8.34
C ALA C 32 -17.26 -2.56 -9.04
N GLU C 33 -17.86 -1.43 -9.39
CA GLU C 33 -17.01 -0.37 -9.97
C GLU C 33 -15.92 0.12 -8.99
N ILE C 34 -16.24 0.18 -7.69
CA ILE C 34 -15.30 0.58 -6.64
C ILE C 34 -14.09 -0.42 -6.46
N LEU C 35 -14.38 -1.72 -6.35
CA LEU C 35 -13.33 -2.76 -6.36
C LEU C 35 -12.45 -2.64 -7.61
N LYS C 36 -13.05 -2.42 -8.78
CA LYS C 36 -12.32 -2.31 -10.05
C LYS C 36 -11.29 -1.17 -9.97
N ARG C 37 -11.72 -0.05 -9.46
CA ARG C 37 -10.89 1.13 -9.43
C ARG C 37 -9.85 1.04 -8.37
N SER C 38 -10.24 0.74 -7.13
CA SER C 38 -9.27 0.63 -6.04
C SER C 38 -8.32 -0.63 -6.15
N GLY C 39 -8.68 -1.66 -6.92
CA GLY C 39 -7.90 -2.92 -6.94
C GLY C 39 -7.92 -3.76 -5.65
N VAL C 40 -8.86 -3.46 -4.75
CA VAL C 40 -8.99 -4.11 -3.46
C VAL C 40 -9.92 -5.32 -3.59
N THR C 41 -9.74 -6.36 -2.78
CA THR C 41 -10.70 -7.48 -2.78
C THR C 41 -12.08 -7.08 -2.23
N LYS C 42 -13.09 -7.80 -2.70
CA LYS C 42 -14.43 -7.74 -2.16
C LYS C 42 -14.49 -8.07 -0.61
N GLY C 43 -13.84 -9.15 -0.20
CA GLY C 43 -13.66 -9.46 1.25
C GLY C 43 -13.18 -8.26 2.09
N ALA C 44 -12.18 -7.51 1.62
CA ALA C 44 -11.75 -6.32 2.38
C ALA C 44 -12.83 -5.25 2.40
N LEU C 45 -13.50 -5.00 1.29
CA LEU C 45 -14.51 -3.98 1.31
C LEU C 45 -15.72 -4.39 2.15
N TYR C 46 -16.14 -5.65 2.07
CA TYR C 46 -17.18 -6.16 2.98
C TYR C 46 -16.81 -6.05 4.44
N PHE C 47 -15.53 -6.23 4.73
CA PHE C 47 -15.10 -6.13 6.10
C PHE C 47 -15.21 -4.68 6.63
N HIS C 48 -14.87 -3.69 5.79
CA HIS C 48 -14.85 -2.30 6.21
C HIS C 48 -16.19 -1.64 6.16
N PHE C 49 -17.06 -2.04 5.23
CA PHE C 49 -18.36 -1.33 5.05
C PHE C 49 -19.57 -2.25 5.00
N THR C 50 -20.66 -1.82 5.67
CA THR C 50 -21.85 -2.66 5.77
C THR C 50 -22.62 -2.63 4.45
N SER C 51 -22.43 -1.57 3.65
CA SER C 51 -23.29 -1.30 2.47
C SER C 51 -22.74 -0.13 1.67
N LYS C 52 -23.17 -0.05 0.43
CA LYS C 52 -22.93 1.12 -0.41
C LYS C 52 -23.29 2.42 0.34
N GLU C 53 -24.39 2.38 1.06
CA GLU C 53 -24.91 3.58 1.74
C GLU C 53 -23.97 4.03 2.83
N GLN C 54 -23.58 3.12 3.71
CA GLN C 54 -22.57 3.44 4.74
C GLN C 54 -21.28 4.04 4.22
N LEU C 55 -20.85 3.53 3.08
CA LEU C 55 -19.67 4.01 2.40
C LEU C 55 -19.93 5.38 1.79
N ALA C 56 -21.13 5.63 1.23
CA ALA C 56 -21.44 6.98 0.80
C ALA C 56 -21.49 7.89 1.99
N GLN C 57 -22.00 7.42 3.10
CA GLN C 57 -22.04 8.35 4.23
C GLN C 57 -20.65 8.66 4.75
N GLU C 58 -19.75 7.70 4.66
CA GLU C 58 -18.37 7.87 5.09
C GLU C 58 -17.62 8.85 4.16
N VAL C 59 -17.87 8.76 2.84
CA VAL C 59 -17.40 9.82 1.90
C VAL C 59 -17.93 11.21 2.32
N LEU C 60 -19.23 11.30 2.60
CA LEU C 60 -19.85 12.59 3.01
C LEU C 60 -19.23 13.25 4.27
N THR C 61 -18.61 12.42 5.10
CA THR C 61 -18.24 12.75 6.47
C THR C 61 -16.70 12.73 6.61
N SER C 62 -16.03 12.31 5.56
CA SER C 62 -14.56 12.33 5.47
C SER C 62 -13.81 13.56 5.97
N GLN C 63 -14.18 14.75 5.49
CA GLN C 63 -13.48 15.98 5.89
C GLN C 63 -13.74 16.39 7.32
N LEU C 64 -14.64 15.72 8.03
CA LEU C 64 -14.80 15.89 9.47
C LEU C 64 -13.71 15.18 10.26
N ARG C 65 -13.01 14.24 9.62
CA ARG C 65 -11.74 13.67 10.14
C ARG C 65 -10.46 14.38 9.66
N ALA C 66 -10.44 14.91 8.42
CA ALA C 66 -9.28 15.65 7.81
C ALA C 66 -9.47 17.18 7.72
N GLU C 72 -5.89 24.87 17.45
CA GLU C 72 -4.87 25.60 18.20
C GLU C 72 -4.71 27.02 17.70
N GLN C 73 -5.81 27.70 17.44
CA GLN C 73 -5.76 29.11 17.11
C GLN C 73 -6.00 29.93 18.33
N ARG C 74 -5.89 31.23 18.16
CA ARG C 74 -6.35 32.12 19.19
C ARG C 74 -7.89 32.13 19.13
N LEU C 75 -8.45 32.22 17.93
CA LEU C 75 -9.89 32.37 17.82
C LEU C 75 -10.57 31.15 17.22
N VAL C 76 -11.56 30.63 17.91
CA VAL C 76 -12.39 29.54 17.38
C VAL C 76 -13.05 29.84 15.99
N LEU C 77 -13.55 31.05 15.81
CA LEU C 77 -14.13 31.35 14.49
C LEU C 77 -13.07 31.28 13.35
N GLN C 78 -11.78 31.46 13.67
CA GLN C 78 -10.77 31.29 12.63
C GLN C 78 -10.72 29.80 12.25
N GLN C 79 -11.01 28.92 13.20
CA GLN C 79 -11.07 27.52 12.82
C GLN C 79 -12.22 27.27 11.83
N ILE C 80 -13.37 27.91 12.02
CA ILE C 80 -14.44 27.74 11.08
C ILE C 80 -14.03 28.25 9.68
N ILE C 81 -13.44 29.45 9.61
CA ILE C 81 -12.89 30.00 8.35
C ILE C 81 -11.90 29.00 7.66
N ASP C 82 -11.01 28.48 8.46
CA ASP C 82 -9.96 27.71 7.92
C ASP C 82 -10.51 26.44 7.32
N GLU C 83 -11.41 25.77 8.03
CA GLU C 83 -12.04 24.54 7.50
C GLU C 83 -12.88 24.88 6.24
N THR C 84 -13.60 25.99 6.22
CA THR C 84 -14.45 26.26 5.06
C THR C 84 -13.63 26.59 3.82
N LEU C 85 -12.60 27.40 3.98
CA LEU C 85 -11.86 27.80 2.77
C LEU C 85 -11.01 26.65 2.26
N LEU C 86 -10.53 25.83 3.18
CA LEU C 86 -9.89 24.58 2.80
C LEU C 86 -10.78 23.71 1.87
N LEU C 87 -12.02 23.47 2.27
CA LEU C 87 -12.98 22.75 1.42
C LEU C 87 -13.05 23.40 0.04
N ALA C 88 -13.18 24.74 0.02
CA ALA C 88 -13.21 25.42 -1.30
C ALA C 88 -11.93 25.12 -2.11
N GLN C 89 -10.77 25.15 -1.49
CA GLN C 89 -9.47 25.03 -2.21
C GLN C 89 -9.42 23.58 -2.79
N LEU C 90 -9.78 22.61 -1.92
CA LEU C 90 -9.83 21.19 -2.26
C LEU C 90 -10.82 20.94 -3.41
N LEU C 91 -11.99 21.54 -3.33
CA LEU C 91 -12.98 21.29 -4.37
C LEU C 91 -12.47 21.91 -5.67
N SER C 92 -11.96 23.11 -5.54
CA SER C 92 -11.35 23.81 -6.66
C SER C 92 -10.30 22.93 -7.35
N LYS C 93 -9.43 22.25 -6.60
CA LYS C 93 -8.42 21.39 -7.23
C LYS C 93 -8.95 20.02 -7.74
N GLY C 94 -10.24 19.76 -7.54
CA GLY C 94 -10.83 18.45 -7.82
C GLY C 94 -10.36 17.31 -6.93
N ASP C 95 -9.96 17.56 -5.68
CA ASP C 95 -9.80 16.49 -4.69
C ASP C 95 -11.01 15.50 -4.70
N PRO C 96 -10.77 14.19 -4.90
CA PRO C 96 -11.90 13.22 -5.03
C PRO C 96 -12.86 13.17 -3.84
N LEU C 97 -12.37 13.14 -2.59
CA LEU C 97 -13.20 13.17 -1.41
C LEU C 97 -14.16 14.35 -1.39
N VAL C 98 -13.72 15.54 -1.78
CA VAL C 98 -14.54 16.68 -1.58
C VAL C 98 -15.48 16.72 -2.80
N ARG C 99 -14.96 16.40 -3.98
CA ARG C 99 -15.87 16.29 -5.14
C ARG C 99 -17.02 15.30 -4.90
N GLY C 100 -16.71 14.10 -4.37
CA GLY C 100 -17.68 13.05 -4.24
C GLY C 100 -18.68 13.49 -3.16
N SER C 101 -18.20 14.14 -2.10
CA SER C 101 -19.20 14.50 -1.10
C SER C 101 -20.09 15.69 -1.48
N VAL C 102 -19.59 16.63 -2.25
CA VAL C 102 -20.46 17.68 -2.80
C VAL C 102 -21.50 17.11 -3.75
N ARG C 103 -21.11 16.22 -4.62
CA ARG C 103 -22.15 15.67 -5.47
C ARG C 103 -23.20 14.86 -4.68
N LEU C 104 -22.79 14.04 -3.71
CA LEU C 104 -23.74 13.22 -2.98
C LEU C 104 -24.63 14.11 -2.13
N THR C 105 -24.10 15.23 -1.62
CA THR C 105 -24.92 16.21 -0.91
C THR C 105 -26.07 16.73 -1.81
N VAL C 106 -25.75 17.18 -3.00
CA VAL C 106 -26.64 18.04 -3.79
C VAL C 106 -27.64 17.26 -4.64
N GLU C 107 -27.30 16.03 -4.96
CA GLU C 107 -28.06 15.27 -5.93
C GLU C 107 -29.37 14.81 -5.31
N PRO C 108 -30.46 14.87 -6.10
CA PRO C 108 -31.80 14.54 -5.60
C PRO C 108 -31.87 13.05 -5.25
N GLY C 109 -32.78 12.67 -4.34
CA GLY C 109 -33.09 11.23 -4.15
C GLY C 109 -33.93 10.66 -5.30
N ALA C 110 -33.78 9.36 -5.59
CA ALA C 110 -34.83 8.59 -6.31
C ALA C 110 -35.72 7.99 -5.21
N PRO C 111 -36.91 7.43 -5.57
CA PRO C 111 -37.82 6.87 -4.54
C PRO C 111 -37.09 6.46 -3.22
N ALA C 112 -36.79 5.17 -3.12
CA ALA C 112 -35.85 4.68 -2.13
C ALA C 112 -34.61 4.63 -2.96
N ASP C 113 -34.16 5.83 -3.39
CA ASP C 113 -32.77 6.00 -3.70
C ASP C 113 -32.22 5.95 -2.32
N GLY C 114 -32.21 4.75 -1.78
CA GLY C 114 -31.85 4.55 -0.40
C GLY C 114 -30.57 5.16 0.11
N LEU C 115 -30.32 6.44 -0.12
CA LEU C 115 -29.24 7.12 0.56
C LEU C 115 -29.76 8.12 1.54
N ASP C 116 -29.57 7.84 2.80
CA ASP C 116 -29.87 8.79 3.84
C ASP C 116 -28.74 9.86 3.89
N ARG C 117 -28.94 10.99 3.24
CA ARG C 117 -28.03 12.20 3.30
C ARG C 117 -28.14 12.97 4.62
N ARG C 118 -29.25 12.79 5.32
CA ARG C 118 -29.64 13.59 6.46
C ARG C 118 -28.72 13.28 7.62
N ALA C 119 -28.49 12.02 7.88
CA ALA C 119 -27.62 11.64 9.02
C ALA C 119 -26.16 12.30 8.96
N PRO C 120 -25.48 12.20 7.84
CA PRO C 120 -24.17 12.84 7.74
C PRO C 120 -24.21 14.36 7.65
N MET C 121 -25.26 14.94 7.10
CA MET C 121 -25.36 16.38 7.14
C MET C 121 -25.56 16.90 8.55
N GLN C 122 -26.30 16.15 9.33
CA GLN C 122 -26.46 16.36 10.74
C GLN C 122 -25.14 16.36 11.46
N GLU C 123 -24.21 15.51 11.03
CA GLU C 123 -22.83 15.56 11.62
C GLU C 123 -22.06 16.82 11.23
N TRP C 124 -22.24 17.27 9.99
CA TRP C 124 -21.68 18.59 9.59
C TRP C 124 -22.19 19.67 10.48
N ILE C 125 -23.50 19.68 10.68
CA ILE C 125 -24.16 20.71 11.46
C ILE C 125 -23.70 20.61 12.91
N GLY C 126 -23.61 19.37 13.43
CA GLY C 126 -23.19 19.23 14.81
C GLY C 126 -21.78 19.76 15.03
N HIS C 127 -20.86 19.49 14.10
CA HIS C 127 -19.48 19.96 14.20
C HIS C 127 -19.46 21.47 14.20
N GLY C 128 -20.20 22.10 13.28
CA GLY C 128 -20.25 23.56 13.30
C GLY C 128 -20.79 24.07 14.64
N ARG C 129 -21.84 23.42 15.11
CA ARG C 129 -22.46 23.76 16.34
C ARG C 129 -21.49 23.64 17.57
N ASP C 130 -20.76 22.55 17.69
CA ASP C 130 -19.68 22.43 18.72
C ASP C 130 -18.67 23.60 18.64
N LEU C 131 -18.28 23.96 17.43
CA LEU C 131 -17.28 25.01 17.31
C LEU C 131 -17.89 26.33 17.72
N LEU C 132 -19.17 26.51 17.38
CA LEU C 132 -19.87 27.78 17.69
C LEU C 132 -20.06 27.91 19.23
N ARG C 133 -20.34 26.81 19.91
CA ARG C 133 -20.37 26.85 21.39
C ARG C 133 -19.02 27.12 22.04
N ARG C 134 -17.94 26.56 21.47
CA ARG C 134 -16.62 26.94 21.94
C ARG C 134 -16.39 28.43 21.72
N ALA C 135 -16.75 28.94 20.56
CA ALA C 135 -16.64 30.37 20.33
C ALA C 135 -17.42 31.16 21.38
N GLU C 136 -18.62 30.68 21.76
CA GLU C 136 -19.49 31.39 22.72
C GLU C 136 -18.86 31.47 24.10
N ALA C 137 -18.30 30.35 24.55
CA ALA C 137 -17.59 30.28 25.84
C ALA C 137 -16.38 31.21 25.84
N GLY C 138 -15.71 31.41 24.70
CA GLY C 138 -14.59 32.37 24.61
C GLY C 138 -15.07 33.82 24.35
N GLY C 139 -16.38 34.08 24.38
CA GLY C 139 -16.87 35.45 24.10
C GLY C 139 -16.85 35.93 22.62
N GLU C 140 -16.75 35.06 21.62
CA GLU C 140 -16.55 35.58 20.22
C GLU C 140 -17.81 35.95 19.46
N LEU C 141 -18.98 35.51 19.96
CA LEU C 141 -20.23 35.66 19.23
C LEU C 141 -21.00 36.89 19.63
N LEU C 142 -21.76 37.44 18.71
CA LEU C 142 -22.82 38.30 19.09
C LEU C 142 -23.83 37.57 20.01
N PRO C 143 -24.46 38.32 20.90
CA PRO C 143 -25.31 37.77 21.94
C PRO C 143 -26.63 37.11 21.52
N ARG C 144 -26.93 35.98 22.09
CA ARG C 144 -28.24 35.36 21.96
C ARG C 144 -28.52 34.67 20.61
N LEU C 145 -27.52 34.17 19.95
CA LEU C 145 -27.76 33.54 18.66
C LEU C 145 -28.18 32.11 18.83
N ASP C 146 -28.98 31.54 17.93
CA ASP C 146 -29.19 30.13 18.03
C ASP C 146 -28.06 29.51 17.22
N VAL C 147 -27.27 28.78 17.91
CA VAL C 147 -26.02 28.23 17.45
C VAL C 147 -26.30 27.17 16.33
N ASP C 148 -27.42 26.47 16.45
CA ASP C 148 -27.86 25.59 15.39
C ASP C 148 -28.32 26.27 14.08
N ALA C 149 -29.11 27.30 14.25
CA ALA C 149 -29.64 28.03 13.13
C ALA C 149 -28.39 28.63 12.41
N VAL C 150 -27.37 29.00 13.18
CA VAL C 150 -26.16 29.57 12.59
C VAL C 150 -25.31 28.53 11.86
N ALA C 151 -25.21 27.32 12.42
CA ALA C 151 -24.39 26.31 11.80
C ALA C 151 -25.09 25.96 10.47
N ARG C 152 -26.40 25.90 10.48
CA ARG C 152 -27.14 25.68 9.24
C ARG C 152 -26.92 26.73 8.19
N MET C 153 -26.81 27.96 8.63
CA MET C 153 -26.57 29.05 7.74
C MET C 153 -25.17 28.96 7.15
N LEU C 154 -24.15 28.73 7.98
CA LEU C 154 -22.77 28.54 7.41
C LEU C 154 -22.73 27.40 6.36
N VAL C 155 -23.37 26.25 6.67
CA VAL C 155 -23.32 25.13 5.77
C VAL C 155 -24.11 25.45 4.50
N GLY C 156 -25.28 26.10 4.62
CA GLY C 156 -26.12 26.42 3.43
C GLY C 156 -25.45 27.49 2.59
N GLY C 157 -24.69 28.36 3.22
CA GLY C 157 -23.89 29.36 2.54
C GLY C 157 -22.78 28.77 1.63
N PHE C 158 -21.98 27.86 2.16
CA PHE C 158 -20.98 27.17 1.31
C PHE C 158 -21.63 26.41 0.12
N THR C 159 -22.68 25.61 0.42
CA THR C 159 -23.42 24.83 -0.58
C THR C 159 -23.96 25.71 -1.71
N GLY C 160 -24.59 26.83 -1.38
CA GLY C 160 -25.23 27.67 -2.43
C GLY C 160 -24.15 28.40 -3.22
N ALA C 161 -23.08 28.88 -2.53
CA ALA C 161 -21.95 29.53 -3.22
C ALA C 161 -21.29 28.55 -4.23
N GLN C 162 -21.14 27.31 -3.79
CA GLN C 162 -20.47 26.25 -4.52
C GLN C 162 -21.33 25.98 -5.80
N ILE C 163 -22.62 25.78 -5.63
CA ILE C 163 -23.46 25.45 -6.75
C ILE C 163 -23.44 26.53 -7.81
N LEU C 164 -23.66 27.77 -7.37
CA LEU C 164 -23.73 28.88 -8.30
C LEU C 164 -22.40 29.00 -8.98
N SER C 165 -21.32 28.78 -8.23
CA SER C 165 -20.00 28.99 -8.79
C SER C 165 -19.70 27.97 -9.93
N ASN C 166 -20.28 26.78 -9.80
CA ASN C 166 -20.13 25.68 -10.75
C ASN C 166 -20.94 26.00 -12.01
N ILE C 167 -22.20 26.38 -11.83
CA ILE C 167 -23.03 26.79 -12.97
C ILE C 167 -22.49 28.00 -13.72
N LEU C 168 -22.00 29.03 -13.01
CA LEU C 168 -21.58 30.26 -13.67
C LEU C 168 -20.13 30.23 -14.16
N THR C 169 -19.25 29.46 -13.52
CA THR C 169 -17.87 29.54 -13.97
C THR C 169 -17.17 28.24 -13.98
N GLY C 170 -17.87 27.10 -13.81
CA GLY C 170 -17.14 25.84 -13.63
C GLY C 170 -16.16 25.88 -12.45
N HIS C 171 -16.45 26.63 -11.37
CA HIS C 171 -15.58 26.66 -10.13
C HIS C 171 -14.35 27.56 -10.22
N ALA C 172 -14.19 28.24 -11.33
CA ALA C 172 -13.06 29.18 -11.48
C ALA C 172 -13.07 30.25 -10.34
N ASP C 173 -14.23 30.87 -10.07
CA ASP C 173 -14.32 31.87 -9.02
C ASP C 173 -14.71 31.27 -7.64
N LEU C 174 -14.48 29.98 -7.44
CA LEU C 174 -14.99 29.32 -6.23
C LEU C 174 -14.53 29.91 -4.84
N LEU C 175 -13.24 30.11 -4.68
CA LEU C 175 -12.69 30.49 -3.40
C LEU C 175 -13.25 31.88 -3.06
N GLU C 176 -13.31 32.75 -4.06
CA GLU C 176 -13.80 34.09 -3.86
C GLU C 176 -15.32 34.13 -3.44
N ARG C 177 -16.16 33.28 -4.06
CA ARG C 177 -17.57 33.24 -3.74
C ARG C 177 -17.88 32.71 -2.36
N VAL C 178 -17.16 31.65 -2.00
CA VAL C 178 -17.27 31.05 -0.71
C VAL C 178 -16.79 32.06 0.33
N THR C 179 -15.61 32.67 0.13
CA THR C 179 -15.08 33.66 0.99
C THR C 179 -16.07 34.81 1.18
N ASP C 180 -16.63 35.36 0.10
CA ASP C 180 -17.59 36.47 0.25
C ASP C 180 -18.78 36.05 1.12
N MET C 181 -19.28 34.80 0.88
CA MET C 181 -20.48 34.32 1.56
C MET C 181 -20.18 34.23 3.05
N HIS C 182 -19.04 33.64 3.30
CA HIS C 182 -18.64 33.37 4.66
C HIS C 182 -18.26 34.65 5.40
N ARG C 183 -17.60 35.57 4.70
CA ARG C 183 -17.20 36.80 5.36
C ARG C 183 -18.47 37.58 5.72
N HIS C 184 -19.44 37.57 4.82
CA HIS C 184 -20.67 38.30 5.10
C HIS C 184 -21.48 37.66 6.20
N LEU C 185 -21.61 36.33 6.18
CA LEU C 185 -22.22 35.57 7.31
C LEU C 185 -21.53 35.80 8.68
N MET C 186 -20.19 35.74 8.71
CA MET C 186 -19.45 35.96 9.94
C MET C 186 -19.66 37.34 10.45
N THR C 187 -19.82 38.30 9.54
CA THR C 187 -20.00 39.65 9.96
C THR C 187 -21.28 39.79 10.76
N SER C 188 -22.30 39.02 10.42
CA SER C 188 -23.54 39.01 11.22
C SER C 188 -23.44 38.12 12.45
N VAL C 189 -22.33 37.50 12.75
CA VAL C 189 -22.30 36.49 13.80
C VAL C 189 -21.26 36.79 14.92
N ALA C 190 -20.17 37.46 14.53
CA ALA C 190 -18.98 37.66 15.35
C ALA C 190 -19.07 39.03 16.03
N VAL C 191 -18.60 39.14 17.28
CA VAL C 191 -18.48 40.50 17.84
C VAL C 191 -17.49 41.28 16.97
N PRO C 192 -17.66 42.60 16.79
CA PRO C 192 -16.68 43.30 15.93
C PRO C 192 -15.18 43.19 16.31
N ALA C 193 -14.84 43.19 17.59
CA ALA C 193 -13.45 43.10 18.00
C ALA C 193 -12.84 41.77 17.53
N VAL C 194 -13.67 40.76 17.40
CA VAL C 194 -13.21 39.47 16.94
C VAL C 194 -13.22 39.54 15.43
N LEU C 195 -14.30 40.09 14.83
CA LEU C 195 -14.34 40.13 13.36
C LEU C 195 -13.08 40.82 12.69
N VAL C 196 -12.61 41.95 13.26
CA VAL C 196 -11.49 42.69 12.65
C VAL C 196 -10.20 41.84 12.71
N ARG C 197 -10.12 40.92 13.67
CA ARG C 197 -8.93 40.07 13.81
C ARG C 197 -8.98 38.73 13.00
N LEU C 198 -10.13 38.43 12.39
CA LEU C 198 -10.29 37.21 11.60
C LEU C 198 -9.57 37.33 10.27
N ASP C 199 -9.01 36.25 9.78
CA ASP C 199 -8.25 36.36 8.53
C ASP C 199 -8.94 35.61 7.40
N PHE C 200 -9.61 36.31 6.48
CA PHE C 200 -10.26 35.71 5.31
C PHE C 200 -9.39 35.65 4.03
N SER C 201 -8.11 36.01 4.13
CA SER C 201 -7.27 36.18 2.94
C SER C 201 -7.11 34.87 2.19
N ALA C 202 -7.05 34.97 0.87
CA ALA C 202 -6.53 33.90 0.02
C ALA C 202 -5.13 33.45 0.46
N GLU C 203 -4.35 34.34 1.07
CA GLU C 203 -2.98 34.04 1.55
C GLU C 203 -2.97 32.96 2.61
N ARG C 204 -3.67 33.20 3.71
CA ARG C 204 -3.75 32.23 4.79
C ARG C 204 -4.32 30.87 4.33
N SER C 205 -5.34 30.96 3.48
CA SER C 205 -6.02 29.80 2.93
C SER C 205 -5.06 28.95 2.03
N ILE C 206 -4.20 29.64 1.25
CA ILE C 206 -3.15 28.91 0.45
C ILE C 206 -2.17 28.12 1.34
N THR C 207 -1.68 28.80 2.38
CA THR C 207 -0.92 28.14 3.44
C THR C 207 -1.64 26.97 4.05
N VAL C 208 -2.91 27.13 4.45
CA VAL C 208 -3.62 26.05 5.16
C VAL C 208 -3.74 24.81 4.21
N TYR C 209 -4.13 25.10 2.98
CA TYR C 209 -4.22 24.14 1.93
C TYR C 209 -2.89 23.41 1.65
N ASP C 210 -1.77 24.14 1.56
CA ASP C 210 -0.45 23.51 1.33
C ASP C 210 -0.16 22.51 2.42
N GLU C 211 -0.35 22.93 3.68
CA GLU C 211 -0.12 22.09 4.81
C GLU C 211 -1.02 20.86 4.71
N ALA C 212 -2.27 21.05 4.25
CA ALA C 212 -3.17 19.90 4.20
C ALA C 212 -2.72 18.87 3.17
N MET C 213 -2.08 19.34 2.11
CA MET C 213 -1.67 18.54 0.97
C MET C 213 -0.42 17.76 1.28
N ARG C 214 0.41 18.31 2.14
CA ARG C 214 1.50 17.55 2.68
C ARG C 214 0.96 16.69 3.81
N ARG C 215 0.11 15.75 3.46
CA ARG C 215 -0.56 14.90 4.42
C ARG C 215 -1.74 14.23 3.77
N ARG C 216 -1.93 14.48 2.47
CA ARG C 216 -3.04 13.96 1.71
C ARG C 216 -2.58 13.11 0.53
N GLU C 217 -1.55 12.32 0.77
CA GLU C 217 -1.10 11.35 -0.20
C GLU C 217 -2.18 10.44 -0.76
N ALA C 218 -2.07 10.10 -2.03
CA ALA C 218 -2.96 9.13 -2.63
C ALA C 218 -2.87 7.82 -1.88
N PRO C 219 -3.97 7.39 -1.29
CA PRO C 219 -3.86 6.22 -0.42
C PRO C 219 -3.73 4.95 -1.27
N LEU C 220 -2.82 4.07 -0.95
CA LEU C 220 -2.80 2.79 -1.70
C LEU C 220 -3.17 1.65 -0.76
N PRO C 221 -3.79 0.57 -1.25
CA PRO C 221 -4.17 -0.53 -0.29
C PRO C 221 -2.95 -1.25 0.34
N ALA C 222 -3.10 -1.74 1.56
CA ALA C 222 -2.13 -2.71 2.10
C ALA C 222 -2.09 -3.96 1.18
N ALA C 223 -0.89 -4.50 0.93
CA ALA C 223 -0.73 -5.59 -0.06
C ALA C 223 -1.66 -6.78 0.22
N GLY C 224 -1.95 -7.06 1.48
CA GLY C 224 -2.81 -8.22 1.84
C GLY C 224 -4.25 -8.10 1.31
N ASP C 225 -4.66 -6.90 0.90
CA ASP C 225 -6.04 -6.63 0.42
C ASP C 225 -6.14 -6.40 -1.08
N LEU C 226 -5.07 -6.65 -1.82
CA LEU C 226 -5.12 -6.41 -3.29
C LEU C 226 -5.76 -7.58 -3.99
N GLU C 227 -6.59 -7.33 -4.99
CA GLU C 227 -7.10 -8.35 -5.90
C GLU C 227 -6.01 -8.97 -6.80
N HIS C 228 -6.00 -10.30 -6.92
CA HIS C 228 -4.96 -11.03 -7.73
C HIS C 228 -5.53 -12.06 -8.63
N GLN D 3 -54.38 35.04 -28.88
CA GLN D 3 -55.42 34.09 -28.49
C GLN D 3 -55.18 33.43 -27.11
N GLU D 4 -56.23 33.38 -26.31
CA GLU D 4 -56.09 33.00 -24.94
C GLU D 4 -56.70 31.63 -24.70
N ARG D 5 -56.49 30.73 -25.61
CA ARG D 5 -56.61 29.34 -25.28
C ARG D 5 -55.21 28.88 -25.56
N ALA D 6 -54.61 29.52 -26.54
CA ALA D 6 -53.22 29.30 -26.86
C ALA D 6 -52.33 29.55 -25.65
N ALA D 7 -52.20 30.82 -25.26
CA ALA D 7 -51.39 31.19 -24.08
C ALA D 7 -51.66 30.27 -22.86
N GLN D 8 -52.94 29.87 -22.73
CA GLN D 8 -53.49 29.01 -21.66
C GLN D 8 -52.97 27.58 -21.76
N THR D 9 -53.14 26.96 -22.93
CA THR D 9 -52.63 25.59 -23.09
C THR D 9 -51.08 25.56 -23.08
N ARG D 10 -50.45 26.64 -23.52
CA ARG D 10 -49.04 26.70 -23.39
C ARG D 10 -48.64 26.55 -21.90
N ARG D 11 -49.36 27.22 -21.00
CA ARG D 11 -49.04 27.19 -19.61
C ARG D 11 -49.27 25.85 -19.05
N THR D 12 -50.23 25.14 -19.57
CA THR D 12 -50.52 23.88 -19.01
C THR D 12 -49.52 22.85 -19.48
N ILE D 13 -48.80 23.19 -20.55
CA ILE D 13 -47.78 22.31 -21.09
C ILE D 13 -46.55 22.47 -20.21
N VAL D 14 -46.14 23.73 -19.99
CA VAL D 14 -44.98 24.05 -19.13
C VAL D 14 -45.14 23.52 -17.68
N ALA D 15 -46.30 23.72 -17.09
CA ALA D 15 -46.58 23.16 -15.77
C ALA D 15 -46.43 21.63 -15.76
N ALA D 16 -46.97 20.93 -16.76
CA ALA D 16 -46.89 19.46 -16.70
C ALA D 16 -45.43 19.10 -16.88
N ALA D 17 -44.76 19.84 -17.79
CA ALA D 17 -43.33 19.56 -18.09
C ALA D 17 -42.47 19.74 -16.82
N ALA D 18 -42.72 20.85 -16.11
CA ALA D 18 -42.03 21.10 -14.81
C ALA D 18 -42.25 19.98 -13.80
N ALA D 19 -43.51 19.57 -13.64
CA ALA D 19 -43.86 18.46 -12.74
C ALA D 19 -43.05 17.19 -13.07
N VAL D 20 -43.06 16.82 -14.34
CA VAL D 20 -42.26 15.71 -14.78
C VAL D 20 -40.77 15.84 -14.56
N PHE D 21 -40.16 16.97 -14.95
CA PHE D 21 -38.76 17.18 -14.58
C PHE D 21 -38.47 17.06 -13.08
N ASP D 22 -39.34 17.68 -12.30
CA ASP D 22 -39.19 17.62 -10.86
C ASP D 22 -39.18 16.18 -10.37
N GLU D 23 -40.11 15.33 -10.85
CA GLU D 23 -40.17 13.95 -10.39
C GLU D 23 -39.07 13.10 -10.94
N LEU D 24 -38.65 13.36 -12.19
CA LEU D 24 -37.83 12.39 -12.88
C LEU D 24 -36.45 12.84 -13.26
N GLY D 25 -36.17 14.14 -13.19
CA GLY D 25 -34.92 14.68 -13.72
C GLY D 25 -35.00 14.84 -15.24
N TYR D 26 -34.06 15.61 -15.78
CA TYR D 26 -33.97 15.89 -17.21
C TYR D 26 -33.90 14.63 -18.06
N GLU D 27 -33.04 13.69 -17.65
CA GLU D 27 -32.63 12.61 -18.53
C GLU D 27 -33.80 11.60 -18.70
N ALA D 28 -34.49 11.30 -17.60
CA ALA D 28 -35.57 10.29 -17.62
C ALA D 28 -36.89 10.85 -18.15
N THR D 29 -37.03 12.16 -18.13
CA THR D 29 -38.25 12.81 -18.60
C THR D 29 -38.38 12.65 -20.14
N THR D 30 -39.57 12.32 -20.61
CA THR D 30 -39.82 12.22 -22.03
C THR D 30 -40.99 13.10 -22.43
N ILE D 31 -40.94 13.54 -23.69
CA ILE D 31 -42.05 14.22 -24.29
C ILE D 31 -43.33 13.40 -24.25
N ALA D 32 -43.21 12.08 -24.43
CA ALA D 32 -44.38 11.19 -24.40
C ALA D 32 -45.06 11.25 -23.02
N GLU D 33 -44.21 11.27 -21.97
CA GLU D 33 -44.65 11.43 -20.57
C GLU D 33 -45.28 12.83 -20.31
N ILE D 34 -44.61 13.87 -20.81
CA ILE D 34 -45.14 15.21 -20.72
C ILE D 34 -46.50 15.33 -21.42
N LEU D 35 -46.70 14.65 -22.56
CA LEU D 35 -48.05 14.52 -23.18
C LEU D 35 -49.06 13.69 -22.37
N LYS D 36 -48.67 12.53 -21.81
CA LYS D 36 -49.59 11.87 -20.83
C LYS D 36 -50.03 12.86 -19.74
N ARG D 37 -49.07 13.49 -19.06
CA ARG D 37 -49.35 14.35 -17.91
C ARG D 37 -50.13 15.61 -18.24
N SER D 38 -49.85 16.21 -19.40
CA SER D 38 -50.52 17.43 -19.77
C SER D 38 -51.91 17.18 -20.34
N GLY D 39 -52.11 16.00 -20.96
CA GLY D 39 -53.38 15.69 -21.66
C GLY D 39 -53.63 16.54 -22.90
N VAL D 40 -52.68 17.40 -23.27
CA VAL D 40 -52.67 18.16 -24.53
C VAL D 40 -52.37 17.24 -25.75
N THR D 41 -52.35 17.81 -26.96
CA THR D 41 -51.99 17.09 -28.18
C THR D 41 -50.59 17.34 -28.71
N LYS D 42 -50.05 16.31 -29.34
CA LYS D 42 -48.79 16.37 -30.02
C LYS D 42 -48.70 17.66 -30.79
N GLY D 43 -49.76 17.92 -31.52
CA GLY D 43 -49.83 19.08 -32.35
C GLY D 43 -49.76 20.30 -31.49
N ALA D 44 -50.53 20.31 -30.41
CA ALA D 44 -50.43 21.45 -29.48
C ALA D 44 -49.00 21.58 -28.89
N LEU D 45 -48.41 20.45 -28.52
CA LEU D 45 -47.08 20.50 -27.91
C LEU D 45 -46.07 21.16 -28.85
N TYR D 46 -46.00 20.63 -30.10
CA TYR D 46 -45.02 21.06 -31.10
C TYR D 46 -45.27 22.45 -31.64
N PHE D 47 -46.55 22.85 -31.63
CA PHE D 47 -46.96 24.25 -31.94
C PHE D 47 -46.05 25.16 -31.11
N HIS D 48 -45.89 24.75 -29.85
CA HIS D 48 -45.25 25.55 -28.81
C HIS D 48 -43.77 25.35 -28.59
N PHE D 49 -43.28 24.10 -28.60
CA PHE D 49 -41.83 23.75 -28.45
C PHE D 49 -41.50 22.54 -29.31
N THR D 50 -40.26 22.41 -29.78
CA THR D 50 -39.96 21.22 -30.62
C THR D 50 -39.15 20.11 -29.95
N SER D 51 -38.53 20.41 -28.81
CA SER D 51 -37.69 19.43 -28.09
C SER D 51 -37.93 19.41 -26.58
N LYS D 52 -37.67 18.26 -25.96
CA LYS D 52 -37.55 18.20 -24.50
C LYS D 52 -36.56 19.31 -24.01
N GLU D 53 -35.48 19.47 -24.73
CA GLU D 53 -34.46 20.46 -24.50
C GLU D 53 -34.98 21.88 -24.42
N GLN D 54 -35.78 22.29 -25.39
CA GLN D 54 -36.37 23.61 -25.36
C GLN D 54 -37.42 23.78 -24.25
N LEU D 55 -38.15 22.73 -23.97
CA LEU D 55 -39.05 22.70 -22.85
C LEU D 55 -38.30 22.88 -21.53
N ALA D 56 -37.19 22.21 -21.38
CA ALA D 56 -36.35 22.36 -20.18
C ALA D 56 -35.77 23.77 -19.98
N GLN D 57 -35.29 24.43 -21.04
CA GLN D 57 -34.79 25.83 -20.99
C GLN D 57 -35.89 26.70 -20.44
N GLU D 58 -37.09 26.39 -20.88
CA GLU D 58 -38.27 27.13 -20.47
C GLU D 58 -38.48 26.94 -18.97
N VAL D 59 -38.64 25.68 -18.54
CA VAL D 59 -38.75 25.42 -17.11
C VAL D 59 -37.58 26.06 -16.29
N LEU D 60 -36.36 26.05 -16.86
CA LEU D 60 -35.17 26.62 -16.18
C LEU D 60 -35.35 28.05 -15.73
N THR D 61 -36.11 28.83 -16.51
CA THR D 61 -36.21 30.26 -16.20
C THR D 61 -37.17 30.62 -15.07
N SER D 62 -37.86 29.64 -14.47
CA SER D 62 -38.98 29.86 -13.53
C SER D 62 -38.65 30.45 -12.13
N GLN D 63 -37.49 30.08 -11.58
CA GLN D 63 -37.00 30.71 -10.35
C GLN D 63 -36.97 32.28 -10.54
N LEU D 64 -36.62 32.76 -11.73
CA LEU D 64 -36.92 34.16 -12.08
C LEU D 64 -38.38 34.41 -12.60
N ARG D 65 -38.74 33.80 -13.73
CA ARG D 65 -39.93 34.19 -14.50
C ARG D 65 -41.26 33.66 -13.98
N ALA D 66 -41.25 32.75 -12.99
CA ALA D 66 -42.54 32.23 -12.42
C ALA D 66 -43.05 32.98 -11.19
N VAL D 67 -42.22 33.89 -10.66
CA VAL D 67 -42.60 34.75 -9.52
C VAL D 67 -43.36 35.91 -10.16
N PRO D 68 -44.65 36.10 -9.80
CA PRO D 68 -45.41 37.21 -10.41
C PRO D 68 -44.79 38.58 -9.97
N PRO D 69 -44.93 39.64 -10.82
CA PRO D 69 -44.15 40.87 -10.56
C PRO D 69 -44.54 41.45 -9.19
N VAL D 70 -43.66 42.10 -8.50
CA VAL D 70 -44.03 42.49 -7.19
C VAL D 70 -44.08 43.97 -7.13
N GLU D 71 -44.83 44.55 -6.23
CA GLU D 71 -44.85 45.98 -6.27
C GLU D 71 -43.69 46.70 -5.56
N GLU D 72 -43.46 47.95 -5.94
CA GLU D 72 -42.37 48.74 -5.40
C GLU D 72 -42.61 49.28 -4.01
N GLN D 73 -41.57 49.45 -3.23
CA GLN D 73 -41.77 49.66 -1.81
C GLN D 73 -41.00 50.90 -1.46
N ARG D 74 -41.32 51.50 -0.32
CA ARG D 74 -40.51 52.60 0.09
C ARG D 74 -39.01 52.28 0.11
N LEU D 75 -38.62 51.04 0.44
CA LEU D 75 -37.20 50.66 0.35
C LEU D 75 -37.01 49.57 -0.71
N VAL D 76 -36.09 49.80 -1.66
CA VAL D 76 -35.85 48.77 -2.68
C VAL D 76 -35.50 47.42 -2.00
N LEU D 77 -34.75 47.44 -0.87
CA LEU D 77 -34.31 46.23 -0.22
C LEU D 77 -35.54 45.44 0.28
N GLN D 78 -36.63 46.12 0.57
CA GLN D 78 -37.83 45.43 0.96
C GLN D 78 -38.49 44.71 -0.24
N GLN D 79 -38.41 45.29 -1.44
CA GLN D 79 -38.89 44.65 -2.64
C GLN D 79 -38.06 43.33 -2.86
N ILE D 80 -36.77 43.38 -2.55
CA ILE D 80 -35.91 42.18 -2.69
C ILE D 80 -36.26 41.10 -1.67
N ILE D 81 -36.47 41.50 -0.43
CA ILE D 81 -36.97 40.60 0.58
C ILE D 81 -38.29 39.99 0.10
N ASP D 82 -39.20 40.81 -0.43
CA ASP D 82 -40.51 40.36 -0.86
C ASP D 82 -40.42 39.29 -1.98
N GLU D 83 -39.53 39.51 -2.96
CA GLU D 83 -39.33 38.56 -4.05
C GLU D 83 -38.75 37.24 -3.54
N THR D 84 -37.73 37.36 -2.70
CA THR D 84 -37.08 36.22 -2.12
C THR D 84 -38.06 35.33 -1.38
N LEU D 85 -38.83 35.93 -0.46
CA LEU D 85 -39.75 35.15 0.34
C LEU D 85 -40.94 34.64 -0.47
N LEU D 86 -41.34 35.40 -1.49
CA LEU D 86 -42.35 34.89 -2.41
C LEU D 86 -41.87 33.60 -3.12
N LEU D 87 -40.62 33.59 -3.56
CA LEU D 87 -40.05 32.43 -4.20
C LEU D 87 -40.07 31.27 -3.20
N ALA D 88 -39.70 31.55 -1.95
CA ALA D 88 -39.70 30.49 -0.95
C ALA D 88 -41.11 29.97 -0.67
N GLN D 89 -42.10 30.86 -0.56
CA GLN D 89 -43.55 30.42 -0.54
C GLN D 89 -43.95 29.49 -1.72
N LEU D 90 -43.53 29.82 -2.94
CA LEU D 90 -43.84 28.93 -4.06
C LEU D 90 -43.15 27.55 -3.87
N LEU D 91 -41.84 27.58 -3.66
CA LEU D 91 -41.06 26.39 -3.42
C LEU D 91 -41.79 25.57 -2.37
N SER D 92 -42.09 26.21 -1.28
CA SER D 92 -42.75 25.62 -0.16
C SER D 92 -44.15 25.04 -0.45
N LYS D 93 -44.91 25.63 -1.36
CA LYS D 93 -46.21 25.10 -1.70
C LYS D 93 -46.17 24.10 -2.85
N GLY D 94 -44.99 23.77 -3.32
CA GLY D 94 -44.82 22.77 -4.32
C GLY D 94 -45.13 23.25 -5.70
N ASP D 95 -45.02 24.53 -5.91
CA ASP D 95 -45.26 25.05 -7.23
C ASP D 95 -44.34 24.34 -8.23
N PRO D 96 -44.94 23.79 -9.29
CA PRO D 96 -44.31 22.87 -10.22
C PRO D 96 -43.19 23.58 -11.01
N LEU D 97 -43.50 24.77 -11.51
CA LEU D 97 -42.50 25.53 -12.28
C LEU D 97 -41.26 25.75 -11.44
N VAL D 98 -41.44 26.19 -10.18
CA VAL D 98 -40.30 26.49 -9.29
C VAL D 98 -39.54 25.20 -8.91
N ARG D 99 -40.26 24.17 -8.49
CA ARG D 99 -39.71 22.85 -8.24
C ARG D 99 -38.90 22.28 -9.41
N GLY D 100 -39.45 22.36 -10.62
CA GLY D 100 -38.77 21.81 -11.77
C GLY D 100 -37.55 22.66 -12.05
N SER D 101 -37.65 23.96 -11.83
CA SER D 101 -36.50 24.86 -12.05
C SER D 101 -35.34 24.49 -11.13
N VAL D 102 -35.63 24.31 -9.85
CA VAL D 102 -34.64 23.90 -8.83
C VAL D 102 -33.96 22.55 -9.23
N ARG D 103 -34.75 21.51 -9.55
CA ARG D 103 -34.13 20.26 -9.90
C ARG D 103 -33.22 20.35 -11.13
N LEU D 104 -33.72 20.98 -12.20
CA LEU D 104 -32.93 21.14 -13.45
C LEU D 104 -31.61 21.87 -13.20
N THR D 105 -31.66 22.88 -12.32
CA THR D 105 -30.52 23.71 -12.01
C THR D 105 -29.42 22.95 -11.25
N VAL D 106 -29.80 22.29 -10.15
CA VAL D 106 -28.82 21.75 -9.20
C VAL D 106 -28.36 20.33 -9.46
N GLU D 107 -29.17 19.55 -10.16
CA GLU D 107 -28.91 18.15 -10.36
C GLU D 107 -27.90 18.00 -11.50
N PRO D 108 -26.82 17.26 -11.24
CA PRO D 108 -25.64 17.15 -12.11
C PRO D 108 -25.91 17.02 -13.63
N GLY D 109 -25.27 17.87 -14.44
CA GLY D 109 -25.51 17.90 -15.90
C GLY D 109 -24.88 16.79 -16.76
N ALA D 110 -25.55 15.64 -16.76
CA ALA D 110 -25.08 14.37 -17.29
C ALA D 110 -24.24 14.57 -18.49
N PRO D 111 -23.06 13.98 -18.41
CA PRO D 111 -22.02 14.20 -19.40
C PRO D 111 -22.57 15.00 -20.53
N ALA D 112 -22.09 16.23 -20.66
CA ALA D 112 -22.30 17.06 -21.82
C ALA D 112 -23.70 16.99 -22.41
N ASP D 113 -24.69 17.59 -21.76
CA ASP D 113 -26.08 17.34 -22.23
C ASP D 113 -26.70 18.52 -23.03
N GLY D 114 -25.90 19.57 -23.23
CA GLY D 114 -26.26 20.71 -24.07
C GLY D 114 -27.48 21.42 -23.55
N LEU D 115 -27.69 21.34 -22.24
CA LEU D 115 -28.72 22.12 -21.59
C LEU D 115 -28.00 23.32 -21.01
N ASP D 116 -28.48 24.52 -21.31
CA ASP D 116 -27.74 25.72 -20.85
C ASP D 116 -28.33 26.20 -19.52
N ARG D 117 -27.60 25.91 -18.44
CA ARG D 117 -27.96 26.30 -17.08
C ARG D 117 -27.43 27.69 -16.74
N ARG D 118 -26.31 28.05 -17.34
CA ARG D 118 -25.62 29.29 -17.14
C ARG D 118 -26.47 30.52 -17.51
N ALA D 119 -27.03 30.54 -18.74
CA ALA D 119 -27.81 31.70 -19.21
C ALA D 119 -28.99 32.02 -18.24
N PRO D 120 -29.84 31.02 -17.89
CA PRO D 120 -30.91 31.38 -16.97
C PRO D 120 -30.46 31.80 -15.56
N MET D 121 -29.36 31.22 -15.07
CA MET D 121 -28.87 31.64 -13.78
C MET D 121 -28.26 33.07 -13.93
N GLN D 122 -27.64 33.37 -15.06
CA GLN D 122 -27.17 34.75 -15.30
C GLN D 122 -28.33 35.78 -15.28
N GLU D 123 -29.50 35.41 -15.80
CA GLU D 123 -30.66 36.30 -15.81
C GLU D 123 -31.23 36.46 -14.41
N TRP D 124 -31.10 35.42 -13.61
CA TRP D 124 -31.65 35.47 -12.29
C TRP D 124 -30.83 36.41 -11.46
N ILE D 125 -29.51 36.29 -11.52
CA ILE D 125 -28.60 37.20 -10.91
C ILE D 125 -28.65 38.62 -11.48
N GLY D 126 -28.84 38.75 -12.81
CA GLY D 126 -28.92 40.05 -13.42
C GLY D 126 -30.08 40.82 -12.82
N HIS D 127 -31.15 40.12 -12.50
CA HIS D 127 -32.32 40.76 -12.04
C HIS D 127 -32.10 41.28 -10.60
N GLY D 128 -31.37 40.52 -9.79
CA GLY D 128 -31.06 40.97 -8.43
C GLY D 128 -30.08 42.13 -8.50
N ARG D 129 -29.12 42.04 -9.42
CA ARG D 129 -28.17 43.12 -9.63
C ARG D 129 -28.90 44.45 -10.00
N ASP D 130 -29.91 44.40 -10.87
CA ASP D 130 -30.78 45.54 -11.18
C ASP D 130 -31.47 46.14 -9.97
N LEU D 131 -32.13 45.33 -9.15
CA LEU D 131 -32.69 45.86 -7.90
C LEU D 131 -31.63 46.46 -6.93
N LEU D 132 -30.49 45.80 -6.76
CA LEU D 132 -29.45 46.33 -5.88
C LEU D 132 -28.84 47.63 -6.41
N ARG D 133 -28.82 47.79 -7.74
CA ARG D 133 -28.38 49.06 -8.33
C ARG D 133 -29.34 50.20 -7.95
N ARG D 134 -30.64 49.93 -7.93
CA ARG D 134 -31.58 50.95 -7.48
C ARG D 134 -31.48 51.21 -5.98
N ALA D 135 -31.34 50.16 -5.15
CA ALA D 135 -31.08 50.36 -3.74
C ALA D 135 -29.77 51.17 -3.54
N GLU D 136 -28.74 50.84 -4.31
CA GLU D 136 -27.47 51.55 -4.23
C GLU D 136 -27.65 53.03 -4.51
N ALA D 137 -28.33 53.38 -5.58
CA ALA D 137 -28.53 54.79 -5.95
C ALA D 137 -29.39 55.49 -4.89
N GLY D 138 -30.28 54.74 -4.18
CA GLY D 138 -31.08 55.28 -3.10
C GLY D 138 -30.32 55.41 -1.76
N GLY D 139 -29.04 55.07 -1.73
CA GLY D 139 -28.30 55.18 -0.45
C GLY D 139 -28.56 54.04 0.54
N GLU D 140 -29.16 52.96 0.07
CA GLU D 140 -29.63 51.91 1.03
C GLU D 140 -28.56 50.95 1.37
N LEU D 141 -27.46 50.94 0.62
CA LEU D 141 -26.39 49.99 0.88
C LEU D 141 -25.14 50.60 1.50
N LEU D 142 -24.46 49.83 2.31
CA LEU D 142 -23.16 50.14 2.76
C LEU D 142 -22.22 50.43 1.60
N PRO D 143 -21.33 51.36 1.82
CA PRO D 143 -20.35 51.77 0.82
C PRO D 143 -19.39 50.65 0.44
N ARG D 144 -18.99 50.59 -0.83
CA ARG D 144 -17.91 49.75 -1.36
C ARG D 144 -18.36 48.38 -1.74
N LEU D 145 -19.64 48.15 -1.61
CA LEU D 145 -20.21 46.91 -1.99
C LEU D 145 -20.25 46.78 -3.50
N ASP D 146 -19.92 45.60 -3.96
CA ASP D 146 -20.04 45.21 -5.33
C ASP D 146 -21.37 44.52 -5.49
N VAL D 147 -22.24 45.18 -6.24
CA VAL D 147 -23.62 44.88 -6.45
C VAL D 147 -23.69 43.55 -7.18
N ASP D 148 -22.64 43.20 -7.94
CA ASP D 148 -22.67 41.87 -8.59
C ASP D 148 -22.30 40.73 -7.64
N ALA D 149 -21.29 40.96 -6.80
CA ALA D 149 -20.93 40.02 -5.74
C ALA D 149 -22.10 39.82 -4.77
N VAL D 150 -22.79 40.95 -4.47
CA VAL D 150 -23.88 40.88 -3.56
C VAL D 150 -25.05 40.02 -4.10
N ALA D 151 -25.48 40.32 -5.33
CA ALA D 151 -26.52 39.54 -6.05
C ALA D 151 -26.24 38.03 -6.06
N ARG D 152 -25.01 37.64 -6.37
CA ARG D 152 -24.60 36.24 -6.27
C ARG D 152 -24.72 35.66 -4.88
N MET D 153 -24.46 36.47 -3.88
CA MET D 153 -24.65 36.00 -2.48
C MET D 153 -26.11 35.75 -2.15
N LEU D 154 -27.00 36.63 -2.56
CA LEU D 154 -28.38 36.51 -2.20
C LEU D 154 -28.97 35.24 -2.85
N VAL D 155 -28.66 35.07 -4.16
CA VAL D 155 -29.12 33.86 -4.90
C VAL D 155 -28.46 32.64 -4.32
N GLY D 156 -27.18 32.75 -4.02
CA GLY D 156 -26.51 31.58 -3.47
C GLY D 156 -27.09 31.24 -2.12
N GLY D 157 -27.45 32.26 -1.35
CA GLY D 157 -27.84 32.03 0.00
C GLY D 157 -29.21 31.35 -0.06
N PHE D 158 -30.13 31.94 -0.81
CA PHE D 158 -31.40 31.27 -1.02
C PHE D 158 -31.21 29.79 -1.46
N THR D 159 -30.39 29.59 -2.48
CA THR D 159 -30.15 28.25 -3.00
C THR D 159 -29.61 27.28 -1.90
N GLY D 160 -28.57 27.70 -1.15
CA GLY D 160 -28.00 26.77 -0.14
C GLY D 160 -29.05 26.46 0.97
N ALA D 161 -29.79 27.48 1.40
CA ALA D 161 -30.67 27.30 2.55
C ALA D 161 -31.77 26.31 2.16
N GLN D 162 -32.28 26.51 0.96
CA GLN D 162 -33.32 25.75 0.40
C GLN D 162 -32.96 24.25 0.23
N ILE D 163 -31.80 23.95 -0.33
CA ILE D 163 -31.30 22.58 -0.50
C ILE D 163 -31.04 21.90 0.85
N LEU D 164 -30.38 22.61 1.77
CA LEU D 164 -30.15 22.08 3.09
C LEU D 164 -31.46 21.81 3.84
N SER D 165 -32.46 22.65 3.62
CA SER D 165 -33.72 22.50 4.32
C SER D 165 -34.46 21.29 3.78
N ASN D 166 -34.28 21.05 2.48
CA ASN D 166 -34.83 19.88 1.85
C ASN D 166 -34.22 18.60 2.47
N ILE D 167 -32.89 18.56 2.45
CA ILE D 167 -32.13 17.50 3.13
C ILE D 167 -32.50 17.25 4.61
N LEU D 168 -32.52 18.32 5.43
CA LEU D 168 -32.67 18.15 6.86
C LEU D 168 -34.10 18.07 7.29
N THR D 169 -35.05 18.67 6.54
CA THR D 169 -36.45 18.62 7.04
C THR D 169 -37.51 18.40 5.97
N GLY D 170 -37.13 18.09 4.74
CA GLY D 170 -38.11 17.98 3.69
C GLY D 170 -38.79 19.29 3.37
N HIS D 171 -38.11 20.41 3.60
CA HIS D 171 -38.67 21.73 3.39
C HIS D 171 -39.65 22.20 4.43
N ALA D 172 -39.86 21.45 5.52
CA ALA D 172 -40.74 21.95 6.58
C ALA D 172 -40.25 23.31 7.17
N ASP D 173 -38.92 23.56 7.25
CA ASP D 173 -38.40 24.78 7.90
C ASP D 173 -37.85 25.76 6.83
N LEU D 174 -38.21 25.49 5.59
CA LEU D 174 -37.80 26.33 4.48
C LEU D 174 -37.95 27.88 4.68
N LEU D 175 -39.15 28.36 5.05
CA LEU D 175 -39.30 29.80 5.19
C LEU D 175 -38.41 30.31 6.25
N GLU D 176 -38.37 29.62 7.36
CA GLU D 176 -37.47 30.06 8.41
C GLU D 176 -36.01 30.11 7.98
N ARG D 177 -35.52 29.10 7.24
CA ARG D 177 -34.11 29.08 6.90
C ARG D 177 -33.74 30.09 5.84
N VAL D 178 -34.58 30.16 4.81
CA VAL D 178 -34.38 31.23 3.80
C VAL D 178 -34.44 32.62 4.47
N THR D 179 -35.38 32.83 5.41
CA THR D 179 -35.46 34.09 6.12
C THR D 179 -34.22 34.36 6.99
N ASP D 180 -33.74 33.35 7.73
CA ASP D 180 -32.53 33.50 8.55
C ASP D 180 -31.40 33.94 7.64
N MET D 181 -31.24 33.19 6.54
CA MET D 181 -30.13 33.40 5.62
C MET D 181 -30.19 34.87 5.05
N HIS D 182 -31.37 35.24 4.56
CA HIS D 182 -31.53 36.54 3.96
C HIS D 182 -31.42 37.65 4.99
N ARG D 183 -31.90 37.39 6.20
CA ARG D 183 -31.80 38.42 7.22
C ARG D 183 -30.33 38.65 7.60
N HIS D 184 -29.57 37.57 7.71
CA HIS D 184 -28.18 37.69 8.16
C HIS D 184 -27.31 38.35 7.09
N LEU D 185 -27.52 37.97 5.84
CA LEU D 185 -26.96 38.71 4.71
C LEU D 185 -27.33 40.23 4.63
N MET D 186 -28.60 40.61 4.82
CA MET D 186 -29.00 42.02 4.84
C MET D 186 -28.25 42.80 5.89
N THR D 187 -28.02 42.16 7.05
CA THR D 187 -27.23 42.75 8.14
C THR D 187 -25.88 43.23 7.69
N SER D 188 -25.25 42.55 6.71
CA SER D 188 -23.93 43.02 6.21
C SER D 188 -23.94 43.83 4.92
N VAL D 189 -25.10 44.28 4.48
CA VAL D 189 -25.25 44.93 3.20
C VAL D 189 -26.08 46.23 3.35
N ALA D 190 -27.01 46.28 4.32
CA ALA D 190 -27.93 47.43 4.45
C ALA D 190 -27.33 48.46 5.41
N VAL D 191 -27.44 49.77 5.11
CA VAL D 191 -27.10 50.81 6.12
C VAL D 191 -28.04 50.68 7.34
N PRO D 192 -27.53 50.96 8.59
CA PRO D 192 -28.27 50.62 9.80
C PRO D 192 -29.70 51.20 9.83
N ALA D 193 -29.85 52.46 9.43
CA ALA D 193 -31.17 53.06 9.45
C ALA D 193 -32.17 52.33 8.60
N VAL D 194 -31.70 51.80 7.49
CA VAL D 194 -32.56 51.06 6.56
C VAL D 194 -32.79 49.66 7.15
N LEU D 195 -31.71 49.07 7.66
CA LEU D 195 -31.74 47.68 8.13
C LEU D 195 -32.91 47.49 9.07
N VAL D 196 -33.07 48.42 10.02
CA VAL D 196 -34.03 48.20 11.09
C VAL D 196 -35.47 48.49 10.66
N ARG D 197 -35.69 48.95 9.44
CA ARG D 197 -37.02 49.21 8.90
C ARG D 197 -37.39 48.17 7.85
N LEU D 198 -36.68 47.07 7.81
CA LEU D 198 -36.96 46.02 6.81
C LEU D 198 -37.87 45.02 7.52
N ASP D 199 -38.79 44.40 6.80
CA ASP D 199 -39.78 43.46 7.40
C ASP D 199 -39.57 42.10 6.83
N PHE D 200 -39.10 41.18 7.66
CA PHE D 200 -38.86 39.79 7.31
C PHE D 200 -39.97 38.87 7.79
N SER D 201 -41.12 39.41 8.15
CA SER D 201 -42.08 38.63 8.89
C SER D 201 -42.78 37.64 8.00
N ALA D 202 -43.20 36.52 8.59
CA ALA D 202 -44.03 35.55 7.85
C ALA D 202 -45.37 36.16 7.48
N GLU D 203 -45.93 37.01 8.34
CA GLU D 203 -47.19 37.69 8.00
C GLU D 203 -47.11 38.52 6.72
N ARG D 204 -46.09 39.37 6.62
CA ARG D 204 -46.03 40.19 5.38
C ARG D 204 -45.89 39.26 4.16
N SER D 205 -45.06 38.25 4.32
CA SER D 205 -44.87 37.29 3.26
C SER D 205 -46.17 36.56 2.73
N ILE D 206 -47.08 36.11 3.59
CA ILE D 206 -48.33 35.58 3.06
C ILE D 206 -49.14 36.66 2.36
N THR D 207 -49.17 37.82 2.95
CA THR D 207 -49.82 38.96 2.33
C THR D 207 -49.26 39.24 0.93
N VAL D 208 -47.94 39.29 0.77
CA VAL D 208 -47.36 39.44 -0.58
C VAL D 208 -47.79 38.28 -1.51
N TYR D 209 -47.71 37.06 -1.00
CA TYR D 209 -48.17 35.93 -1.73
C TYR D 209 -49.66 36.00 -2.20
N ASP D 210 -50.58 36.30 -1.29
CA ASP D 210 -51.99 36.36 -1.62
C ASP D 210 -52.23 37.41 -2.71
N GLU D 211 -51.86 38.66 -2.43
CA GLU D 211 -51.91 39.80 -3.39
C GLU D 211 -51.25 39.53 -4.72
N ALA D 212 -50.21 38.72 -4.74
CA ALA D 212 -49.60 38.36 -6.01
C ALA D 212 -50.48 37.38 -6.79
N MET D 213 -51.25 36.53 -6.10
CA MET D 213 -52.18 35.61 -6.79
C MET D 213 -53.38 36.35 -7.40
N ARG D 214 -53.08 37.03 -8.52
CA ARG D 214 -53.98 37.63 -9.51
C ARG D 214 -53.32 37.46 -10.90
N ARG D 215 -52.00 37.12 -10.84
CA ARG D 215 -51.01 37.13 -11.96
C ARG D 215 -51.39 38.05 -13.12
N ALA E 1 61.69 -30.98 60.20
CA ALA E 1 60.60 -31.33 61.12
C ALA E 1 59.33 -31.54 60.30
N ARG E 2 58.61 -32.63 60.58
CA ARG E 2 57.31 -32.90 59.97
C ARG E 2 56.40 -31.66 59.95
N GLN E 3 56.44 -30.88 61.02
CA GLN E 3 55.58 -29.72 61.28
C GLN E 3 55.80 -28.51 60.38
N GLU E 4 57.06 -28.10 60.26
CA GLU E 4 57.47 -27.04 59.36
C GLU E 4 57.20 -27.48 57.93
N ARG E 5 57.50 -28.75 57.60
CA ARG E 5 57.23 -29.21 56.23
C ARG E 5 55.74 -29.07 55.89
N ALA E 6 54.88 -29.48 56.81
CA ALA E 6 53.42 -29.35 56.59
C ALA E 6 52.98 -27.89 56.45
N ALA E 7 53.54 -27.00 57.26
CA ALA E 7 53.19 -25.55 57.22
C ALA E 7 53.67 -24.96 55.90
N GLN E 8 54.85 -25.41 55.43
CA GLN E 8 55.37 -24.89 54.14
C GLN E 8 54.46 -25.33 53.02
N THR E 9 54.00 -26.60 53.07
CA THR E 9 53.08 -27.08 52.04
C THR E 9 51.76 -26.33 52.08
N ARG E 10 51.29 -26.07 53.27
CA ARG E 10 50.05 -25.33 53.37
C ARG E 10 50.09 -23.89 52.79
N ARG E 11 51.11 -23.16 53.20
CA ARG E 11 51.35 -21.81 52.55
C ARG E 11 51.35 -21.90 51.06
N THR E 12 51.96 -22.97 50.51
CA THR E 12 52.02 -23.07 49.06
C THR E 12 50.67 -23.15 48.47
N ILE E 13 49.82 -23.96 49.12
CA ILE E 13 48.43 -24.23 48.69
C ILE E 13 47.60 -22.95 48.72
N VAL E 14 47.72 -22.22 49.82
CA VAL E 14 47.03 -20.93 50.01
C VAL E 14 47.52 -19.93 48.94
N ALA E 15 48.85 -19.80 48.81
CA ALA E 15 49.41 -18.87 47.79
C ALA E 15 48.98 -19.26 46.38
N ALA E 16 48.96 -20.58 46.01
CA ALA E 16 48.51 -20.96 44.65
C ALA E 16 46.97 -20.80 44.46
N ALA E 17 46.19 -21.08 45.52
CA ALA E 17 44.75 -20.91 45.46
C ALA E 17 44.49 -19.43 45.21
N ALA E 18 45.22 -18.59 45.95
CA ALA E 18 44.99 -17.16 45.85
C ALA E 18 45.20 -16.72 44.41
N ALA E 19 46.27 -17.20 43.75
CA ALA E 19 46.55 -16.84 42.34
C ALA E 19 45.43 -17.29 41.41
N VAL E 20 44.92 -18.50 41.60
CA VAL E 20 43.89 -19.01 40.70
C VAL E 20 42.57 -18.32 40.96
N PHE E 21 42.26 -18.04 42.24
CA PHE E 21 41.04 -17.25 42.52
C PHE E 21 41.17 -15.85 41.89
N ASP E 22 42.35 -15.25 41.99
CA ASP E 22 42.61 -13.98 41.31
C ASP E 22 42.33 -13.98 39.78
N GLU E 23 42.82 -15.00 39.09
CA GLU E 23 42.61 -15.12 37.66
C GLU E 23 41.19 -15.46 37.29
N LEU E 24 40.57 -16.43 37.97
CA LEU E 24 39.31 -17.05 37.52
C LEU E 24 38.07 -16.74 38.35
N GLY E 25 38.26 -16.18 39.55
CA GLY E 25 37.18 -16.04 40.53
C GLY E 25 36.77 -17.38 41.17
N TYR E 26 36.08 -17.28 42.30
CA TYR E 26 35.59 -18.41 43.06
C TYR E 26 34.93 -19.53 42.26
N GLU E 27 33.93 -19.19 41.49
CA GLU E 27 33.05 -20.21 40.91
C GLU E 27 33.82 -21.09 39.90
N ALA E 28 34.68 -20.50 39.08
CA ALA E 28 35.33 -21.27 38.07
C ALA E 28 36.63 -21.87 38.57
N THR E 29 37.09 -21.47 39.75
CA THR E 29 38.32 -21.98 40.28
C THR E 29 38.07 -23.39 40.75
N THR E 30 39.03 -24.28 40.52
CA THR E 30 38.81 -25.70 40.77
C THR E 30 39.91 -26.27 41.65
N ILE E 31 39.60 -27.26 42.48
CA ILE E 31 40.67 -27.93 43.27
C ILE E 31 41.81 -28.43 42.34
N ALA E 32 41.42 -29.06 41.22
CA ALA E 32 42.31 -29.65 40.28
C ALA E 32 43.27 -28.59 39.76
N GLU E 33 42.76 -27.40 39.48
CA GLU E 33 43.64 -26.36 38.95
C GLU E 33 44.64 -25.83 40.02
N ILE E 34 44.21 -25.82 41.26
CA ILE E 34 45.06 -25.43 42.33
C ILE E 34 46.19 -26.45 42.49
N LEU E 35 45.83 -27.73 42.41
CA LEU E 35 46.81 -28.83 42.47
C LEU E 35 47.80 -28.77 41.31
N LYS E 36 47.30 -28.53 40.12
CA LYS E 36 48.14 -28.44 38.92
C LYS E 36 49.13 -27.28 39.09
N ARG E 37 48.68 -26.19 39.69
CA ARG E 37 49.46 -24.99 39.79
C ARG E 37 50.46 -25.06 40.94
N SER E 38 50.06 -25.60 42.09
CA SER E 38 50.97 -25.74 43.23
C SER E 38 51.90 -26.98 43.12
N GLY E 39 51.61 -27.93 42.22
CA GLY E 39 52.36 -29.20 42.20
C GLY E 39 52.14 -30.13 43.41
N VAL E 40 51.20 -29.79 44.26
CA VAL E 40 50.88 -30.59 45.45
C VAL E 40 49.94 -31.80 45.14
N THR E 41 50.10 -32.92 45.83
CA THR E 41 49.12 -34.04 45.81
C THR E 41 47.72 -33.66 46.31
N LYS E 42 46.72 -34.32 45.75
CA LYS E 42 45.33 -34.24 46.21
C LYS E 42 45.22 -34.61 47.70
N GLY E 43 45.95 -35.61 48.17
CA GLY E 43 45.93 -35.97 49.61
C GLY E 43 46.47 -34.89 50.50
N ALA E 44 47.48 -34.16 50.03
CA ALA E 44 47.99 -33.07 50.88
C ALA E 44 46.92 -31.98 51.02
N LEU E 45 46.23 -31.70 49.91
CA LEU E 45 45.31 -30.59 49.92
C LEU E 45 44.11 -30.98 50.78
N TYR E 46 43.63 -32.21 50.59
CA TYR E 46 42.57 -32.75 51.49
C TYR E 46 42.97 -32.73 52.98
N PHE E 47 44.25 -32.99 53.29
CA PHE E 47 44.62 -32.97 54.69
C PHE E 47 44.50 -31.57 55.26
N HIS E 48 44.88 -30.54 54.50
CA HIS E 48 44.91 -29.13 55.00
C HIS E 48 43.57 -28.45 54.93
N PHE E 49 42.73 -28.78 53.95
CA PHE E 49 41.46 -28.04 53.74
C PHE E 49 40.23 -28.91 53.61
N THR E 50 39.15 -28.50 54.30
CA THR E 50 37.87 -29.24 54.25
C THR E 50 37.17 -29.12 52.92
N SER E 51 37.41 -28.01 52.21
CA SER E 51 36.56 -27.74 50.99
C SER E 51 37.23 -26.61 50.28
N LYS E 52 36.85 -26.40 49.03
CA LYS E 52 37.14 -25.19 48.31
C LYS E 52 36.80 -23.91 49.11
N GLU E 53 35.61 -23.90 49.71
CA GLU E 53 35.10 -22.77 50.43
C GLU E 53 36.04 -22.42 51.51
N GLN E 54 36.40 -23.40 52.36
CA GLN E 54 37.31 -23.12 53.45
C GLN E 54 38.68 -22.58 52.97
N LEU E 55 39.10 -23.05 51.80
CA LEU E 55 40.39 -22.62 51.25
C LEU E 55 40.25 -21.13 50.84
N ALA E 56 39.10 -20.78 50.23
CA ALA E 56 38.83 -19.41 49.87
C ALA E 56 38.79 -18.54 51.12
N GLN E 57 38.20 -19.02 52.21
CA GLN E 57 38.14 -18.20 53.43
C GLN E 57 39.51 -17.93 53.99
N GLU E 58 40.42 -18.91 53.83
CA GLU E 58 41.81 -18.81 54.29
C GLU E 58 42.57 -17.79 53.45
N VAL E 59 42.35 -17.75 52.15
CA VAL E 59 42.91 -16.67 51.36
C VAL E 59 42.44 -15.30 51.92
N LEU E 60 41.15 -15.17 52.25
CA LEU E 60 40.58 -13.89 52.70
C LEU E 60 41.19 -13.36 53.99
N THR E 61 41.76 -14.26 54.75
CA THR E 61 42.09 -14.06 56.13
C THR E 61 43.61 -14.05 56.31
N SER E 62 44.35 -14.40 55.27
CA SER E 62 45.77 -14.74 55.44
C SER E 62 46.64 -13.55 55.73
N GLN E 63 46.35 -12.43 55.07
CA GLN E 63 46.98 -11.19 55.48
C GLN E 63 46.67 -10.72 56.89
N LEU E 64 45.69 -11.33 57.54
CA LEU E 64 45.32 -10.93 58.86
C LEU E 64 46.33 -11.32 59.93
N ARG E 65 46.88 -12.53 59.91
CA ARG E 65 48.07 -12.78 60.75
C ARG E 65 49.39 -12.28 60.05
N ALA E 66 50.09 -11.32 60.68
CA ALA E 66 51.25 -10.59 60.08
C ALA E 66 52.60 -11.26 60.43
N GLU E 72 53.50 -2.04 65.94
CA GLU E 72 53.74 -0.94 65.00
C GLU E 72 53.49 0.41 65.63
N GLN E 73 54.51 1.22 65.84
CA GLN E 73 54.25 2.47 66.49
C GLN E 73 54.25 2.33 68.01
N ARG E 74 54.22 3.47 68.66
CA ARG E 74 53.88 3.53 70.02
C ARG E 74 52.39 3.69 69.92
N LEU E 75 51.92 4.78 69.33
CA LEU E 75 50.50 5.07 69.20
C LEU E 75 49.76 3.97 68.48
N VAL E 76 48.67 3.53 69.04
CA VAL E 76 47.88 2.50 68.41
C VAL E 76 47.33 2.89 67.02
N LEU E 77 47.05 4.16 66.77
CA LEU E 77 46.47 4.50 65.47
C LEU E 77 47.52 4.39 64.36
N GLN E 78 48.80 4.56 64.75
CA GLN E 78 49.91 4.41 63.80
C GLN E 78 49.93 2.98 63.27
N GLN E 79 49.65 2.04 64.17
CA GLN E 79 49.54 0.63 63.82
C GLN E 79 48.43 0.43 62.78
N ILE E 80 47.29 1.08 62.97
CA ILE E 80 46.20 0.98 62.02
C ILE E 80 46.64 1.52 60.65
N ILE E 81 47.29 2.69 60.63
CA ILE E 81 47.87 3.23 59.36
C ILE E 81 48.87 2.27 58.77
N ASP E 82 49.79 1.83 59.61
CA ASP E 82 50.82 0.96 59.09
C ASP E 82 50.24 -0.28 58.48
N GLU E 83 49.20 -0.92 59.05
CA GLU E 83 48.70 -2.16 58.45
C GLU E 83 47.96 -1.86 57.15
N THR E 84 47.19 -0.77 57.14
CA THR E 84 46.44 -0.41 55.96
C THR E 84 47.37 -0.03 54.80
N LEU E 85 48.43 0.72 55.08
CA LEU E 85 49.37 1.09 53.98
C LEU E 85 50.21 -0.09 53.50
N LEU E 86 50.50 -1.01 54.41
CA LEU E 86 51.18 -2.24 54.03
C LEU E 86 50.33 -3.01 53.03
N LEU E 87 49.05 -3.15 53.35
CA LEU E 87 48.13 -3.79 52.43
C LEU E 87 48.06 -3.17 51.03
N ALA E 88 47.98 -1.84 50.94
CA ALA E 88 48.05 -1.09 49.65
C ALA E 88 49.33 -1.41 48.87
N GLN E 89 50.44 -1.40 49.58
CA GLN E 89 51.74 -1.67 48.97
C GLN E 89 51.75 -3.08 48.36
N LEU E 90 51.29 -4.07 49.15
CA LEU E 90 51.26 -5.48 48.73
C LEU E 90 50.36 -5.64 47.51
N LEU E 91 49.21 -5.03 47.61
CA LEU E 91 48.29 -5.05 46.49
C LEU E 91 48.90 -4.45 45.21
N SER E 92 49.51 -3.28 45.31
CA SER E 92 49.99 -2.62 44.09
C SER E 92 51.21 -3.33 43.56
N LYS E 93 51.99 -4.04 44.40
CA LYS E 93 53.05 -4.91 43.89
C LYS E 93 52.52 -6.27 43.37
N GLY E 94 51.23 -6.54 43.53
CA GLY E 94 50.66 -7.75 42.88
C GLY E 94 50.86 -8.99 43.73
N ASP E 95 50.99 -8.84 45.05
CA ASP E 95 51.09 -10.00 45.90
C ASP E 95 49.85 -10.92 45.71
N PRO E 96 50.07 -12.20 45.35
CA PRO E 96 49.03 -13.18 45.09
C PRO E 96 47.99 -13.32 46.23
N LEU E 97 48.45 -13.49 47.49
CA LEU E 97 47.50 -13.53 48.63
C LEU E 97 46.54 -12.28 48.69
N VAL E 98 47.05 -11.05 48.51
CA VAL E 98 46.24 -9.86 48.64
C VAL E 98 45.37 -9.73 47.35
N ARG E 99 45.94 -9.96 46.17
CA ARG E 99 45.13 -9.96 44.97
C ARG E 99 43.97 -10.96 45.11
N GLY E 100 44.27 -12.18 45.60
CA GLY E 100 43.27 -13.22 45.69
C GLY E 100 42.17 -12.73 46.60
N SER E 101 42.55 -12.22 47.78
CA SER E 101 41.56 -11.88 48.77
C SER E 101 40.75 -10.67 48.35
N VAL E 102 41.36 -9.75 47.67
CA VAL E 102 40.56 -8.69 47.09
C VAL E 102 39.55 -9.08 45.96
N ARG E 103 39.87 -10.05 45.09
CA ARG E 103 38.86 -10.43 44.08
C ARG E 103 37.70 -11.23 44.74
N LEU E 104 38.01 -12.07 45.73
CA LEU E 104 36.99 -12.85 46.38
C LEU E 104 36.10 -11.93 47.14
N THR E 105 36.68 -10.84 47.66
CA THR E 105 35.93 -9.92 48.51
C THR E 105 34.88 -9.25 47.68
N VAL E 106 35.29 -8.83 46.49
CA VAL E 106 34.54 -7.85 45.75
C VAL E 106 33.56 -8.48 44.76
N GLU E 107 33.71 -9.74 44.42
CA GLU E 107 32.92 -10.26 43.31
C GLU E 107 31.63 -10.78 43.90
N PRO E 108 30.46 -10.36 43.33
CA PRO E 108 29.23 -10.91 43.91
C PRO E 108 29.09 -12.39 43.53
N GLY E 109 28.39 -13.15 44.35
CA GLY E 109 28.02 -14.52 44.00
C GLY E 109 26.55 -14.76 44.31
N ASP E 113 25.17 -20.20 44.11
CA ASP E 113 26.33 -19.63 44.79
C ASP E 113 26.70 -20.39 46.09
N GLY E 114 27.98 -20.41 46.42
CA GLY E 114 28.46 -21.10 47.61
C GLY E 114 29.64 -20.59 48.42
N LEU E 115 30.07 -19.33 48.25
CA LEU E 115 31.15 -18.80 49.10
C LEU E 115 30.65 -17.86 50.23
N ASP E 116 30.82 -18.27 51.45
CA ASP E 116 30.40 -17.44 52.56
C ASP E 116 31.54 -16.53 52.98
N ARG E 117 31.46 -15.25 52.56
CA ARG E 117 32.57 -14.30 52.88
C ARG E 117 32.47 -13.65 54.26
N ARG E 118 31.40 -13.98 55.04
CA ARG E 118 31.07 -13.15 56.18
C ARG E 118 32.04 -13.28 57.35
N ALA E 119 32.44 -14.51 57.68
CA ALA E 119 33.25 -14.67 58.91
C ALA E 119 34.61 -14.07 58.71
N PRO E 120 35.26 -14.31 57.55
CA PRO E 120 36.55 -13.69 57.27
C PRO E 120 36.49 -12.15 57.27
N MET E 121 35.48 -11.58 56.60
N MET E 121 35.48 -11.57 56.60
CA MET E 121 35.26 -10.16 56.61
CA MET E 121 35.28 -10.12 56.61
C MET E 121 35.13 -9.62 58.05
C MET E 121 35.10 -9.59 58.05
N GLN E 122 34.39 -10.36 58.86
CA GLN E 122 34.17 -10.06 60.25
C GLN E 122 35.43 -10.14 61.11
N GLU E 123 36.33 -11.02 60.74
CA GLU E 123 37.64 -11.05 61.33
C GLU E 123 38.48 -9.83 60.99
N TRP E 124 38.33 -9.28 59.81
CA TRP E 124 39.03 -8.08 59.45
C TRP E 124 38.56 -6.91 60.25
N ILE E 125 37.27 -6.76 60.29
CA ILE E 125 36.65 -5.72 61.03
C ILE E 125 36.90 -5.85 62.51
N GLY E 126 36.91 -7.07 63.04
CA GLY E 126 37.11 -7.33 64.47
C GLY E 126 38.47 -6.89 64.91
N HIS E 127 39.43 -7.12 64.04
CA HIS E 127 40.82 -6.77 64.33
C HIS E 127 40.98 -5.26 64.40
N GLY E 128 40.36 -4.52 63.47
CA GLY E 128 40.34 -3.07 63.58
C GLY E 128 39.64 -2.58 64.85
N ARG E 129 38.51 -3.24 65.19
CA ARG E 129 37.74 -2.92 66.39
C ARG E 129 38.62 -3.11 67.66
N ASP E 130 39.35 -4.23 67.74
CA ASP E 130 40.29 -4.42 68.85
C ASP E 130 41.35 -3.35 68.91
N LEU E 131 41.90 -2.91 67.77
CA LEU E 131 42.91 -1.88 67.93
C LEU E 131 42.28 -0.59 68.38
N LEU E 132 41.10 -0.26 67.85
CA LEU E 132 40.44 0.99 68.18
C LEU E 132 40.16 1.00 69.69
N ARG E 133 39.77 -0.14 70.26
CA ARG E 133 39.57 -0.20 71.72
C ARG E 133 40.83 0.11 72.51
N ARG E 134 41.96 -0.37 72.03
CA ARG E 134 43.24 -0.04 72.66
C ARG E 134 43.58 1.44 72.47
N ALA E 135 43.29 1.99 71.29
CA ALA E 135 43.42 3.40 71.03
C ALA E 135 42.58 4.23 72.05
N GLU E 136 41.33 3.84 72.22
CA GLU E 136 40.44 4.43 73.14
C GLU E 136 41.03 4.36 74.56
N ALA E 137 41.44 3.17 74.98
CA ALA E 137 42.02 3.02 76.33
C ALA E 137 43.30 3.91 76.48
N GLY E 138 43.98 4.25 75.37
CA GLY E 138 45.19 5.05 75.46
C GLY E 138 44.80 6.52 75.35
N GLY E 139 43.52 6.85 75.34
CA GLY E 139 43.15 8.25 75.09
C GLY E 139 43.36 8.81 73.70
N GLU E 140 43.42 7.95 72.67
CA GLU E 140 43.77 8.47 71.35
C GLU E 140 42.58 8.97 70.49
N LEU E 141 41.38 8.57 70.85
CA LEU E 141 40.17 8.77 70.05
C LEU E 141 39.33 9.93 70.52
N LEU E 142 38.63 10.59 69.61
CA LEU E 142 37.64 11.54 70.03
C LEU E 142 36.58 10.76 70.82
N PRO E 143 35.84 11.45 71.73
CA PRO E 143 34.89 10.75 72.61
C PRO E 143 33.60 10.41 71.88
N ARG E 144 32.84 9.46 72.40
CA ARG E 144 31.50 9.24 71.86
C ARG E 144 31.62 8.83 70.38
N LEU E 145 32.48 7.85 70.18
CA LEU E 145 32.59 7.13 68.91
C LEU E 145 32.12 5.69 69.14
N ASP E 146 31.37 5.20 68.18
CA ASP E 146 31.05 3.78 68.10
C ASP E 146 32.19 3.07 67.33
N VAL E 147 33.00 2.40 68.10
CA VAL E 147 34.23 1.77 67.68
C VAL E 147 33.98 0.67 66.62
N ASP E 148 32.88 -0.06 66.75
CA ASP E 148 32.40 -0.96 65.71
C ASP E 148 32.03 -0.27 64.39
N ALA E 149 31.33 0.86 64.49
CA ALA E 149 30.98 1.57 63.26
C ALA E 149 32.24 2.09 62.58
N VAL E 150 33.20 2.54 63.37
CA VAL E 150 34.42 3.13 62.83
C VAL E 150 35.27 2.04 62.19
N ALA E 151 35.45 0.90 62.89
CA ALA E 151 36.14 -0.26 62.27
C ALA E 151 35.51 -0.62 60.94
N ARG E 152 34.21 -0.56 60.85
CA ARG E 152 33.60 -1.07 59.64
C ARG E 152 33.86 -0.10 58.52
N MET E 153 33.88 1.18 58.88
CA MET E 153 34.16 2.32 58.02
C MET E 153 35.58 2.32 57.42
N LEU E 154 36.58 2.06 58.27
CA LEU E 154 37.96 1.91 57.81
C LEU E 154 38.16 0.84 56.72
N VAL E 155 37.53 -0.33 56.89
CA VAL E 155 37.61 -1.41 55.91
C VAL E 155 36.81 -1.01 54.69
N GLY E 156 35.66 -0.38 54.90
CA GLY E 156 34.89 0.14 53.78
C GLY E 156 35.68 1.15 52.95
N GLY E 157 36.47 1.98 53.63
CA GLY E 157 37.21 3.03 52.90
C GLY E 157 38.37 2.48 52.08
N PHE E 158 39.13 1.53 52.68
CA PHE E 158 40.16 0.78 51.94
C PHE E 158 39.62 0.05 50.69
N THR E 159 38.57 -0.75 50.84
CA THR E 159 37.90 -1.50 49.75
C THR E 159 37.41 -0.62 48.63
N GLY E 160 36.78 0.49 49.01
CA GLY E 160 36.24 1.43 48.08
C GLY E 160 37.31 2.16 47.28
N ALA E 161 38.36 2.61 47.96
CA ALA E 161 39.48 3.32 47.26
C ALA E 161 40.25 2.33 46.35
N GLN E 162 40.51 1.14 46.84
CA GLN E 162 41.06 -0.02 46.08
C GLN E 162 40.28 -0.32 44.74
N ILE E 163 38.95 -0.48 44.80
CA ILE E 163 38.09 -0.69 43.63
C ILE E 163 38.18 0.43 42.61
N LEU E 164 38.07 1.69 43.08
CA LEU E 164 38.16 2.79 42.16
C LEU E 164 39.51 2.89 41.55
N SER E 165 40.52 2.64 42.36
CA SER E 165 41.89 2.77 41.88
C SER E 165 42.10 1.71 40.79
N ASN E 166 41.51 0.54 41.00
CA ASN E 166 41.66 -0.50 40.05
C ASN E 166 41.01 -0.19 38.70
N ILE E 167 39.77 0.23 38.72
CA ILE E 167 39.00 0.61 37.53
C ILE E 167 39.64 1.75 36.78
N LEU E 168 40.08 2.78 37.48
CA LEU E 168 40.55 3.99 36.79
C LEU E 168 42.05 3.99 36.41
N THR E 169 42.85 3.16 37.05
CA THR E 169 44.30 3.27 36.83
C THR E 169 45.00 1.90 36.96
N GLY E 170 44.26 0.79 37.13
CA GLY E 170 44.96 -0.47 37.30
C GLY E 170 45.79 -0.49 38.55
N HIS E 171 45.41 0.30 39.58
CA HIS E 171 46.13 0.41 40.87
C HIS E 171 47.40 1.25 40.85
N ALA E 172 47.71 1.90 39.73
CA ALA E 172 48.92 2.75 39.75
C ALA E 172 48.86 3.82 40.87
N ASP E 173 47.65 4.28 41.21
CA ASP E 173 47.46 5.36 42.19
C ASP E 173 47.00 4.86 43.53
N LEU E 174 47.01 3.53 43.68
CA LEU E 174 46.45 2.85 44.88
C LEU E 174 46.95 3.45 46.23
N LEU E 175 48.24 3.59 46.40
CA LEU E 175 48.81 4.02 47.66
C LEU E 175 48.27 5.42 48.03
N GLU E 176 48.23 6.31 47.06
CA GLU E 176 47.85 7.68 47.36
C GLU E 176 46.40 7.74 47.66
N ARG E 177 45.58 6.96 46.98
CA ARG E 177 44.15 7.09 47.24
C ARG E 177 43.78 6.41 48.54
N VAL E 178 44.41 5.30 48.85
CA VAL E 178 44.17 4.68 50.16
C VAL E 178 44.60 5.62 51.31
N THR E 179 45.75 6.30 51.16
CA THR E 179 46.34 7.18 52.19
C THR E 179 45.43 8.38 52.41
N ASP E 180 44.93 8.91 51.30
CA ASP E 180 43.97 9.97 51.25
C ASP E 180 42.73 9.60 52.06
N MET E 181 42.12 8.46 51.70
CA MET E 181 40.91 7.97 52.37
C MET E 181 41.15 7.80 53.89
N HIS E 182 42.23 7.12 54.21
CA HIS E 182 42.59 6.86 55.59
C HIS E 182 42.89 8.11 56.37
N ARG E 183 43.65 9.03 55.78
CA ARG E 183 43.97 10.26 56.51
C ARG E 183 42.70 11.08 56.82
N HIS E 184 41.76 11.12 55.87
CA HIS E 184 40.52 11.85 56.09
C HIS E 184 39.68 11.17 57.17
N LEU E 185 39.63 9.83 57.17
CA LEU E 185 38.84 9.13 58.17
C LEU E 185 39.44 9.29 59.58
N MET E 186 40.78 9.17 59.68
CA MET E 186 41.51 9.44 60.88
C MET E 186 41.30 10.84 61.38
N THR E 187 41.29 11.82 60.48
CA THR E 187 40.99 13.19 60.90
C THR E 187 39.66 13.23 61.65
N SER E 188 38.65 12.49 61.16
CA SER E 188 37.31 12.51 61.81
C SER E 188 37.24 11.71 63.12
N VAL E 189 38.29 10.96 63.46
CA VAL E 189 38.23 10.00 64.55
C VAL E 189 39.27 10.19 65.73
N ALA E 190 40.44 10.77 65.42
CA ALA E 190 41.56 10.95 66.34
C ALA E 190 41.46 12.33 67.02
N VAL E 191 41.88 12.39 68.29
CA VAL E 191 42.04 13.70 68.96
C VAL E 191 43.17 14.43 68.26
N PRO E 192 43.00 15.76 68.07
CA PRO E 192 43.96 16.47 67.24
C PRO E 192 45.41 16.31 67.70
N ALA E 193 45.66 16.13 69.01
CA ALA E 193 47.03 16.07 69.55
C ALA E 193 47.68 14.79 69.15
N VAL E 194 46.89 13.74 68.99
CA VAL E 194 47.34 12.50 68.33
C VAL E 194 47.43 12.62 66.78
N LEU E 195 46.42 13.23 66.16
CA LEU E 195 46.39 13.30 64.72
C LEU E 195 47.69 13.92 64.17
N VAL E 196 48.17 15.02 64.78
CA VAL E 196 49.38 15.68 64.19
C VAL E 196 50.62 14.77 64.37
N ARG E 197 50.52 13.72 65.16
CA ARG E 197 51.69 12.88 65.44
C ARG E 197 51.67 11.70 64.51
N LEU E 198 50.57 11.50 63.80
CA LEU E 198 50.43 10.32 62.95
C LEU E 198 51.23 10.45 61.66
N ASP E 199 51.79 9.37 61.19
CA ASP E 199 52.65 9.44 60.01
C ASP E 199 52.06 8.65 58.81
N PHE E 200 51.62 9.37 57.78
CA PHE E 200 50.99 8.80 56.61
C PHE E 200 51.94 8.74 55.47
N SER E 201 53.22 9.04 55.69
CA SER E 201 54.15 9.22 54.56
C SER E 201 54.36 7.98 53.70
N ALA E 202 54.57 8.17 52.40
CA ALA E 202 55.13 7.07 51.57
C ALA E 202 56.42 6.52 52.24
N GLU E 203 57.30 7.43 52.69
CA GLU E 203 58.55 7.02 53.32
C GLU E 203 58.37 5.96 54.43
N ARG E 204 57.48 6.18 55.42
CA ARG E 204 57.39 5.21 56.52
C ARG E 204 56.82 3.84 56.00
N SER E 205 55.85 3.94 55.10
CA SER E 205 55.18 2.82 54.51
C SER E 205 56.15 1.90 53.68
N ILE E 206 57.11 2.56 53.01
CA ILE E 206 58.22 1.83 52.32
C ILE E 206 59.02 1.08 53.37
N THR E 207 59.38 1.72 54.45
CA THR E 207 60.15 1.00 55.49
C THR E 207 59.35 -0.17 56.06
N VAL E 208 58.08 0.03 56.35
CA VAL E 208 57.27 -1.08 56.87
C VAL E 208 57.20 -2.29 55.89
N TYR E 209 57.04 -1.97 54.60
CA TYR E 209 56.89 -2.97 53.60
C TYR E 209 58.22 -3.75 53.43
N ASP E 210 59.37 -3.05 53.43
CA ASP E 210 60.68 -3.71 53.23
C ASP E 210 60.92 -4.69 54.38
N GLU E 211 60.42 -4.32 55.57
CA GLU E 211 60.56 -5.11 56.79
C GLU E 211 59.68 -6.33 56.64
N ALA E 212 58.43 -6.15 56.22
CA ALA E 212 57.57 -7.32 56.06
C ALA E 212 58.06 -8.25 54.98
N MET E 213 58.63 -7.69 53.90
CA MET E 213 59.22 -8.52 52.82
C MET E 213 60.41 -9.36 53.30
N ARG E 214 61.18 -8.83 54.23
CA ARG E 214 62.25 -9.55 54.92
C ARG E 214 61.77 -10.81 55.62
N ARG E 215 60.69 -10.77 56.41
CA ARG E 215 60.17 -12.05 56.97
C ARG E 215 59.45 -12.97 55.96
N ARG E 216 58.65 -12.44 55.03
CA ARG E 216 57.92 -13.30 54.09
C ARG E 216 58.86 -13.94 53.04
N GLU E 217 58.72 -15.25 52.83
CA GLU E 217 59.44 -16.00 51.78
C GLU E 217 58.43 -16.67 50.83
N ALA E 218 58.57 -16.45 49.52
CA ALA E 218 57.65 -17.06 48.52
C ALA E 218 57.68 -18.60 48.65
N PRO E 219 56.50 -19.27 48.63
CA PRO E 219 56.44 -20.59 49.22
C PRO E 219 56.59 -21.75 48.22
N LEU E 220 57.32 -22.77 48.58
CA LEU E 220 57.42 -23.92 47.70
C LEU E 220 56.92 -25.06 48.54
N PRO E 221 56.23 -26.03 47.92
CA PRO E 221 55.77 -27.20 48.73
C PRO E 221 56.94 -28.04 49.34
N ALA E 222 56.68 -28.69 50.46
CA ALA E 222 57.57 -29.72 51.02
C ALA E 222 57.65 -30.94 50.04
N ALA E 223 58.84 -31.53 49.81
CA ALA E 223 59.04 -32.57 48.84
C ALA E 223 58.07 -33.74 49.04
N GLY E 224 57.74 -34.06 50.29
CA GLY E 224 56.92 -35.28 50.55
C GLY E 224 55.48 -35.08 50.07
N ASP E 225 55.13 -33.83 49.70
CA ASP E 225 53.77 -33.50 49.20
C ASP E 225 53.63 -33.21 47.72
N LEU E 226 54.69 -33.38 46.95
CA LEU E 226 54.71 -33.24 45.50
C LEU E 226 54.03 -34.35 44.76
N GLU E 227 53.24 -34.01 43.78
CA GLU E 227 52.73 -34.93 42.80
C GLU E 227 53.77 -35.47 41.83
N HIS E 228 53.76 -36.77 41.63
CA HIS E 228 54.65 -37.44 40.72
C HIS E 228 53.94 -38.07 39.59
N GLU F 4 5.01 6.96 17.52
CA GLU F 4 6.30 6.53 18.15
C GLU F 4 6.71 7.33 19.44
N ARG F 5 5.85 7.39 20.46
CA ARG F 5 6.31 7.57 21.87
C ARG F 5 6.23 6.19 22.56
N ALA F 6 6.64 5.16 21.83
CA ALA F 6 7.22 3.97 22.43
C ALA F 6 8.76 4.11 22.30
N ALA F 7 9.31 5.02 23.14
CA ALA F 7 10.67 5.02 23.73
C ALA F 7 10.41 4.51 25.15
N GLN F 8 9.18 4.06 25.32
CA GLN F 8 8.71 3.46 26.52
C GLN F 8 9.16 2.00 26.50
N THR F 9 9.17 1.40 25.32
CA THR F 9 9.64 0.04 25.19
C THR F 9 11.21 0.02 25.31
N ARG F 10 11.87 1.06 24.80
CA ARG F 10 13.27 1.31 25.15
C ARG F 10 13.57 1.30 26.70
N ARG F 11 12.76 2.05 27.47
CA ARG F 11 12.83 2.08 28.95
C ARG F 11 12.71 0.66 29.51
N THR F 12 11.75 -0.12 28.98
CA THR F 12 11.47 -1.47 29.44
C THR F 12 12.61 -2.43 29.21
N ILE F 13 13.28 -2.25 28.06
CA ILE F 13 14.36 -3.12 27.66
C ILE F 13 15.50 -2.82 28.67
N VAL F 14 15.79 -1.53 28.91
CA VAL F 14 16.91 -1.16 29.82
C VAL F 14 16.71 -1.64 31.26
N ALA F 15 15.53 -1.36 31.81
CA ALA F 15 15.15 -1.91 33.11
C ALA F 15 15.20 -3.45 33.19
N ALA F 16 14.61 -4.16 32.21
CA ALA F 16 14.63 -5.64 32.24
C ALA F 16 16.09 -6.19 32.21
N ALA F 17 16.90 -5.54 31.37
CA ALA F 17 18.30 -5.89 31.20
C ALA F 17 19.12 -5.59 32.46
N ALA F 18 18.92 -4.39 33.04
CA ALA F 18 19.52 -4.07 34.34
C ALA F 18 19.17 -5.13 35.39
N ALA F 19 17.91 -5.63 35.46
CA ALA F 19 17.52 -6.70 36.45
C ALA F 19 18.29 -8.03 36.27
N VAL F 20 18.39 -8.49 35.03
CA VAL F 20 19.09 -9.74 34.78
C VAL F 20 20.56 -9.55 35.02
N PHE F 21 21.16 -8.44 34.56
CA PHE F 21 22.57 -8.14 34.90
C PHE F 21 22.82 -8.16 36.45
N ASP F 22 21.84 -7.63 37.19
CA ASP F 22 21.89 -7.68 38.63
C ASP F 22 21.92 -9.12 39.17
N GLU F 23 21.06 -10.00 38.68
CA GLU F 23 21.11 -11.38 39.08
C GLU F 23 22.31 -12.20 38.60
N LEU F 24 22.59 -12.16 37.33
CA LEU F 24 23.50 -13.10 36.77
C LEU F 24 24.85 -12.55 36.52
N GLY F 25 24.96 -11.26 36.37
CA GLY F 25 26.23 -10.71 35.96
C GLY F 25 26.32 -10.65 34.45
N TYR F 26 27.36 -10.02 33.94
CA TYR F 26 27.49 -9.78 32.54
C TYR F 26 27.61 -11.04 31.68
N GLU F 27 28.54 -11.93 32.01
CA GLU F 27 28.84 -13.11 31.19
C GLU F 27 27.65 -14.03 31.10
N ALA F 28 26.97 -14.26 32.21
CA ALA F 28 25.90 -15.25 32.29
C ALA F 28 24.59 -14.65 31.82
N THR F 29 24.57 -13.36 31.57
CA THR F 29 23.34 -12.73 31.06
C THR F 29 23.27 -12.91 29.53
N THR F 30 22.13 -13.40 29.05
CA THR F 30 21.91 -13.50 27.61
C THR F 30 20.76 -12.58 27.16
N ILE F 31 20.85 -12.18 25.90
CA ILE F 31 19.75 -11.49 25.26
C ILE F 31 18.46 -12.29 25.30
N ALA F 32 18.56 -13.60 25.08
CA ALA F 32 17.41 -14.50 25.23
C ALA F 32 16.75 -14.29 26.58
N GLU F 33 17.52 -14.27 27.66
CA GLU F 33 16.93 -14.10 29.00
C GLU F 33 16.31 -12.71 29.19
N ILE F 34 16.97 -11.68 28.66
CA ILE F 34 16.45 -10.31 28.74
C ILE F 34 15.12 -10.17 27.93
N LEU F 35 15.01 -10.85 26.77
CA LEU F 35 13.71 -10.92 26.05
C LEU F 35 12.64 -11.68 26.84
N LYS F 36 13.02 -12.85 27.36
CA LYS F 36 12.14 -13.70 28.15
C LYS F 36 11.52 -12.86 29.28
N ARG F 37 12.34 -12.16 30.05
CA ARG F 37 11.88 -11.36 31.22
C ARG F 37 11.25 -9.97 30.88
N SER F 38 11.67 -9.34 29.80
CA SER F 38 10.95 -8.15 29.34
C SER F 38 9.72 -8.46 28.44
N GLY F 39 9.63 -9.68 27.89
CA GLY F 39 8.51 -10.04 26.96
C GLY F 39 8.39 -9.15 25.73
N VAL F 40 9.52 -8.59 25.30
CA VAL F 40 9.67 -7.81 24.05
C VAL F 40 10.27 -8.77 22.95
N THR F 41 9.98 -8.50 21.68
CA THR F 41 10.53 -9.33 20.57
C THR F 41 12.03 -9.04 20.39
N LYS F 42 12.78 -10.02 19.86
CA LYS F 42 14.20 -9.81 19.47
C LYS F 42 14.43 -8.57 18.61
N GLY F 43 13.53 -8.35 17.65
CA GLY F 43 13.57 -7.25 16.68
C GLY F 43 13.39 -5.96 17.43
N ALA F 44 12.37 -5.89 18.31
CA ALA F 44 12.21 -4.67 19.12
C ALA F 44 13.55 -4.32 19.86
N LEU F 45 14.15 -5.30 20.51
CA LEU F 45 15.41 -5.05 21.21
C LEU F 45 16.62 -4.55 20.30
N TYR F 46 16.80 -5.25 19.16
CA TYR F 46 17.79 -4.82 18.20
C TYR F 46 17.45 -3.58 17.43
N PHE F 47 16.18 -3.14 17.39
CA PHE F 47 15.90 -1.83 16.84
C PHE F 47 16.56 -0.79 17.72
N HIS F 48 16.55 -1.00 19.04
CA HIS F 48 17.17 -0.02 19.99
C HIS F 48 18.63 -0.24 20.36
N PHE F 49 19.11 -1.49 20.32
CA PHE F 49 20.50 -1.83 20.73
C PHE F 49 21.22 -2.78 19.77
N THR F 50 22.50 -2.49 19.55
CA THR F 50 23.32 -3.30 18.63
C THR F 50 23.70 -4.66 19.22
N SER F 51 23.90 -4.73 20.54
CA SER F 51 24.40 -5.99 21.19
C SER F 51 24.23 -5.96 22.69
N LYS F 52 24.48 -7.09 23.32
CA LYS F 52 24.55 -7.21 24.80
C LYS F 52 25.46 -6.14 25.34
N GLU F 53 26.60 -6.00 24.67
CA GLU F 53 27.64 -5.08 25.05
C GLU F 53 27.13 -3.61 25.04
N GLN F 54 26.43 -3.21 23.99
CA GLN F 54 25.92 -1.81 23.99
C GLN F 54 24.85 -1.61 25.09
N LEU F 55 24.01 -2.65 25.23
CA LEU F 55 22.98 -2.68 26.24
C LEU F 55 23.58 -2.56 27.65
N ALA F 56 24.60 -3.36 27.97
CA ALA F 56 25.28 -3.23 29.28
C ALA F 56 25.90 -1.85 29.47
N GLN F 57 26.55 -1.34 28.42
CA GLN F 57 27.17 -0.03 28.46
C GLN F 57 26.10 1.06 28.71
N GLU F 58 24.89 0.84 28.20
CA GLU F 58 23.76 1.72 28.57
C GLU F 58 23.41 1.66 30.08
N VAL F 59 23.20 0.45 30.62
CA VAL F 59 22.88 0.27 32.02
C VAL F 59 23.99 0.88 32.93
N LEU F 60 25.24 0.88 32.50
CA LEU F 60 26.32 1.43 33.29
C LEU F 60 26.26 2.94 33.47
N THR F 61 25.90 3.63 32.42
CA THR F 61 25.68 5.04 32.43
C THR F 61 24.26 5.18 32.91
N SER F 62 24.04 4.97 34.19
CA SER F 62 22.68 4.96 34.69
C SER F 62 22.63 5.18 36.15
N GLN F 63 23.58 4.64 36.84
CA GLN F 63 23.60 5.05 38.20
C GLN F 63 23.10 6.42 37.99
N LEU F 64 23.92 7.23 37.32
CA LEU F 64 23.80 8.67 37.39
C LEU F 64 22.46 9.05 36.90
N ARG F 65 22.31 8.82 35.63
CA ARG F 65 21.18 9.27 34.93
C ARG F 65 20.07 8.31 35.25
N ALA F 66 20.14 7.73 36.43
CA ALA F 66 19.12 6.79 36.81
C ALA F 66 18.44 7.40 37.97
N VAL F 67 19.23 8.02 38.82
CA VAL F 67 18.63 8.73 39.93
C VAL F 67 18.12 10.11 39.55
N PRO F 68 16.89 10.36 39.94
CA PRO F 68 16.08 11.49 39.50
C PRO F 68 16.65 12.77 40.01
N PRO F 69 16.45 13.91 39.37
CA PRO F 69 17.09 15.13 39.82
C PRO F 69 16.80 15.50 41.25
N VAL F 70 17.83 15.95 41.92
CA VAL F 70 17.77 16.55 43.21
C VAL F 70 17.87 18.06 43.07
N GLU F 71 16.96 18.78 43.69
CA GLU F 71 16.92 20.22 43.64
C GLU F 71 18.07 21.01 44.26
N GLU F 72 18.06 22.29 43.99
CA GLU F 72 18.96 23.22 44.61
C GLU F 72 18.63 23.33 46.10
N GLN F 73 19.65 23.31 46.92
CA GLN F 73 19.58 23.41 48.37
C GLN F 73 20.29 24.68 48.83
N ARG F 74 19.97 25.23 50.00
CA ARG F 74 20.75 26.36 50.55
C ARG F 74 22.30 26.10 50.59
N LEU F 75 22.68 24.83 50.88
CA LEU F 75 24.05 24.36 50.97
C LEU F 75 24.32 23.34 49.86
N VAL F 76 25.38 23.53 49.06
CA VAL F 76 25.60 22.66 47.92
C VAL F 76 25.93 21.27 48.48
N LEU F 77 26.65 21.25 49.62
CA LEU F 77 27.04 20.00 50.29
C LEU F 77 25.82 19.14 50.73
N GLN F 78 24.69 19.80 51.02
CA GLN F 78 23.41 19.09 51.27
C GLN F 78 22.93 18.44 49.98
N GLN F 79 23.21 19.07 48.83
CA GLN F 79 22.78 18.46 47.57
C GLN F 79 23.52 17.13 47.41
N ILE F 80 24.78 17.14 47.82
CA ILE F 80 25.64 15.96 47.66
C ILE F 80 25.18 14.84 48.58
N ILE F 81 24.87 15.21 49.82
CA ILE F 81 24.33 14.27 50.78
C ILE F 81 23.04 13.65 50.25
N ASP F 82 22.14 14.50 49.80
CA ASP F 82 20.83 14.06 49.29
C ASP F 82 20.97 13.08 48.14
N GLU F 83 21.95 13.32 47.26
CA GLU F 83 22.11 12.43 46.14
C GLU F 83 22.68 11.10 46.56
N THR F 84 23.61 11.17 47.51
CA THR F 84 24.32 9.98 47.97
C THR F 84 23.32 9.06 48.66
N LEU F 85 22.45 9.63 49.46
CA LEU F 85 21.54 8.80 50.31
C LEU F 85 20.35 8.35 49.44
N LEU F 86 20.04 9.10 48.38
CA LEU F 86 19.01 8.67 47.48
C LEU F 86 19.52 7.44 46.71
N LEU F 87 20.83 7.46 46.38
CA LEU F 87 21.43 6.34 45.71
C LEU F 87 21.45 5.15 46.67
N ALA F 88 21.75 5.39 47.95
CA ALA F 88 21.70 4.31 48.92
C ALA F 88 20.28 3.70 49.04
N GLN F 89 19.23 4.53 48.99
CA GLN F 89 17.82 4.08 49.07
C GLN F 89 17.49 3.20 47.84
N LEU F 90 17.81 3.70 46.66
CA LEU F 90 17.49 2.95 45.44
C LEU F 90 18.17 1.60 45.45
N LEU F 91 19.45 1.62 45.85
CA LEU F 91 20.22 0.38 45.88
C LEU F 91 19.57 -0.55 46.88
N SER F 92 19.13 0.04 47.96
CA SER F 92 18.69 -0.68 49.10
C SER F 92 17.36 -1.33 48.76
N LYS F 93 16.51 -0.61 48.06
CA LYS F 93 15.19 -1.10 47.77
C LYS F 93 15.09 -1.80 46.38
N GLY F 94 16.15 -2.43 45.90
CA GLY F 94 16.15 -3.18 44.64
C GLY F 94 15.76 -2.50 43.31
N ASP F 95 16.00 -1.17 43.18
CA ASP F 95 15.84 -0.49 41.89
C ASP F 95 16.78 -1.19 40.90
N PRO F 96 16.21 -1.70 39.77
CA PRO F 96 16.95 -2.52 38.82
C PRO F 96 18.09 -1.76 38.19
N LEU F 97 17.85 -0.49 37.83
CA LEU F 97 18.84 0.30 37.09
C LEU F 97 20.10 0.51 37.92
N VAL F 98 19.89 0.98 39.15
CA VAL F 98 20.96 1.17 40.09
C VAL F 98 21.64 -0.19 40.47
N ARG F 99 20.90 -1.24 40.80
CA ARG F 99 21.57 -2.52 41.13
C ARG F 99 22.39 -3.09 39.98
N GLY F 100 21.80 -3.10 38.80
CA GLY F 100 22.50 -3.59 37.61
C GLY F 100 23.75 -2.77 37.31
N SER F 101 23.59 -1.47 37.26
CA SER F 101 24.73 -0.58 37.04
C SER F 101 25.86 -0.79 38.05
N VAL F 102 25.51 -0.87 39.33
CA VAL F 102 26.50 -1.14 40.39
C VAL F 102 27.19 -2.47 40.24
N ARG F 103 26.45 -3.54 39.96
CA ARG F 103 27.08 -4.86 39.76
C ARG F 103 28.05 -4.94 38.55
N LEU F 104 27.68 -4.26 37.46
CA LEU F 104 28.49 -4.27 36.23
C LEU F 104 29.80 -3.51 36.47
N THR F 105 29.72 -2.48 37.30
CA THR F 105 30.88 -1.70 37.70
C THR F 105 31.91 -2.48 38.54
N VAL F 106 31.47 -3.24 39.54
CA VAL F 106 32.45 -3.83 40.46
C VAL F 106 32.84 -5.25 40.13
N GLU F 107 32.10 -5.94 39.31
CA GLU F 107 32.37 -7.31 39.00
C GLU F 107 33.52 -7.42 38.09
N PRO F 108 34.53 -8.18 38.49
CA PRO F 108 35.69 -8.37 37.64
C PRO F 108 35.28 -8.68 36.22
N GLY F 109 35.94 -8.00 35.32
CA GLY F 109 35.65 -8.19 33.94
C GLY F 109 36.41 -9.26 33.20
N ALA F 110 35.79 -10.40 32.96
CA ALA F 110 36.37 -11.37 32.06
C ALA F 110 37.07 -10.66 30.91
N PRO F 111 38.36 -10.93 30.79
CA PRO F 111 39.25 -10.51 29.71
C PRO F 111 38.84 -9.37 28.81
N ALA F 112 38.45 -9.73 27.59
CA ALA F 112 37.96 -8.74 26.66
C ALA F 112 36.49 -8.91 26.52
N ASP F 113 35.74 -8.40 27.48
CA ASP F 113 34.31 -8.45 27.33
C ASP F 113 33.88 -7.25 26.62
N GLY F 114 34.83 -6.34 26.44
CA GLY F 114 34.60 -5.11 25.73
C GLY F 114 33.79 -4.05 26.45
N LEU F 115 33.60 -4.19 27.74
CA LEU F 115 32.84 -3.22 28.50
C LEU F 115 33.70 -2.08 29.01
N ASP F 116 33.24 -0.85 28.89
CA ASP F 116 34.01 0.24 29.45
C ASP F 116 33.47 0.63 30.86
N ARG F 117 34.15 0.18 31.92
CA ARG F 117 33.84 0.59 33.31
C ARG F 117 34.46 1.93 33.65
N ARG F 118 35.61 2.25 33.05
CA ARG F 118 36.33 3.47 33.35
C ARG F 118 35.55 4.77 33.05
N ALA F 119 35.03 4.95 31.82
CA ALA F 119 34.35 6.22 31.44
C ALA F 119 33.10 6.57 32.27
N PRO F 120 32.24 5.57 32.62
CA PRO F 120 31.09 5.84 33.54
C PRO F 120 31.46 6.17 34.96
N MET F 121 32.48 5.50 35.49
CA MET F 121 33.03 5.89 36.79
C MET F 121 33.65 7.33 36.77
N GLN F 122 34.23 7.71 35.63
CA GLN F 122 34.72 9.04 35.45
C GLN F 122 33.56 10.05 35.43
N GLU F 123 32.37 9.64 35.01
CA GLU F 123 31.22 10.55 34.85
C GLU F 123 30.70 10.84 36.26
N TRP F 124 30.63 9.78 37.01
CA TRP F 124 30.24 9.81 38.40
C TRP F 124 31.14 10.68 39.24
N ILE F 125 32.44 10.45 39.15
CA ILE F 125 33.38 11.30 39.83
C ILE F 125 33.33 12.76 39.32
N GLY F 126 33.16 12.98 37.99
CA GLY F 126 33.16 14.37 37.42
C GLY F 126 31.93 15.11 37.92
N HIS F 127 30.84 14.39 38.15
CA HIS F 127 29.64 14.96 38.69
C HIS F 127 29.85 15.44 40.14
N GLY F 128 30.47 14.58 40.99
CA GLY F 128 30.76 14.99 42.39
C GLY F 128 31.74 16.17 42.39
N ARG F 129 32.76 16.08 41.55
CA ARG F 129 33.73 17.18 41.43
C ARG F 129 33.09 18.54 41.01
N ASP F 130 32.16 18.53 40.06
CA ASP F 130 31.35 19.74 39.73
C ASP F 130 30.63 20.32 40.96
N LEU F 131 29.90 19.48 41.71
CA LEU F 131 29.25 19.96 42.91
C LEU F 131 30.25 20.48 43.96
N LEU F 132 31.33 19.76 44.18
CA LEU F 132 32.36 20.22 45.08
C LEU F 132 32.97 21.58 44.73
N ARG F 133 33.13 21.85 43.46
CA ARG F 133 33.62 23.12 42.99
C ARG F 133 32.63 24.22 43.28
N ARG F 134 31.35 23.94 43.17
CA ARG F 134 30.33 24.89 43.51
C ARG F 134 30.30 25.12 45.01
N ALA F 135 30.48 24.07 45.77
CA ALA F 135 30.52 24.16 47.23
C ALA F 135 31.67 25.08 47.59
N GLU F 136 32.80 24.83 46.93
CA GLU F 136 33.99 25.63 47.17
C GLU F 136 33.80 27.10 46.78
N ALA F 137 33.25 27.37 45.58
CA ALA F 137 32.95 28.77 45.17
C ALA F 137 32.06 29.39 46.26
N GLY F 138 31.19 28.60 46.89
CA GLY F 138 30.31 29.20 47.87
C GLY F 138 30.85 29.20 49.29
N GLY F 139 32.15 28.93 49.44
CA GLY F 139 32.79 28.97 50.77
C GLY F 139 32.50 27.81 51.72
N GLU F 140 31.87 26.73 51.26
CA GLU F 140 31.45 25.63 52.18
C GLU F 140 32.59 24.63 52.60
N LEU F 141 33.74 24.71 51.94
CA LEU F 141 34.83 23.74 52.14
C LEU F 141 36.06 24.35 52.81
N LEU F 142 36.81 23.52 53.54
CA LEU F 142 38.12 23.89 54.02
C LEU F 142 38.99 24.46 52.88
N PRO F 143 39.89 25.38 53.22
CA PRO F 143 40.63 25.98 52.12
C PRO F 143 41.57 24.99 51.46
N ARG F 144 41.67 25.16 50.16
CA ARG F 144 42.61 24.51 49.27
C ARG F 144 42.66 23.01 49.28
N LEU F 145 41.50 22.38 49.22
CA LEU F 145 41.47 20.95 49.00
C LEU F 145 41.63 20.66 47.51
N ASP F 146 41.92 19.41 47.24
CA ASP F 146 41.95 18.90 45.89
C ASP F 146 40.55 18.31 45.61
N VAL F 147 39.76 19.06 44.86
CA VAL F 147 38.36 18.79 44.63
C VAL F 147 38.18 17.43 43.94
N ASP F 148 39.13 17.06 43.08
CA ASP F 148 39.03 15.79 42.35
C ASP F 148 39.34 14.61 43.30
N ALA F 149 40.30 14.80 44.19
CA ALA F 149 40.64 13.76 45.14
C ALA F 149 39.51 13.62 46.19
N VAL F 150 38.87 14.72 46.54
CA VAL F 150 37.74 14.61 47.43
C VAL F 150 36.56 13.86 46.77
N ALA F 151 36.24 14.20 45.50
CA ALA F 151 35.21 13.44 44.76
C ALA F 151 35.54 11.94 44.72
N ARG F 152 36.81 11.57 44.47
CA ARG F 152 37.11 10.16 44.50
C ARG F 152 36.90 9.48 45.88
N MET F 153 37.08 10.25 46.94
CA MET F 153 36.91 9.69 48.24
C MET F 153 35.41 9.47 48.49
N LEU F 154 34.58 10.43 48.13
CA LEU F 154 33.15 10.29 48.37
C LEU F 154 32.66 9.07 47.58
N VAL F 155 33.03 8.97 46.29
CA VAL F 155 32.56 7.83 45.52
C VAL F 155 33.16 6.51 45.99
N GLY F 156 34.45 6.54 46.28
CA GLY F 156 35.16 5.42 46.90
C GLY F 156 34.48 4.99 48.19
N GLY F 157 34.10 5.97 49.01
CA GLY F 157 33.50 5.70 50.31
C GLY F 157 32.17 4.99 50.20
N PHE F 158 31.36 5.48 49.27
CA PHE F 158 30.07 4.91 49.00
C PHE F 158 30.27 3.48 48.50
N THR F 159 31.23 3.30 47.62
CA THR F 159 31.40 2.01 46.97
C THR F 159 31.87 0.96 47.98
N GLY F 160 32.92 1.26 48.75
CA GLY F 160 33.37 0.38 49.82
C GLY F 160 32.27 0.09 50.86
N ALA F 161 31.52 1.11 51.36
CA ALA F 161 30.44 0.89 52.34
C ALA F 161 29.41 -0.10 51.80
N GLN F 162 29.00 0.16 50.57
CA GLN F 162 28.00 -0.58 49.88
C GLN F 162 28.46 -2.05 49.67
N ILE F 163 29.72 -2.23 49.32
CA ILE F 163 30.20 -3.60 49.16
C ILE F 163 30.18 -4.37 50.47
N LEU F 164 30.76 -3.81 51.55
CA LEU F 164 30.73 -4.48 52.86
C LEU F 164 29.30 -4.75 53.36
N SER F 165 28.41 -3.81 53.14
CA SER F 165 27.03 -3.95 53.62
C SER F 165 26.33 -5.07 52.83
N ASN F 166 26.63 -5.19 51.54
CA ASN F 166 26.08 -6.32 50.82
C ASN F 166 26.61 -7.68 51.36
N ILE F 167 27.90 -7.77 51.61
CA ILE F 167 28.44 -9.00 52.14
C ILE F 167 27.84 -9.38 53.48
N LEU F 168 27.75 -8.42 54.40
CA LEU F 168 27.44 -8.78 55.77
C LEU F 168 25.95 -8.79 56.08
N THR F 169 25.16 -8.00 55.34
CA THR F 169 23.77 -7.81 55.68
C THR F 169 22.85 -7.85 54.46
N GLY F 170 23.39 -8.18 53.27
CA GLY F 170 22.53 -8.13 52.08
C GLY F 170 21.89 -6.74 51.96
N HIS F 171 22.63 -5.72 52.40
CA HIS F 171 22.20 -4.29 52.26
C HIS F 171 21.17 -3.84 53.24
N ALA F 172 20.81 -4.71 54.18
CA ALA F 172 19.87 -4.30 55.25
C ALA F 172 20.40 -3.08 56.04
N ASP F 173 21.69 -2.95 56.27
CA ASP F 173 22.15 -1.81 57.02
C ASP F 173 22.75 -0.71 56.07
N LEU F 174 22.45 -0.74 54.78
CA LEU F 174 23.13 0.09 53.80
C LEU F 174 23.05 1.60 54.11
N LEU F 175 21.85 2.10 54.38
CA LEU F 175 21.65 3.52 54.62
C LEU F 175 22.56 4.01 55.75
N GLU F 176 22.59 3.25 56.83
CA GLU F 176 23.36 3.59 57.99
C GLU F 176 24.88 3.66 57.71
N ARG F 177 25.40 2.72 56.92
CA ARG F 177 26.81 2.59 56.70
C ARG F 177 27.25 3.66 55.76
N VAL F 178 26.48 3.85 54.70
CA VAL F 178 26.74 4.92 53.79
C VAL F 178 26.67 6.31 54.50
N THR F 179 25.68 6.51 55.38
CA THR F 179 25.54 7.76 56.09
C THR F 179 26.73 7.91 57.03
N ASP F 180 27.11 6.86 57.78
CA ASP F 180 28.34 6.96 58.64
C ASP F 180 29.59 7.42 57.84
N MET F 181 29.82 6.74 56.69
CA MET F 181 30.97 6.97 55.82
C MET F 181 30.94 8.42 55.37
N HIS F 182 29.87 8.84 54.69
CA HIS F 182 29.71 10.22 54.23
CA HIS F 182 29.84 10.23 54.22
C HIS F 182 29.79 11.25 55.33
N ARG F 183 29.25 10.94 56.48
CA ARG F 183 29.31 11.94 57.55
C ARG F 183 30.74 12.16 58.05
N HIS F 184 31.48 11.08 58.22
CA HIS F 184 32.87 11.20 58.66
C HIS F 184 33.74 11.90 57.61
N LEU F 185 33.48 11.62 56.32
CA LEU F 185 34.29 12.28 55.27
C LEU F 185 34.01 13.80 55.25
N MET F 186 32.73 14.13 55.47
CA MET F 186 32.32 15.53 55.42
C MET F 186 32.95 16.28 56.56
N THR F 187 33.11 15.61 57.65
CA THR F 187 33.71 16.25 58.77
C THR F 187 35.10 16.70 58.44
N SER F 188 35.78 15.95 57.59
CA SER F 188 37.14 16.28 57.29
C SER F 188 37.23 17.27 56.12
N VAL F 189 36.14 17.82 55.64
CA VAL F 189 36.17 18.60 54.41
C VAL F 189 35.31 19.92 54.52
N ALA F 190 34.28 19.87 55.36
CA ALA F 190 33.35 21.01 55.47
C ALA F 190 33.84 22.02 56.52
N VAL F 191 33.69 23.32 56.25
CA VAL F 191 33.80 24.31 57.33
C VAL F 191 32.79 24.05 58.45
N PRO F 192 33.17 24.39 59.70
CA PRO F 192 32.37 23.98 60.86
C PRO F 192 30.94 24.52 60.83
N ALA F 193 30.76 25.80 60.50
CA ALA F 193 29.41 26.40 60.50
C ALA F 193 28.54 25.63 59.55
N VAL F 194 29.12 25.10 58.43
CA VAL F 194 28.25 24.37 57.51
C VAL F 194 28.03 22.96 57.94
N LEU F 195 29.09 22.39 58.44
CA LEU F 195 29.08 20.95 58.73
C LEU F 195 27.89 20.66 59.67
N VAL F 196 27.70 21.53 60.64
CA VAL F 196 26.79 21.32 61.72
C VAL F 196 25.33 21.68 61.32
N ARG F 197 25.11 22.30 60.13
CA ARG F 197 23.78 22.52 59.58
C ARG F 197 23.50 21.59 58.39
N LEU F 198 24.31 20.55 58.25
CA LEU F 198 24.11 19.56 57.20
C LEU F 198 23.14 18.46 57.74
N ASP F 199 22.18 17.98 56.93
CA ASP F 199 21.20 17.05 57.48
C ASP F 199 21.38 15.62 56.91
N PHE F 200 21.84 14.74 57.81
CA PHE F 200 22.19 13.37 57.42
C PHE F 200 21.10 12.48 57.91
N SER F 201 19.97 13.04 58.33
CA SER F 201 18.97 12.17 58.98
C SER F 201 18.34 11.18 57.96
N ALA F 202 17.97 10.01 58.48
CA ALA F 202 17.11 9.05 57.77
C ALA F 202 15.76 9.68 57.42
N GLU F 203 15.27 10.57 58.29
CA GLU F 203 13.99 11.29 58.04
C GLU F 203 14.01 12.03 56.71
N ARG F 204 15.01 12.89 56.53
CA ARG F 204 15.15 13.63 55.24
C ARG F 204 15.35 12.63 54.09
N SER F 205 16.28 11.68 54.26
CA SER F 205 16.51 10.73 53.18
C SER F 205 15.18 10.04 52.75
N ILE F 206 14.32 9.71 53.72
CA ILE F 206 13.10 9.05 53.29
C ILE F 206 12.15 9.97 52.52
N THR F 207 12.06 11.22 52.96
CA THR F 207 11.28 12.24 52.24
C THR F 207 11.84 12.42 50.87
N VAL F 208 13.16 12.52 50.74
CA VAL F 208 13.77 12.70 49.39
C VAL F 208 13.44 11.51 48.48
N TYR F 209 13.59 10.29 48.99
CA TYR F 209 13.17 9.13 48.23
C TYR F 209 11.66 9.15 47.91
N ASP F 210 10.78 9.49 48.82
CA ASP F 210 9.37 9.47 48.46
C ASP F 210 9.05 10.51 47.39
N GLU F 211 9.63 11.69 47.52
CA GLU F 211 9.47 12.72 46.53
C GLU F 211 9.99 12.29 45.17
N ALA F 212 11.12 11.62 45.11
CA ALA F 212 11.61 11.10 43.87
C ALA F 212 10.65 10.15 43.18
N MET F 213 10.18 9.15 43.87
CA MET F 213 9.32 8.16 43.30
C MET F 213 8.03 8.83 42.85
N ARG F 214 7.41 9.56 43.73
CA ARG F 214 6.27 10.34 43.37
C ARG F 214 6.68 11.43 42.42
N ARG F 215 6.95 11.06 41.19
CA ARG F 215 7.46 11.99 40.23
C ARG F 215 8.11 11.03 39.30
N ARG F 216 7.47 9.87 39.23
CA ARG F 216 7.58 8.87 38.18
C ARG F 216 6.55 7.78 38.46
N ALA G 1 -53.98 34.65 -63.93
CA ALA G 1 -55.21 34.91 -63.15
C ALA G 1 -55.29 34.01 -61.87
N ARG G 2 -56.49 33.90 -61.29
CA ARG G 2 -56.70 33.25 -60.01
C ARG G 2 -56.17 31.78 -59.93
N GLN G 3 -56.35 30.99 -60.99
CA GLN G 3 -55.85 29.60 -61.10
C GLN G 3 -54.32 29.52 -61.05
N GLU G 4 -53.62 30.35 -61.84
CA GLU G 4 -52.17 30.20 -61.80
C GLU G 4 -51.67 30.68 -60.48
N ARG G 5 -52.26 31.71 -59.88
CA ARG G 5 -51.85 32.17 -58.54
C ARG G 5 -52.11 31.14 -57.44
N ALA G 6 -53.23 30.43 -57.55
CA ALA G 6 -53.56 29.41 -56.55
C ALA G 6 -52.51 28.30 -56.71
N ALA G 7 -52.14 27.96 -57.95
CA ALA G 7 -51.21 26.85 -58.19
C ALA G 7 -49.83 27.20 -57.67
N GLN G 8 -49.48 28.49 -57.70
CA GLN G 8 -48.13 28.88 -57.34
C GLN G 8 -47.98 28.83 -55.82
N THR G 9 -49.04 29.24 -55.13
CA THR G 9 -49.10 29.16 -53.65
C THR G 9 -49.08 27.73 -53.16
N ARG G 10 -49.79 26.87 -53.89
CA ARG G 10 -49.76 25.43 -53.59
C ARG G 10 -48.36 24.84 -53.73
N ARG G 11 -47.71 25.09 -54.84
CA ARG G 11 -46.32 24.60 -54.94
C ARG G 11 -45.43 25.12 -53.81
N THR G 12 -45.66 26.35 -53.37
CA THR G 12 -44.84 26.92 -52.32
C THR G 12 -45.01 26.17 -51.04
N ILE G 13 -46.25 25.81 -50.75
CA ILE G 13 -46.67 25.13 -49.53
C ILE G 13 -46.04 23.75 -49.50
N VAL G 14 -46.06 23.08 -50.65
CA VAL G 14 -45.49 21.74 -50.75
C VAL G 14 -43.97 21.80 -50.52
N ALA G 15 -43.27 22.70 -51.22
CA ALA G 15 -41.81 22.90 -51.09
C ALA G 15 -41.41 23.29 -49.68
N ALA G 16 -42.17 24.22 -49.05
CA ALA G 16 -41.84 24.61 -47.66
C ALA G 16 -42.12 23.44 -46.71
N ALA G 17 -43.20 22.68 -46.94
CA ALA G 17 -43.44 21.54 -46.06
C ALA G 17 -42.30 20.56 -46.22
N ALA G 18 -41.89 20.28 -47.47
CA ALA G 18 -40.82 19.34 -47.72
C ALA G 18 -39.54 19.72 -46.93
N ALA G 19 -39.21 21.03 -46.87
CA ALA G 19 -37.99 21.52 -46.20
C ALA G 19 -38.09 21.24 -44.71
N VAL G 20 -39.24 21.52 -44.13
CA VAL G 20 -39.45 21.35 -42.70
C VAL G 20 -39.51 19.88 -42.37
N PHE G 21 -40.17 19.07 -43.21
CA PHE G 21 -40.19 17.63 -42.91
C PHE G 21 -38.76 17.11 -42.96
N ASP G 22 -37.97 17.56 -43.95
CA ASP G 22 -36.54 17.25 -44.06
C ASP G 22 -35.74 17.58 -42.79
N GLU G 23 -35.94 18.76 -42.19
CA GLU G 23 -35.18 19.11 -41.01
C GLU G 23 -35.68 18.41 -39.76
N LEU G 24 -37.00 18.34 -39.56
CA LEU G 24 -37.57 17.94 -38.25
C LEU G 24 -38.25 16.57 -38.22
N GLY G 25 -38.43 15.96 -39.40
CA GLY G 25 -39.29 14.80 -39.51
C GLY G 25 -40.76 15.05 -39.27
N TYR G 26 -41.57 14.06 -39.63
CA TYR G 26 -43.02 14.12 -39.57
C TYR G 26 -43.59 14.59 -38.23
N GLU G 27 -43.26 13.90 -37.16
CA GLU G 27 -43.90 14.14 -35.84
C GLU G 27 -43.75 15.57 -35.35
N ALA G 28 -42.52 16.11 -35.44
CA ALA G 28 -42.19 17.42 -34.91
C ALA G 28 -42.52 18.54 -35.89
N THR G 29 -42.82 18.20 -37.15
CA THR G 29 -43.20 19.19 -38.12
C THR G 29 -44.62 19.62 -37.79
N THR G 30 -44.87 20.92 -37.90
CA THR G 30 -46.14 21.46 -37.47
C THR G 30 -46.77 22.33 -38.59
N ILE G 31 -48.10 22.38 -38.70
CA ILE G 31 -48.72 23.31 -39.71
C ILE G 31 -48.18 24.75 -39.53
N ALA G 32 -48.26 25.25 -38.30
CA ALA G 32 -47.77 26.59 -37.93
C ALA G 32 -46.35 26.86 -38.45
N GLU G 33 -45.46 25.90 -38.23
CA GLU G 33 -44.10 26.07 -38.68
C GLU G 33 -43.96 26.13 -40.23
N ILE G 34 -44.72 25.31 -40.93
CA ILE G 34 -44.78 25.39 -42.39
C ILE G 34 -45.28 26.76 -42.85
N LEU G 35 -46.25 27.31 -42.14
CA LEU G 35 -46.78 28.65 -42.47
C LEU G 35 -45.74 29.75 -42.26
N LYS G 36 -45.04 29.70 -41.13
CA LYS G 36 -43.94 30.62 -40.84
C LYS G 36 -42.84 30.55 -41.93
N ARG G 37 -42.49 29.35 -42.39
CA ARG G 37 -41.45 29.25 -43.38
C ARG G 37 -42.00 29.69 -44.73
N SER G 38 -43.25 29.39 -45.05
CA SER G 38 -43.73 29.74 -46.40
C SER G 38 -44.24 31.21 -46.49
N GLY G 39 -44.51 31.88 -45.36
CA GLY G 39 -45.19 33.16 -45.46
C GLY G 39 -46.69 33.14 -45.80
N VAL G 40 -47.27 31.96 -45.94
CA VAL G 40 -48.63 31.79 -46.46
C VAL G 40 -49.68 31.87 -45.32
N THR G 41 -50.90 32.34 -45.59
CA THR G 41 -51.99 32.29 -44.59
C THR G 41 -52.50 30.86 -44.24
N LYS G 42 -53.06 30.72 -43.06
CA LYS G 42 -53.81 29.52 -42.67
C LYS G 42 -54.94 29.26 -43.65
N GLY G 43 -55.61 30.32 -44.09
CA GLY G 43 -56.76 30.13 -45.01
C GLY G 43 -56.35 29.49 -46.31
N ALA G 44 -55.16 29.87 -46.81
CA ALA G 44 -54.75 29.33 -48.08
C ALA G 44 -54.38 27.84 -47.90
N LEU G 45 -53.76 27.55 -46.76
CA LEU G 45 -53.23 26.21 -46.54
C LEU G 45 -54.41 25.26 -46.34
N TYR G 46 -55.40 25.72 -45.57
CA TYR G 46 -56.67 24.99 -45.46
C TYR G 46 -57.38 24.69 -46.76
N PHE G 47 -57.35 25.64 -47.69
CA PHE G 47 -58.00 25.43 -48.95
C PHE G 47 -57.30 24.37 -49.78
N HIS G 48 -55.96 24.33 -49.74
CA HIS G 48 -55.16 23.36 -50.51
C HIS G 48 -55.05 21.97 -49.87
N PHE G 49 -54.97 21.88 -48.56
CA PHE G 49 -54.75 20.57 -47.91
C PHE G 49 -55.72 20.26 -46.79
N THR G 50 -56.20 19.03 -46.77
CA THR G 50 -57.13 18.59 -45.68
C THR G 50 -56.42 18.38 -44.35
N SER G 51 -55.12 18.15 -44.34
CA SER G 51 -54.49 17.75 -43.07
C SER G 51 -53.00 17.78 -43.25
N LYS G 52 -52.26 17.78 -42.16
CA LYS G 52 -50.83 17.55 -42.19
C LYS G 52 -50.43 16.27 -42.96
N GLU G 53 -51.22 15.21 -42.77
CA GLU G 53 -50.95 13.92 -43.30
C GLU G 53 -51.04 14.03 -44.82
N GLN G 54 -52.19 14.51 -45.36
CA GLN G 54 -52.28 14.69 -46.78
C GLN G 54 -51.14 15.55 -47.36
N LEU G 55 -50.72 16.56 -46.64
CA LEU G 55 -49.60 17.41 -47.14
C LEU G 55 -48.28 16.58 -47.18
N ALA G 56 -48.07 15.77 -46.15
CA ALA G 56 -46.91 14.89 -46.18
C ALA G 56 -47.00 13.92 -47.34
N GLN G 57 -48.20 13.40 -47.62
CA GLN G 57 -48.31 12.40 -48.71
C GLN G 57 -48.01 13.04 -50.06
N GLU G 58 -48.36 14.33 -50.13
CA GLU G 58 -48.17 15.08 -51.33
C GLU G 58 -46.67 15.35 -51.56
N VAL G 59 -45.94 15.62 -50.52
CA VAL G 59 -44.49 15.69 -50.64
C VAL G 59 -43.95 14.36 -51.20
N LEU G 60 -44.37 13.24 -50.61
CA LEU G 60 -43.89 11.92 -51.04
C LEU G 60 -44.11 11.63 -52.51
N THR G 61 -45.03 12.34 -53.12
CA THR G 61 -45.59 11.90 -54.38
C THR G 61 -45.25 12.94 -55.44
N SER G 62 -44.70 14.07 -55.00
CA SER G 62 -44.60 15.24 -55.91
C SER G 62 -43.61 15.07 -57.06
N GLN G 63 -42.53 14.32 -56.84
CA GLN G 63 -41.66 13.90 -57.95
C GLN G 63 -42.27 12.95 -59.02
N LEU G 64 -43.36 12.25 -58.75
CA LEU G 64 -44.05 11.53 -59.83
C LEU G 64 -44.60 12.46 -60.93
N ARG G 65 -45.28 13.56 -60.57
CA ARG G 65 -45.80 14.55 -61.56
C ARG G 65 -44.70 15.31 -62.32
N GLU G 72 -40.19 11.70 -76.02
CA GLU G 72 -40.34 10.27 -75.82
C GLU G 72 -39.04 9.56 -76.15
N GLN G 73 -38.74 8.49 -75.42
CA GLN G 73 -37.41 7.87 -75.39
C GLN G 73 -37.19 6.90 -76.57
N ARG G 74 -37.76 5.73 -76.48
CA ARG G 74 -37.73 4.84 -77.60
C ARG G 74 -37.63 3.49 -76.96
N LEU G 75 -36.74 3.37 -76.01
CA LEU G 75 -36.75 2.18 -75.23
C LEU G 75 -37.42 2.59 -73.94
N VAL G 76 -38.46 1.91 -73.56
CA VAL G 76 -39.13 2.16 -72.31
C VAL G 76 -38.20 2.04 -71.12
N LEU G 77 -37.30 1.11 -71.13
CA LEU G 77 -36.35 0.93 -70.06
C LEU G 77 -35.42 2.12 -69.86
N GLN G 78 -35.12 2.82 -70.95
CA GLN G 78 -34.28 4.04 -70.88
C GLN G 78 -35.01 5.10 -70.06
N GLN G 79 -36.34 5.11 -70.19
CA GLN G 79 -37.14 6.04 -69.46
C GLN G 79 -37.05 5.69 -67.94
N ILE G 80 -37.07 4.40 -67.59
CA ILE G 80 -36.90 4.01 -66.17
C ILE G 80 -35.52 4.47 -65.68
N ILE G 81 -34.46 4.20 -66.45
CA ILE G 81 -33.13 4.76 -66.09
C ILE G 81 -33.17 6.27 -65.93
N ASP G 82 -33.72 6.96 -66.92
CA ASP G 82 -33.68 8.41 -66.91
C ASP G 82 -34.38 8.96 -65.69
N GLU G 83 -35.50 8.35 -65.22
CA GLU G 83 -36.21 8.86 -64.03
C GLU G 83 -35.41 8.59 -62.78
N THR G 84 -34.85 7.38 -62.68
CA THR G 84 -34.16 7.02 -61.47
C THR G 84 -32.90 7.92 -61.27
N LEU G 85 -32.14 8.11 -62.34
CA LEU G 85 -30.92 8.94 -62.26
C LEU G 85 -31.26 10.43 -62.06
N LEU G 86 -32.35 10.92 -62.67
CA LEU G 86 -32.87 12.26 -62.36
C LEU G 86 -33.11 12.43 -60.87
N LEU G 87 -33.78 11.44 -60.28
CA LEU G 87 -34.06 11.42 -58.85
C LEU G 87 -32.80 11.48 -57.99
N ALA G 88 -31.77 10.69 -58.32
CA ALA G 88 -30.44 10.74 -57.63
C ALA G 88 -29.77 12.11 -57.76
N GLN G 89 -29.80 12.66 -58.94
CA GLN G 89 -29.18 13.97 -59.18
C GLN G 89 -29.85 15.05 -58.31
N LEU G 90 -31.21 15.05 -58.32
CA LEU G 90 -31.99 16.01 -57.53
C LEU G 90 -31.67 15.86 -56.05
N LEU G 91 -31.61 14.62 -55.63
CA LEU G 91 -31.32 14.38 -54.24
C LEU G 91 -29.91 14.86 -53.90
N SER G 92 -28.93 14.63 -54.78
CA SER G 92 -27.56 14.96 -54.34
C SER G 92 -27.34 16.45 -54.40
N LYS G 93 -28.10 17.18 -55.23
CA LYS G 93 -28.07 18.65 -55.21
C LYS G 93 -28.94 19.21 -54.08
N GLY G 94 -29.60 18.37 -53.29
CA GLY G 94 -30.38 18.86 -52.15
C GLY G 94 -31.74 19.49 -52.54
N ASP G 95 -32.33 19.13 -53.66
CA ASP G 95 -33.70 19.54 -53.93
C ASP G 95 -34.57 19.23 -52.68
N PRO G 96 -35.27 20.25 -52.15
CA PRO G 96 -36.08 20.17 -50.94
C PRO G 96 -37.22 19.12 -51.06
N LEU G 97 -37.96 19.13 -52.16
CA LEU G 97 -38.98 18.11 -52.39
C LEU G 97 -38.45 16.64 -52.30
N VAL G 98 -37.32 16.34 -52.97
CA VAL G 98 -36.74 15.01 -52.91
C VAL G 98 -36.18 14.72 -51.51
N ARG G 99 -35.48 15.67 -50.91
CA ARG G 99 -34.97 15.44 -49.57
C ARG G 99 -36.15 15.17 -48.62
N GLY G 100 -37.22 15.97 -48.72
CA GLY G 100 -38.30 15.82 -47.76
C GLY G 100 -38.89 14.44 -47.95
N SER G 101 -39.04 14.06 -49.19
CA SER G 101 -39.77 12.84 -49.46
C SER G 101 -38.93 11.59 -49.15
N VAL G 102 -37.64 11.68 -49.37
CA VAL G 102 -36.74 10.68 -48.82
C VAL G 102 -36.71 10.56 -47.27
N ARG G 103 -36.77 11.65 -46.51
CA ARG G 103 -36.80 11.50 -45.04
C ARG G 103 -38.14 10.91 -44.57
N LEU G 104 -39.26 11.32 -45.15
CA LEU G 104 -40.56 10.79 -44.77
C LEU G 104 -40.65 9.32 -45.10
N THR G 105 -40.05 8.90 -46.21
CA THR G 105 -40.02 7.50 -46.62
C THR G 105 -39.36 6.64 -45.58
N VAL G 106 -38.19 7.07 -45.15
CA VAL G 106 -37.27 6.22 -44.37
C VAL G 106 -37.47 6.24 -42.85
N GLU G 107 -38.05 7.29 -42.31
CA GLU G 107 -38.32 7.45 -40.91
C GLU G 107 -39.14 6.37 -40.37
N PRO G 108 -38.66 5.63 -39.40
CA PRO G 108 -39.52 4.69 -38.71
C PRO G 108 -40.71 5.44 -38.14
N GLY G 109 -41.88 4.89 -38.36
CA GLY G 109 -43.11 5.55 -38.01
C GLY G 109 -43.42 5.49 -36.55
N ALA G 110 -43.36 6.67 -35.91
CA ALA G 110 -43.58 6.87 -34.48
C ALA G 110 -44.64 5.98 -33.88
N PRO G 111 -44.34 5.45 -32.69
CA PRO G 111 -45.16 4.47 -32.02
C PRO G 111 -46.38 5.15 -31.49
N ALA G 112 -47.50 5.05 -32.21
CA ALA G 112 -47.57 4.21 -33.37
C ALA G 112 -48.00 4.96 -34.64
N ASP G 113 -49.16 5.60 -34.58
CA ASP G 113 -49.83 6.09 -35.79
C ASP G 113 -49.89 7.59 -36.07
N GLY G 114 -49.07 8.02 -37.02
CA GLY G 114 -49.15 9.35 -37.59
C GLY G 114 -49.39 9.36 -39.09
N LEU G 115 -48.37 9.04 -39.86
CA LEU G 115 -48.39 9.20 -41.28
C LEU G 115 -48.49 7.89 -42.00
N ASP G 116 -49.55 7.73 -42.76
CA ASP G 116 -49.75 6.58 -43.65
C ASP G 116 -48.90 6.70 -44.92
N ARG G 117 -47.75 6.00 -45.01
CA ARG G 117 -46.87 6.19 -46.20
C ARG G 117 -47.23 5.27 -47.37
N ARG G 118 -48.26 4.42 -47.18
CA ARG G 118 -48.48 3.30 -48.12
C ARG G 118 -48.95 3.71 -49.48
N ALA G 119 -49.97 4.56 -49.53
CA ALA G 119 -50.57 4.87 -50.83
C ALA G 119 -49.52 5.58 -51.68
N PRO G 120 -48.77 6.54 -51.09
CA PRO G 120 -47.74 7.14 -51.94
C PRO G 120 -46.64 6.20 -52.41
N MET G 121 -46.18 5.29 -51.56
CA MET G 121 -45.22 4.27 -52.03
C MET G 121 -45.76 3.45 -53.20
N GLN G 122 -47.04 3.15 -53.07
CA GLN G 122 -47.74 2.35 -54.01
C GLN G 122 -47.96 3.11 -55.33
N GLU G 123 -48.12 4.41 -55.27
CA GLU G 123 -48.06 5.16 -56.51
C GLU G 123 -46.66 5.09 -57.11
N TRP G 124 -45.62 5.10 -56.30
CA TRP G 124 -44.24 5.01 -56.84
C TRP G 124 -44.01 3.69 -57.54
N ILE G 125 -44.33 2.60 -56.88
CA ILE G 125 -44.20 1.28 -57.45
C ILE G 125 -45.09 1.10 -58.68
N GLY G 126 -46.33 1.65 -58.64
CA GLY G 126 -47.31 1.50 -59.72
C GLY G 126 -46.79 2.09 -61.00
N HIS G 127 -46.13 3.22 -60.85
CA HIS G 127 -45.59 3.92 -62.06
C HIS G 127 -44.45 3.09 -62.65
N GLY G 128 -43.56 2.53 -61.81
CA GLY G 128 -42.58 1.53 -62.32
C GLY G 128 -43.25 0.37 -63.11
N ARG G 129 -44.26 -0.21 -62.46
CA ARG G 129 -45.01 -1.35 -62.98
C ARG G 129 -45.66 -1.01 -64.35
N ASP G 130 -46.31 0.15 -64.46
CA ASP G 130 -46.87 0.59 -65.75
C ASP G 130 -45.77 0.71 -66.81
N LEU G 131 -44.62 1.28 -66.49
CA LEU G 131 -43.56 1.33 -67.50
C LEU G 131 -43.10 -0.07 -67.85
N LEU G 132 -42.93 -0.93 -66.82
CA LEU G 132 -42.50 -2.28 -67.11
C LEU G 132 -43.47 -3.00 -68.04
N ARG G 133 -44.78 -2.87 -67.81
CA ARG G 133 -45.77 -3.45 -68.75
C ARG G 133 -45.60 -2.97 -70.17
N ARG G 134 -45.35 -1.68 -70.37
CA ARG G 134 -45.06 -1.18 -71.73
C ARG G 134 -43.75 -1.75 -72.28
N ALA G 135 -42.71 -1.88 -71.44
CA ALA G 135 -41.49 -2.54 -71.82
C ALA G 135 -41.77 -3.97 -72.33
N GLU G 136 -42.56 -4.70 -71.56
CA GLU G 136 -43.00 -6.02 -71.91
C GLU G 136 -43.72 -6.08 -73.27
N ALA G 137 -44.72 -5.22 -73.45
CA ALA G 137 -45.39 -5.13 -74.76
C ALA G 137 -44.37 -4.77 -75.85
N GLY G 138 -43.29 -4.04 -75.52
CA GLY G 138 -42.32 -3.69 -76.56
C GLY G 138 -41.30 -4.82 -76.76
N GLY G 139 -41.46 -5.97 -76.11
CA GLY G 139 -40.38 -6.98 -76.20
C GLY G 139 -39.08 -6.63 -75.47
N GLU G 140 -39.09 -5.68 -74.52
CA GLU G 140 -37.81 -5.30 -73.93
C GLU G 140 -37.29 -6.22 -72.83
N LEU G 141 -38.20 -6.93 -72.18
CA LEU G 141 -37.94 -7.73 -70.98
C LEU G 141 -37.67 -9.20 -71.21
N LEU G 142 -36.84 -9.79 -70.36
CA LEU G 142 -36.73 -11.24 -70.32
C LEU G 142 -38.12 -11.80 -70.02
N PRO G 143 -38.40 -13.01 -70.52
CA PRO G 143 -39.74 -13.62 -70.34
C PRO G 143 -39.84 -14.07 -68.88
N ARG G 144 -41.06 -14.34 -68.42
CA ARG G 144 -41.15 -15.06 -67.13
C ARG G 144 -40.73 -14.16 -65.97
N LEU G 145 -41.08 -12.87 -66.12
CA LEU G 145 -40.86 -11.91 -65.05
C LEU G 145 -42.18 -11.48 -64.43
N ASP G 146 -42.16 -11.34 -63.12
CA ASP G 146 -43.26 -10.77 -62.39
C ASP G 146 -43.00 -9.29 -62.31
N VAL G 147 -43.71 -8.52 -63.13
CA VAL G 147 -43.42 -7.10 -63.25
C VAL G 147 -43.68 -6.30 -61.97
N ASP G 148 -44.61 -6.77 -61.15
CA ASP G 148 -44.84 -6.18 -59.82
C ASP G 148 -43.70 -6.41 -58.86
N ALA G 149 -43.15 -7.62 -58.87
CA ALA G 149 -42.01 -7.91 -58.03
C ALA G 149 -40.82 -7.08 -58.51
N VAL G 150 -40.64 -6.96 -59.82
CA VAL G 150 -39.52 -6.19 -60.35
C VAL G 150 -39.67 -4.69 -60.05
N ALA G 151 -40.86 -4.12 -60.22
CA ALA G 151 -41.05 -2.70 -59.84
C ALA G 151 -40.67 -2.47 -58.37
N ARG G 152 -41.00 -3.41 -57.54
CA ARG G 152 -40.80 -3.17 -56.14
C ARG G 152 -39.32 -3.25 -55.84
N MET G 153 -38.63 -4.10 -56.58
CA MET G 153 -37.22 -4.27 -56.50
C MET G 153 -36.47 -3.01 -56.89
N LEU G 154 -36.87 -2.40 -58.03
CA LEU G 154 -36.25 -1.19 -58.53
C LEU G 154 -36.33 -0.07 -57.47
N VAL G 155 -37.51 0.14 -56.89
CA VAL G 155 -37.70 1.16 -55.86
C VAL G 155 -36.89 0.76 -54.64
N GLY G 156 -36.89 -0.52 -54.30
CA GLY G 156 -36.08 -0.95 -53.12
C GLY G 156 -34.58 -0.75 -53.34
N GLY G 157 -34.12 -0.93 -54.59
CA GLY G 157 -32.70 -0.75 -54.94
C GLY G 157 -32.29 0.73 -54.80
N PHE G 158 -33.12 1.62 -55.37
CA PHE G 158 -32.92 3.05 -55.17
C PHE G 158 -32.77 3.53 -53.70
N THR G 159 -33.79 3.23 -52.89
CA THR G 159 -33.88 3.54 -51.46
C THR G 159 -32.72 3.04 -50.64
N GLY G 160 -32.31 1.80 -50.89
CA GLY G 160 -31.24 1.18 -50.17
C GLY G 160 -29.89 1.76 -50.51
N ALA G 161 -29.63 1.97 -51.80
CA ALA G 161 -28.38 2.63 -52.24
C ALA G 161 -28.29 4.08 -51.73
N GLN G 162 -29.38 4.82 -51.85
CA GLN G 162 -29.57 6.16 -51.22
C GLN G 162 -29.20 6.24 -49.68
N ILE G 163 -29.79 5.36 -48.86
CA ILE G 163 -29.55 5.32 -47.44
C ILE G 163 -28.11 5.00 -47.13
N LEU G 164 -27.52 4.01 -47.83
CA LEU G 164 -26.11 3.75 -47.60
C LEU G 164 -25.22 4.87 -48.05
N SER G 165 -25.58 5.49 -49.18
CA SER G 165 -24.77 6.62 -49.73
C SER G 165 -24.76 7.77 -48.69
N ASN G 166 -25.88 7.94 -48.04
CA ASN G 166 -26.01 9.00 -47.03
C ASN G 166 -25.19 8.76 -45.79
N ILE G 167 -25.34 7.58 -45.21
CA ILE G 167 -24.57 7.12 -44.06
C ILE G 167 -23.07 7.21 -44.28
N LEU G 168 -22.56 6.65 -45.38
CA LEU G 168 -21.10 6.56 -45.56
C LEU G 168 -20.44 7.78 -46.22
N THR G 169 -21.19 8.61 -46.94
CA THR G 169 -20.54 9.71 -47.65
C THR G 169 -21.40 11.00 -47.68
N GLY G 170 -22.56 11.07 -47.02
CA GLY G 170 -23.34 12.27 -47.10
C GLY G 170 -23.83 12.52 -48.52
N HIS G 171 -24.06 11.43 -49.30
CA HIS G 171 -24.51 11.46 -50.69
C HIS G 171 -23.47 11.88 -51.74
N ALA G 172 -22.20 12.03 -51.37
CA ALA G 172 -21.22 12.45 -52.40
C ALA G 172 -21.14 11.39 -53.51
N ASP G 173 -21.27 10.10 -53.15
CA ASP G 173 -21.22 8.99 -54.12
C ASP G 173 -22.60 8.50 -54.65
N LEU G 174 -23.66 9.26 -54.34
CA LEU G 174 -25.05 8.84 -54.61
C LEU G 174 -25.30 8.45 -56.09
N LEU G 175 -24.89 9.26 -57.04
CA LEU G 175 -25.18 8.95 -58.41
C LEU G 175 -24.52 7.60 -58.81
N GLU G 176 -23.29 7.36 -58.33
CA GLU G 176 -22.57 6.20 -58.79
C GLU G 176 -23.18 4.99 -58.18
N ARG G 177 -23.57 5.08 -56.92
CA ARG G 177 -24.11 3.89 -56.24
C ARG G 177 -25.50 3.55 -56.79
N VAL G 178 -26.30 4.57 -57.03
CA VAL G 178 -27.62 4.35 -57.63
C VAL G 178 -27.48 3.72 -59.04
N THR G 179 -26.51 4.20 -59.83
CA THR G 179 -26.37 3.78 -61.22
C THR G 179 -25.90 2.31 -61.22
N ASP G 180 -25.04 2.01 -60.25
CA ASP G 180 -24.57 0.69 -60.07
C ASP G 180 -25.67 -0.30 -59.76
N MET G 181 -26.45 0.03 -58.73
CA MET G 181 -27.59 -0.76 -58.34
C MET G 181 -28.57 -0.96 -59.56
N HIS G 182 -28.89 0.11 -60.23
CA HIS G 182 -29.83 0.02 -61.33
C HIS G 182 -29.30 -0.74 -62.52
N ARG G 183 -28.05 -0.52 -62.85
CA ARG G 183 -27.47 -1.28 -63.95
C ARG G 183 -27.45 -2.78 -63.67
N HIS G 184 -27.13 -3.18 -62.44
CA HIS G 184 -27.12 -4.61 -62.11
C HIS G 184 -28.54 -5.17 -62.12
N LEU G 185 -29.52 -4.42 -61.62
CA LEU G 185 -30.89 -4.91 -61.63
C LEU G 185 -31.45 -5.06 -63.08
N MET G 186 -31.15 -4.06 -63.92
CA MET G 186 -31.50 -4.06 -65.32
C MET G 186 -30.84 -5.20 -66.05
N THR G 187 -29.58 -5.45 -65.74
CA THR G 187 -28.92 -6.64 -66.28
C THR G 187 -29.77 -7.89 -66.02
N SER G 188 -30.32 -8.02 -64.82
CA SER G 188 -31.13 -9.25 -64.53
C SER G 188 -32.53 -9.30 -65.15
N VAL G 189 -32.99 -8.22 -65.80
CA VAL G 189 -34.36 -8.02 -66.26
C VAL G 189 -34.58 -7.77 -67.81
N ALA G 190 -33.57 -7.12 -68.43
CA ALA G 190 -33.62 -6.74 -69.84
C ALA G 190 -33.05 -7.88 -70.72
N VAL G 191 -33.65 -8.07 -71.90
CA VAL G 191 -33.04 -8.94 -72.89
C VAL G 191 -31.74 -8.31 -73.33
N PRO G 192 -30.73 -9.16 -73.58
CA PRO G 192 -29.41 -8.64 -73.84
C PRO G 192 -29.32 -7.64 -74.97
N ALA G 193 -30.18 -7.74 -76.00
CA ALA G 193 -30.11 -6.85 -77.17
C ALA G 193 -30.59 -5.45 -76.82
N VAL G 194 -31.45 -5.38 -75.82
CA VAL G 194 -31.84 -4.10 -75.20
C VAL G 194 -30.80 -3.59 -74.18
N LEU G 195 -30.31 -4.45 -73.31
CA LEU G 195 -29.32 -4.09 -72.30
C LEU G 195 -28.18 -3.34 -72.94
N VAL G 196 -27.63 -3.84 -74.06
CA VAL G 196 -26.47 -3.14 -74.65
C VAL G 196 -26.86 -1.75 -75.21
N ARG G 197 -28.14 -1.48 -75.44
CA ARG G 197 -28.52 -0.21 -76.02
C ARG G 197 -28.84 0.80 -74.94
N LEU G 198 -28.79 0.39 -73.67
CA LEU G 198 -29.25 1.28 -72.62
C LEU G 198 -28.11 2.19 -72.19
N ASP G 199 -28.45 3.38 -71.73
CA ASP G 199 -27.43 4.39 -71.47
C ASP G 199 -27.48 4.80 -70.00
N PHE G 200 -26.47 4.38 -69.24
CA PHE G 200 -26.38 4.64 -67.82
C PHE G 200 -25.43 5.77 -67.58
N SER G 201 -24.93 6.44 -68.60
CA SER G 201 -23.81 7.42 -68.41
C SER G 201 -24.12 8.63 -67.49
N ALA G 202 -23.09 9.12 -66.79
CA ALA G 202 -23.26 10.37 -66.04
C ALA G 202 -23.64 11.45 -67.07
N GLU G 203 -23.04 11.39 -68.25
CA GLU G 203 -23.33 12.34 -69.32
C GLU G 203 -24.82 12.48 -69.72
N ARG G 204 -25.52 11.36 -69.97
CA ARG G 204 -26.92 11.50 -70.38
C ARG G 204 -27.80 12.05 -69.19
N SER G 205 -27.47 11.55 -68.00
CA SER G 205 -28.14 11.94 -66.80
C SER G 205 -28.04 13.48 -66.52
N ILE G 206 -26.87 14.05 -66.85
CA ILE G 206 -26.62 15.49 -66.73
C ILE G 206 -27.53 16.26 -67.66
N THR G 207 -27.65 15.81 -68.90
CA THR G 207 -28.54 16.41 -69.87
C THR G 207 -29.98 16.34 -69.43
N VAL G 208 -30.39 15.21 -68.90
CA VAL G 208 -31.76 15.10 -68.44
C VAL G 208 -32.08 16.07 -67.27
N TYR G 209 -31.15 16.18 -66.33
CA TYR G 209 -31.27 17.03 -65.19
C TYR G 209 -31.29 18.49 -65.63
N ASP G 210 -30.34 18.93 -66.48
CA ASP G 210 -30.34 20.34 -66.90
C ASP G 210 -31.67 20.67 -67.57
N GLU G 211 -32.27 19.70 -68.27
CA GLU G 211 -33.52 19.93 -68.98
C GLU G 211 -34.70 20.00 -67.99
N ALA G 212 -34.69 19.13 -66.99
CA ALA G 212 -35.72 19.20 -65.96
C ALA G 212 -35.65 20.50 -65.17
N MET G 213 -34.42 20.99 -64.91
CA MET G 213 -34.20 22.29 -64.23
C MET G 213 -34.76 23.47 -65.05
N ARG G 214 -34.56 23.46 -66.36
CA ARG G 214 -35.21 24.40 -67.28
C ARG G 214 -36.71 24.52 -67.04
N ARG G 215 -37.41 23.43 -66.80
CA ARG G 215 -38.82 23.51 -66.38
C ARG G 215 -39.03 23.99 -64.96
N ARG G 216 -38.62 23.20 -63.98
CA ARG G 216 -38.63 23.54 -62.57
C ARG G 216 -38.35 25.01 -62.33
N GLU G 217 -39.11 25.60 -61.41
CA GLU G 217 -38.83 26.92 -60.86
C GLU G 217 -39.13 27.02 -59.37
N ALA G 218 -38.22 27.60 -58.62
CA ALA G 218 -38.43 27.74 -57.19
C ALA G 218 -39.69 28.53 -56.86
N PRO G 219 -40.44 28.06 -55.91
CA PRO G 219 -41.80 28.52 -55.75
C PRO G 219 -41.89 29.69 -54.77
N LEU G 220 -42.63 30.71 -55.11
CA LEU G 220 -42.90 31.82 -54.20
C LEU G 220 -44.41 31.92 -54.17
N PRO G 221 -44.97 32.22 -52.99
CA PRO G 221 -46.44 32.30 -52.91
C PRO G 221 -47.08 33.47 -53.73
N ALA G 222 -48.33 33.32 -54.16
CA ALA G 222 -49.08 34.41 -54.74
C ALA G 222 -49.33 35.44 -53.65
N ALA G 223 -49.11 36.73 -53.92
CA ALA G 223 -49.27 37.79 -52.95
C ALA G 223 -50.59 37.79 -52.20
N GLY G 224 -51.67 37.33 -52.83
CA GLY G 224 -52.97 37.32 -52.16
C GLY G 224 -53.01 36.31 -51.02
N ASP G 225 -52.07 35.36 -51.00
CA ASP G 225 -52.02 34.33 -49.92
C ASP G 225 -50.93 34.53 -48.89
N LEU G 226 -50.38 35.75 -48.80
CA LEU G 226 -49.35 36.09 -47.80
C LEU G 226 -49.95 36.53 -46.50
N GLU G 227 -49.42 36.02 -45.43
CA GLU G 227 -49.78 36.41 -44.08
C GLU G 227 -49.54 37.93 -43.74
N HIS G 228 -50.60 38.55 -43.20
CA HIS G 228 -50.72 40.00 -42.88
C HIS G 228 -51.64 40.23 -41.68
N GLN H 3 -20.73 -15.17 -9.30
CA GLN H 3 -21.32 -14.79 -10.62
C GLN H 3 -20.28 -14.76 -11.78
N GLU H 4 -19.81 -15.95 -12.20
CA GLU H 4 -19.13 -16.14 -13.50
C GLU H 4 -20.07 -15.79 -14.70
N ARG H 5 -21.30 -15.34 -14.40
CA ARG H 5 -22.32 -14.87 -15.37
C ARG H 5 -22.73 -13.36 -15.13
N ALA H 6 -21.71 -12.50 -15.07
CA ALA H 6 -21.91 -11.08 -15.29
C ALA H 6 -21.98 -10.79 -16.82
N ALA H 7 -21.46 -11.71 -17.67
CA ALA H 7 -21.63 -11.61 -19.15
C ALA H 7 -23.10 -11.85 -19.52
N GLN H 8 -23.82 -12.51 -18.61
CA GLN H 8 -25.23 -12.86 -18.77
C GLN H 8 -26.10 -11.63 -18.53
N THR H 9 -25.82 -10.89 -17.48
CA THR H 9 -26.57 -9.66 -17.25
C THR H 9 -26.20 -8.57 -18.32
N ARG H 10 -24.96 -8.57 -18.81
CA ARG H 10 -24.58 -7.74 -19.95
C ARG H 10 -25.43 -8.06 -21.20
N ARG H 11 -25.57 -9.36 -21.50
CA ARG H 11 -26.44 -9.87 -22.57
C ARG H 11 -27.84 -9.29 -22.40
N THR H 12 -28.41 -9.37 -21.19
CA THR H 12 -29.81 -8.97 -21.02
C THR H 12 -30.05 -7.46 -21.06
N ILE H 13 -29.00 -6.71 -20.70
CA ILE H 13 -29.01 -5.26 -20.84
C ILE H 13 -29.02 -4.89 -22.36
N VAL H 14 -28.18 -5.53 -23.18
CA VAL H 14 -28.12 -5.25 -24.64
C VAL H 14 -29.43 -5.60 -25.35
N ALA H 15 -29.95 -6.79 -25.06
CA ALA H 15 -31.27 -7.21 -25.56
C ALA H 15 -32.43 -6.28 -25.15
N ALA H 16 -32.50 -5.89 -23.86
CA ALA H 16 -33.60 -5.04 -23.44
C ALA H 16 -33.49 -3.65 -24.08
N ALA H 17 -32.25 -3.17 -24.17
CA ALA H 17 -31.96 -1.89 -24.80
C ALA H 17 -32.28 -1.92 -26.32
N ALA H 18 -31.82 -2.97 -27.00
CA ALA H 18 -32.20 -3.18 -28.38
C ALA H 18 -33.72 -3.14 -28.55
N ALA H 19 -34.52 -3.84 -27.71
CA ALA H 19 -36.02 -3.73 -27.77
C ALA H 19 -36.61 -2.32 -27.64
N VAL H 20 -36.19 -1.60 -26.60
CA VAL H 20 -36.71 -0.26 -26.48
C VAL H 20 -36.23 0.60 -27.62
N PHE H 21 -34.95 0.52 -28.03
CA PHE H 21 -34.51 1.30 -29.24
C PHE H 21 -35.38 0.98 -30.49
N ASP H 22 -35.80 -0.29 -30.60
CA ASP H 22 -36.66 -0.69 -31.70
C ASP H 22 -38.05 -0.01 -31.63
N GLU H 23 -38.73 -0.07 -30.47
CA GLU H 23 -39.99 0.67 -30.27
C GLU H 23 -39.98 2.23 -30.33
N LEU H 24 -39.12 2.90 -29.58
CA LEU H 24 -39.10 4.37 -29.55
C LEU H 24 -37.89 4.61 -30.37
N GLY H 25 -37.53 5.79 -30.78
CA GLY H 25 -36.20 5.66 -31.50
C GLY H 25 -35.01 5.80 -30.53
N TYR H 26 -33.84 6.22 -31.01
CA TYR H 26 -32.74 6.63 -30.13
C TYR H 26 -33.13 7.76 -29.13
N GLU H 27 -33.73 8.85 -29.61
CA GLU H 27 -33.90 10.03 -28.80
C GLU H 27 -34.91 9.80 -27.72
N ALA H 28 -36.02 9.16 -28.08
CA ALA H 28 -37.12 8.91 -27.15
C ALA H 28 -36.82 7.75 -26.20
N THR H 29 -35.75 7.01 -26.44
CA THR H 29 -35.36 5.92 -25.50
C THR H 29 -34.61 6.51 -24.28
N THR H 30 -35.00 6.07 -23.09
CA THR H 30 -34.21 6.44 -21.90
C THR H 30 -33.58 5.24 -21.17
N ILE H 31 -32.48 5.52 -20.46
CA ILE H 31 -31.94 4.53 -19.55
C ILE H 31 -32.97 4.05 -18.52
N ALA H 32 -33.75 4.96 -17.93
CA ALA H 32 -34.82 4.58 -17.00
C ALA H 32 -35.73 3.52 -17.63
N GLU H 33 -36.14 3.74 -18.88
CA GLU H 33 -37.06 2.77 -19.55
C GLU H 33 -36.38 1.43 -19.78
N ILE H 34 -35.09 1.47 -20.14
CA ILE H 34 -34.34 0.24 -20.38
C ILE H 34 -34.14 -0.53 -19.05
N LEU H 35 -33.95 0.18 -17.93
CA LEU H 35 -33.96 -0.50 -16.60
C LEU H 35 -35.34 -1.07 -16.28
N LYS H 36 -36.40 -0.30 -16.51
CA LYS H 36 -37.76 -0.74 -16.22
C LYS H 36 -37.98 -2.06 -16.95
N ARG H 37 -37.48 -2.16 -18.19
CA ARG H 37 -37.75 -3.34 -19.05
C ARG H 37 -36.84 -4.57 -18.88
N SER H 38 -35.54 -4.38 -18.64
CA SER H 38 -34.71 -5.47 -18.07
C SER H 38 -34.91 -5.57 -16.54
N GLY H 39 -34.49 -6.66 -15.90
CA GLY H 39 -34.70 -6.71 -14.41
C GLY H 39 -33.76 -5.79 -13.62
N VAL H 40 -33.00 -4.94 -14.30
CA VAL H 40 -31.64 -4.61 -13.86
C VAL H 40 -31.53 -3.26 -13.10
N THR H 41 -30.72 -3.21 -12.04
CA THR H 41 -30.43 -1.93 -11.29
C THR H 41 -29.64 -0.94 -12.16
N LYS H 42 -29.78 0.37 -11.87
CA LYS H 42 -28.94 1.40 -12.57
C LYS H 42 -27.43 1.15 -12.51
N GLY H 43 -26.99 0.63 -11.37
CA GLY H 43 -25.57 0.36 -11.15
C GLY H 43 -25.10 -0.74 -12.09
N ALA H 44 -25.85 -1.86 -12.13
CA ALA H 44 -25.57 -2.95 -13.05
C ALA H 44 -25.36 -2.41 -14.48
N LEU H 45 -26.24 -1.54 -14.95
CA LEU H 45 -26.10 -1.06 -16.30
C LEU H 45 -24.87 -0.15 -16.53
N TYR H 46 -24.65 0.78 -15.59
CA TYR H 46 -23.43 1.58 -15.58
C TYR H 46 -22.16 0.84 -15.21
N PHE H 47 -22.26 -0.32 -14.54
CA PHE H 47 -21.06 -1.15 -14.44
C PHE H 47 -20.63 -1.56 -15.84
N HIS H 48 -21.58 -1.84 -16.74
CA HIS H 48 -21.24 -2.31 -18.11
C HIS H 48 -21.15 -1.25 -19.16
N PHE H 49 -21.94 -0.20 -19.03
CA PHE H 49 -22.00 0.86 -20.08
C PHE H 49 -21.90 2.23 -19.50
N THR H 50 -21.13 3.09 -20.16
CA THR H 50 -20.88 4.44 -19.66
C THR H 50 -22.09 5.37 -19.85
N SER H 51 -22.86 5.16 -20.92
CA SER H 51 -23.98 6.09 -21.30
C SER H 51 -24.98 5.41 -22.27
N LYS H 52 -26.11 6.08 -22.52
CA LYS H 52 -27.08 5.68 -23.56
C LYS H 52 -26.35 5.55 -24.87
N GLU H 53 -25.49 6.53 -25.11
CA GLU H 53 -24.66 6.59 -26.29
C GLU H 53 -23.77 5.33 -26.44
N GLN H 54 -23.06 4.93 -25.40
CA GLN H 54 -22.24 3.75 -25.57
C GLN H 54 -23.10 2.49 -25.81
N LEU H 55 -24.22 2.41 -25.08
CA LEU H 55 -25.14 1.30 -25.17
C LEU H 55 -25.74 1.21 -26.60
N ALA H 56 -26.22 2.33 -27.16
CA ALA H 56 -26.71 2.32 -28.53
C ALA H 56 -25.66 1.88 -29.51
N GLN H 57 -24.42 2.33 -29.31
CA GLN H 57 -23.29 2.01 -30.17
C GLN H 57 -23.02 0.49 -30.13
N GLU H 58 -23.18 -0.10 -28.95
CA GLU H 58 -23.11 -1.56 -28.83
C GLU H 58 -24.19 -2.28 -29.66
N VAL H 59 -25.45 -1.91 -29.49
CA VAL H 59 -26.54 -2.47 -30.28
C VAL H 59 -26.32 -2.33 -31.82
N LEU H 60 -25.73 -1.24 -32.28
CA LEU H 60 -25.45 -1.05 -33.68
C LEU H 60 -24.59 -2.12 -34.37
N THR H 61 -23.83 -2.87 -33.61
CA THR H 61 -23.17 -4.04 -34.12
C THR H 61 -23.97 -5.36 -34.04
N SER H 62 -25.23 -5.36 -34.42
CA SER H 62 -25.91 -6.63 -34.43
C SER H 62 -26.16 -7.12 -35.84
N GLN H 63 -26.47 -6.24 -36.77
CA GLN H 63 -26.69 -6.72 -38.14
C GLN H 63 -25.66 -7.74 -38.45
N LEU H 64 -24.55 -7.73 -37.70
CA LEU H 64 -23.62 -8.81 -37.73
C LEU H 64 -23.23 -8.82 -36.32
N ARG H 65 -22.63 -9.92 -35.89
CA ARG H 65 -22.36 -10.17 -34.49
C ARG H 65 -23.65 -10.68 -33.90
N ALA H 66 -24.79 -10.14 -34.27
CA ALA H 66 -25.96 -10.79 -33.69
C ALA H 66 -26.46 -11.98 -34.49
N VAL H 67 -26.06 -12.07 -35.73
CA VAL H 67 -26.44 -13.18 -36.53
C VAL H 67 -25.50 -14.31 -36.24
N PRO H 68 -26.05 -15.45 -35.88
CA PRO H 68 -25.23 -16.58 -35.47
C PRO H 68 -24.46 -17.02 -36.65
N PRO H 69 -23.34 -17.68 -36.38
CA PRO H 69 -22.38 -18.09 -37.38
C PRO H 69 -22.91 -19.09 -38.36
N VAL H 70 -22.72 -18.79 -39.62
CA VAL H 70 -23.04 -19.69 -40.70
C VAL H 70 -21.78 -20.43 -41.12
N GLU H 71 -21.92 -21.73 -41.28
CA GLU H 71 -20.82 -22.58 -41.66
C GLU H 71 -20.31 -22.46 -43.07
N GLU H 72 -19.30 -23.24 -43.35
CA GLU H 72 -18.70 -23.27 -44.66
C GLU H 72 -19.57 -24.07 -45.61
N GLN H 73 -19.81 -23.53 -46.78
CA GLN H 73 -20.59 -24.15 -47.82
C GLN H 73 -19.69 -24.47 -48.99
N ARG H 74 -20.13 -25.35 -49.87
CA ARG H 74 -19.40 -25.70 -51.07
C ARG H 74 -19.19 -24.48 -51.96
N LEU H 75 -20.12 -23.56 -51.90
CA LEU H 75 -20.07 -22.30 -52.66
C LEU H 75 -20.06 -21.12 -51.72
N VAL H 76 -19.09 -20.20 -51.87
CA VAL H 76 -18.98 -19.14 -50.91
C VAL H 76 -20.24 -18.26 -51.04
N LEU H 77 -20.69 -18.07 -52.30
CA LEU H 77 -21.94 -17.36 -52.58
C LEU H 77 -23.16 -17.91 -51.83
N GLN H 78 -23.18 -19.20 -51.54
CA GLN H 78 -24.26 -19.79 -50.74
C GLN H 78 -24.12 -19.33 -49.28
N GLN H 79 -22.90 -19.16 -48.81
CA GLN H 79 -22.72 -18.63 -47.48
C GLN H 79 -23.37 -17.25 -47.38
N ILE H 80 -23.21 -16.45 -48.43
CA ILE H 80 -23.73 -15.08 -48.43
C ILE H 80 -25.25 -15.09 -48.47
N ILE H 81 -25.79 -15.95 -49.31
CA ILE H 81 -27.22 -16.13 -49.35
C ILE H 81 -27.74 -16.51 -47.96
N ASP H 82 -27.10 -17.50 -47.35
CA ASP H 82 -27.54 -18.02 -46.03
C ASP H 82 -27.58 -16.92 -44.99
N GLU H 83 -26.60 -16.02 -45.06
CA GLU H 83 -26.49 -15.03 -44.01
C GLU H 83 -27.53 -13.98 -44.22
N THR H 84 -27.75 -13.62 -45.50
CA THR H 84 -28.67 -12.54 -45.83
C THR H 84 -30.07 -12.98 -45.39
N LEU H 85 -30.43 -14.21 -45.65
CA LEU H 85 -31.80 -14.69 -45.42
C LEU H 85 -32.02 -14.99 -43.96
N LEU H 86 -30.92 -15.31 -43.26
CA LEU H 86 -31.03 -15.53 -41.85
C LEU H 86 -31.30 -14.16 -41.19
N LEU H 87 -30.71 -13.11 -41.79
CA LEU H 87 -30.90 -11.77 -41.26
C LEU H 87 -32.36 -11.39 -41.50
N ALA H 88 -32.85 -11.73 -42.71
CA ALA H 88 -34.27 -11.49 -43.03
C ALA H 88 -35.20 -12.20 -42.04
N GLN H 89 -34.91 -13.46 -41.67
CA GLN H 89 -35.75 -14.24 -40.74
C GLN H 89 -35.78 -13.56 -39.31
N LEU H 90 -34.59 -13.21 -38.80
CA LEU H 90 -34.48 -12.58 -37.51
C LEU H 90 -35.23 -11.26 -37.47
N LEU H 91 -35.01 -10.43 -38.48
CA LEU H 91 -35.73 -9.14 -38.58
C LEU H 91 -37.20 -9.42 -38.62
N SER H 92 -37.54 -10.48 -39.31
CA SER H 92 -38.89 -10.75 -39.63
C SER H 92 -39.59 -11.24 -38.38
N LYS H 93 -38.88 -11.99 -37.56
CA LYS H 93 -39.52 -12.56 -36.41
C LYS H 93 -39.27 -11.74 -35.11
N GLY H 94 -38.99 -10.44 -35.20
CA GLY H 94 -38.81 -9.58 -34.00
C GLY H 94 -37.65 -9.83 -33.04
N ASP H 95 -36.55 -10.42 -33.54
CA ASP H 95 -35.30 -10.49 -32.78
C ASP H 95 -34.89 -9.06 -32.41
N PRO H 96 -34.73 -8.81 -31.09
CA PRO H 96 -34.52 -7.45 -30.58
C PRO H 96 -33.21 -6.84 -31.05
N LEU H 97 -32.13 -7.63 -30.97
CA LEU H 97 -30.81 -7.16 -31.48
C LEU H 97 -30.85 -6.66 -32.92
N VAL H 98 -31.36 -7.52 -33.80
CA VAL H 98 -31.43 -7.19 -35.18
C VAL H 98 -32.37 -5.99 -35.44
N ARG H 99 -33.56 -5.97 -34.88
CA ARG H 99 -34.47 -4.83 -35.08
C ARG H 99 -33.97 -3.49 -34.55
N GLY H 100 -33.47 -3.50 -33.32
CA GLY H 100 -32.92 -2.28 -32.76
C GLY H 100 -31.73 -1.76 -33.55
N SER H 101 -30.80 -2.64 -33.89
CA SER H 101 -29.67 -2.28 -34.75
C SER H 101 -30.10 -1.66 -36.10
N VAL H 102 -31.01 -2.34 -36.78
CA VAL H 102 -31.57 -1.80 -38.01
C VAL H 102 -32.25 -0.45 -37.80
N ARG H 103 -33.08 -0.29 -36.77
CA ARG H 103 -33.74 1.00 -36.59
C ARG H 103 -32.79 2.18 -36.34
N LEU H 104 -31.75 1.89 -35.57
CA LEU H 104 -30.79 2.88 -35.15
C LEU H 104 -29.97 3.33 -36.39
N THR H 105 -29.72 2.37 -37.29
CA THR H 105 -28.94 2.59 -38.49
C THR H 105 -29.64 3.53 -39.46
N VAL H 106 -30.94 3.35 -39.68
CA VAL H 106 -31.63 4.14 -40.73
C VAL H 106 -32.38 5.33 -40.22
N GLU H 107 -32.65 5.43 -38.93
CA GLU H 107 -33.48 6.54 -38.46
C GLU H 107 -32.55 7.74 -38.45
N PRO H 108 -33.00 8.81 -39.09
CA PRO H 108 -32.23 10.04 -39.13
C PRO H 108 -31.73 10.43 -37.77
N GLY H 109 -30.48 10.82 -37.74
CA GLY H 109 -29.89 11.28 -36.51
C GLY H 109 -30.41 12.61 -36.01
N ALA H 110 -30.05 12.94 -34.79
CA ALA H 110 -30.18 14.30 -34.33
C ALA H 110 -28.83 14.91 -34.66
N PRO H 111 -28.65 16.14 -34.24
CA PRO H 111 -27.47 16.89 -34.63
C PRO H 111 -26.19 16.29 -34.07
N ALA H 112 -26.02 16.45 -32.77
CA ALA H 112 -24.91 15.87 -32.09
C ALA H 112 -25.48 14.86 -31.15
N ASP H 113 -26.12 13.84 -31.72
CA ASP H 113 -26.62 12.76 -30.94
C ASP H 113 -25.49 11.88 -30.59
N GLY H 114 -24.39 12.10 -31.29
CA GLY H 114 -23.15 11.42 -30.99
C GLY H 114 -23.01 9.97 -31.39
N LEU H 115 -23.96 9.43 -32.14
CA LEU H 115 -23.89 8.04 -32.56
C LEU H 115 -23.09 7.85 -33.82
N ASP H 116 -22.26 6.85 -33.87
CA ASP H 116 -21.52 6.62 -35.13
C ASP H 116 -22.22 5.48 -35.91
N ARG H 117 -22.99 5.84 -36.92
CA ARG H 117 -23.69 4.88 -37.79
C ARG H 117 -22.77 4.37 -38.86
N ARG H 118 -21.76 5.17 -39.19
CA ARG H 118 -20.88 4.92 -40.31
C ARG H 118 -19.92 3.74 -40.09
N ALA H 119 -19.16 3.70 -38.98
CA ALA H 119 -18.20 2.54 -38.73
C ALA H 119 -18.82 1.12 -38.70
N PRO H 120 -20.06 0.97 -38.14
CA PRO H 120 -20.80 -0.34 -38.20
C PRO H 120 -21.32 -0.74 -39.59
N MET H 121 -21.76 0.24 -40.38
CA MET H 121 -22.11 -0.03 -41.77
C MET H 121 -20.83 -0.45 -42.56
N GLN H 122 -19.71 0.19 -42.26
CA GLN H 122 -18.45 -0.18 -42.84
C GLN H 122 -18.09 -1.60 -42.48
N GLU H 123 -18.46 -2.08 -41.29
CA GLU H 123 -18.11 -3.45 -40.87
C GLU H 123 -18.98 -4.47 -41.60
N TRP H 124 -20.24 -4.10 -41.74
CA TRP H 124 -21.16 -4.88 -42.51
C TRP H 124 -20.71 -5.04 -43.96
N ILE H 125 -20.42 -3.94 -44.63
CA ILE H 125 -19.89 -4.00 -45.96
C ILE H 125 -18.54 -4.73 -46.01
N GLY H 126 -17.66 -4.57 -45.00
CA GLY H 126 -16.32 -5.20 -45.02
C GLY H 126 -16.47 -6.72 -44.90
N HIS H 127 -17.45 -7.17 -44.14
CA HIS H 127 -17.76 -8.57 -44.05
C HIS H 127 -18.21 -9.18 -45.39
N GLY H 128 -19.10 -8.48 -46.14
CA GLY H 128 -19.61 -8.98 -47.43
C GLY H 128 -18.49 -8.98 -48.44
N ARG H 129 -17.71 -7.90 -48.46
CA ARG H 129 -16.51 -7.80 -49.28
C ARG H 129 -15.48 -8.91 -49.00
N ASP H 130 -15.22 -9.27 -47.73
CA ASP H 130 -14.32 -10.42 -47.43
C ASP H 130 -14.87 -11.71 -48.06
N LEU H 131 -16.18 -11.98 -47.91
CA LEU H 131 -16.73 -13.17 -48.53
C LEU H 131 -16.73 -13.14 -50.08
N LEU H 132 -16.98 -11.96 -50.65
CA LEU H 132 -16.92 -11.82 -52.12
C LEU H 132 -15.49 -12.06 -52.64
N ARG H 133 -14.48 -11.65 -51.88
CA ARG H 133 -13.06 -11.89 -52.28
C ARG H 133 -12.80 -13.40 -52.35
N ARG H 134 -13.30 -14.13 -51.35
CA ARG H 134 -13.12 -15.60 -51.29
C ARG H 134 -13.90 -16.26 -52.42
N ALA H 135 -15.07 -15.70 -52.75
CA ALA H 135 -15.87 -16.23 -53.86
C ALA H 135 -15.06 -16.05 -55.11
N GLU H 136 -14.50 -14.86 -55.23
CA GLU H 136 -13.72 -14.55 -56.42
C GLU H 136 -12.44 -15.41 -56.51
N ALA H 137 -11.70 -15.55 -55.40
CA ALA H 137 -10.55 -16.45 -55.41
C ALA H 137 -11.03 -17.84 -55.86
N GLY H 138 -12.27 -18.23 -55.52
CA GLY H 138 -12.75 -19.56 -55.88
C GLY H 138 -13.38 -19.60 -57.27
N GLY H 139 -13.28 -18.53 -58.03
CA GLY H 139 -13.80 -18.57 -59.39
C GLY H 139 -15.32 -18.42 -59.52
N GLU H 140 -16.02 -18.06 -58.43
CA GLU H 140 -17.52 -18.04 -58.47
C GLU H 140 -18.15 -16.77 -59.08
N LEU H 141 -17.33 -15.75 -59.35
CA LEU H 141 -17.82 -14.43 -59.84
C LEU H 141 -17.43 -14.14 -61.29
N LEU H 142 -18.27 -13.36 -62.01
CA LEU H 142 -17.87 -12.82 -63.29
C LEU H 142 -16.49 -12.12 -63.13
N PRO H 143 -15.70 -12.08 -64.22
CA PRO H 143 -14.36 -11.52 -63.98
C PRO H 143 -14.36 -10.01 -63.83
N ARG H 144 -13.37 -9.57 -63.06
CA ARG H 144 -13.05 -8.18 -62.73
C ARG H 144 -14.18 -7.30 -62.22
N LEU H 145 -14.97 -7.81 -61.30
CA LEU H 145 -15.93 -6.97 -60.63
C LEU H 145 -15.17 -6.16 -59.58
N ASP H 146 -15.84 -5.13 -59.13
CA ASP H 146 -15.35 -4.32 -58.04
C ASP H 146 -16.08 -4.86 -56.79
N VAL H 147 -15.37 -5.66 -56.03
CA VAL H 147 -15.88 -6.42 -54.93
C VAL H 147 -16.47 -5.50 -53.85
N ASP H 148 -15.86 -4.37 -53.58
CA ASP H 148 -16.41 -3.41 -52.59
C ASP H 148 -17.73 -2.78 -53.10
N ALA H 149 -17.78 -2.49 -54.39
CA ALA H 149 -19.04 -1.97 -54.95
C ALA H 149 -20.16 -3.03 -54.93
N VAL H 150 -19.79 -4.28 -55.20
CA VAL H 150 -20.74 -5.38 -55.13
C VAL H 150 -21.25 -5.57 -53.68
N ALA H 151 -20.33 -5.54 -52.70
CA ALA H 151 -20.78 -5.64 -51.30
C ALA H 151 -21.77 -4.52 -50.95
N ARG H 152 -21.52 -3.29 -51.40
CA ARG H 152 -22.47 -2.23 -51.11
C ARG H 152 -23.83 -2.44 -51.75
N MET H 153 -23.83 -3.03 -52.94
CA MET H 153 -25.08 -3.30 -53.59
C MET H 153 -25.87 -4.37 -52.79
N LEU H 154 -25.18 -5.39 -52.31
CA LEU H 154 -25.86 -6.43 -51.52
C LEU H 154 -26.42 -5.82 -50.25
N VAL H 155 -25.62 -5.04 -49.53
CA VAL H 155 -26.14 -4.43 -48.31
C VAL H 155 -27.22 -3.40 -48.59
N GLY H 156 -26.98 -2.55 -49.60
CA GLY H 156 -27.97 -1.60 -50.12
C GLY H 156 -29.28 -2.29 -50.47
N GLY H 157 -29.20 -3.40 -51.20
CA GLY H 157 -30.36 -4.12 -51.64
C GLY H 157 -31.17 -4.66 -50.49
N PHE H 158 -30.50 -5.23 -49.50
CA PHE H 158 -31.20 -5.72 -48.34
C PHE H 158 -31.91 -4.60 -47.59
N THR H 159 -31.23 -3.49 -47.45
CA THR H 159 -31.73 -2.40 -46.66
C THR H 159 -32.96 -1.76 -47.33
N GLY H 160 -32.88 -1.50 -48.63
CA GLY H 160 -34.01 -0.95 -49.41
C GLY H 160 -35.21 -1.93 -49.40
N ALA H 161 -34.99 -3.25 -49.65
CA ALA H 161 -36.04 -4.27 -49.61
C ALA H 161 -36.73 -4.22 -48.27
N GLN H 162 -35.92 -4.28 -47.24
CA GLN H 162 -36.36 -4.30 -45.87
C GLN H 162 -37.19 -3.04 -45.51
N ILE H 163 -36.74 -1.88 -45.96
CA ILE H 163 -37.50 -0.67 -45.67
C ILE H 163 -38.83 -0.64 -46.39
N LEU H 164 -38.88 -0.96 -47.67
CA LEU H 164 -40.17 -1.01 -48.37
C LEU H 164 -41.13 -2.08 -47.73
N SER H 165 -40.60 -3.23 -47.37
CA SER H 165 -41.40 -4.30 -46.82
C SER H 165 -41.99 -3.86 -45.47
N ASN H 166 -41.18 -3.19 -44.64
CA ASN H 166 -41.76 -2.63 -43.43
C ASN H 166 -42.96 -1.64 -43.69
N ILE H 167 -42.77 -0.70 -44.63
CA ILE H 167 -43.81 0.28 -44.91
C ILE H 167 -45.08 -0.38 -45.38
N LEU H 168 -44.98 -1.33 -46.30
CA LEU H 168 -46.13 -1.81 -47.01
C LEU H 168 -46.81 -3.01 -46.36
N THR H 169 -46.02 -3.80 -45.64
CA THR H 169 -46.52 -5.04 -45.13
C THR H 169 -46.17 -5.24 -43.63
N GLY H 170 -45.46 -4.29 -42.99
CA GLY H 170 -44.99 -4.55 -41.64
C GLY H 170 -44.12 -5.82 -41.69
N HIS H 171 -43.34 -6.00 -42.76
CA HIS H 171 -42.37 -7.13 -42.85
C HIS H 171 -42.96 -8.47 -43.05
N ALA H 172 -44.27 -8.55 -43.20
CA ALA H 172 -44.92 -9.84 -43.55
C ALA H 172 -44.36 -10.44 -44.87
N ASP H 173 -43.94 -9.64 -45.85
CA ASP H 173 -43.44 -10.25 -47.07
C ASP H 173 -41.91 -10.17 -47.16
N LEU H 174 -41.25 -9.99 -46.03
CA LEU H 174 -39.83 -9.63 -46.01
C LEU H 174 -38.94 -10.64 -46.65
N LEU H 175 -39.13 -11.93 -46.31
CA LEU H 175 -38.29 -12.99 -46.82
C LEU H 175 -38.32 -13.00 -48.35
N GLU H 176 -39.53 -12.94 -48.88
CA GLU H 176 -39.69 -12.91 -50.34
C GLU H 176 -38.99 -11.72 -51.07
N ARG H 177 -39.07 -10.54 -50.49
CA ARG H 177 -38.60 -9.30 -51.05
C ARG H 177 -37.10 -9.30 -51.06
N VAL H 178 -36.54 -9.68 -49.92
CA VAL H 178 -35.16 -9.79 -49.77
C VAL H 178 -34.60 -10.89 -50.71
N THR H 179 -35.28 -12.03 -50.79
CA THR H 179 -34.80 -13.08 -51.62
C THR H 179 -34.91 -12.65 -53.08
N ASP H 180 -36.01 -11.97 -53.47
CA ASP H 180 -36.03 -11.46 -54.86
C ASP H 180 -34.83 -10.54 -55.23
N MET H 181 -34.54 -9.60 -54.33
CA MET H 181 -33.52 -8.59 -54.50
C MET H 181 -32.20 -9.33 -54.68
N HIS H 182 -31.79 -10.12 -53.67
CA HIS H 182 -30.57 -10.93 -53.71
CA HIS H 182 -30.52 -10.85 -53.79
C HIS H 182 -30.49 -11.86 -54.92
N ARG H 183 -31.59 -12.46 -55.27
CA ARG H 183 -31.53 -13.34 -56.45
C ARG H 183 -31.19 -12.56 -57.73
N HIS H 184 -31.81 -11.41 -57.92
CA HIS H 184 -31.53 -10.62 -59.11
C HIS H 184 -30.11 -10.07 -59.11
N LEU H 185 -29.63 -9.62 -57.96
CA LEU H 185 -28.24 -9.13 -57.91
C LEU H 185 -27.21 -10.23 -58.20
N MET H 186 -27.48 -11.43 -57.63
CA MET H 186 -26.64 -12.57 -57.92
C MET H 186 -26.61 -12.89 -59.42
N THR H 187 -27.75 -12.86 -60.07
CA THR H 187 -27.76 -13.13 -61.48
C THR H 187 -26.75 -12.28 -62.21
N SER H 188 -26.57 -11.05 -61.74
CA SER H 188 -25.69 -10.11 -62.42
C SER H 188 -24.24 -10.26 -61.98
N VAL H 189 -23.92 -11.14 -61.04
CA VAL H 189 -22.58 -11.19 -60.49
C VAL H 189 -21.92 -12.64 -60.58
N ALA H 190 -22.76 -13.67 -60.55
CA ALA H 190 -22.27 -15.03 -60.45
C ALA H 190 -22.01 -15.66 -61.84
N VAL H 191 -20.98 -16.51 -61.96
CA VAL H 191 -20.88 -17.33 -63.17
C VAL H 191 -22.09 -18.30 -63.24
N PRO H 192 -22.48 -18.67 -64.47
CA PRO H 192 -23.73 -19.38 -64.73
C PRO H 192 -23.80 -20.73 -64.03
N ALA H 193 -22.73 -21.53 -64.16
CA ALA H 193 -22.69 -22.85 -63.48
C ALA H 193 -22.92 -22.69 -61.99
N VAL H 194 -22.39 -21.60 -61.37
CA VAL H 194 -22.61 -21.47 -59.93
C VAL H 194 -23.99 -20.94 -59.66
N LEU H 195 -24.41 -20.05 -60.53
CA LEU H 195 -25.65 -19.33 -60.29
C LEU H 195 -26.81 -20.37 -60.18
N VAL H 196 -26.89 -21.35 -61.09
CA VAL H 196 -28.05 -22.26 -61.08
C VAL H 196 -27.95 -23.36 -59.97
N ARG H 197 -26.84 -23.40 -59.21
CA ARG H 197 -26.71 -24.32 -58.06
C ARG H 197 -26.76 -23.57 -56.72
N LEU H 198 -27.19 -22.30 -56.76
CA LEU H 198 -27.29 -21.47 -55.56
C LEU H 198 -28.69 -21.77 -54.98
N ASP H 199 -28.87 -21.89 -53.68
CA ASP H 199 -30.19 -22.25 -53.18
C ASP H 199 -30.84 -21.10 -52.38
N PHE H 200 -31.88 -20.53 -52.99
CA PHE H 200 -32.53 -19.33 -52.45
C PHE H 200 -33.81 -19.80 -51.84
N SER H 201 -34.02 -21.10 -51.72
CA SER H 201 -35.39 -21.53 -51.29
C SER H 201 -35.71 -21.07 -49.86
N ALA H 202 -36.98 -20.81 -49.62
CA ALA H 202 -37.52 -20.64 -48.25
C ALA H 202 -37.27 -21.88 -47.36
N GLU H 203 -37.30 -23.09 -47.95
CA GLU H 203 -37.05 -24.35 -47.18
C GLU H 203 -35.71 -24.29 -46.49
N ARG H 204 -34.68 -23.98 -47.28
CA ARG H 204 -33.32 -23.93 -46.72
C ARG H 204 -33.25 -22.79 -45.68
N SER H 205 -33.79 -21.63 -46.02
CA SER H 205 -33.74 -20.56 -45.04
C SER H 205 -34.34 -20.99 -43.66
N ILE H 206 -35.45 -21.75 -43.71
CA ILE H 206 -36.16 -22.15 -42.51
C ILE H 206 -35.21 -23.05 -41.72
N THR H 207 -34.56 -23.98 -42.42
CA THR H 207 -33.59 -24.90 -41.79
C THR H 207 -32.43 -24.15 -41.20
N VAL H 208 -31.93 -23.14 -41.91
CA VAL H 208 -30.82 -22.39 -41.36
C VAL H 208 -31.25 -21.65 -40.10
N TYR H 209 -32.38 -20.96 -40.14
CA TYR H 209 -32.91 -20.36 -38.91
C TYR H 209 -33.18 -21.36 -37.76
N ASP H 210 -33.74 -22.54 -38.06
CA ASP H 210 -34.03 -23.49 -36.96
C ASP H 210 -32.70 -23.94 -36.34
N GLU H 211 -31.72 -24.29 -37.18
CA GLU H 211 -30.40 -24.69 -36.69
C GLU H 211 -29.72 -23.58 -35.87
N ALA H 212 -29.75 -22.35 -36.37
CA ALA H 212 -29.26 -21.20 -35.61
C ALA H 212 -29.86 -21.11 -34.20
N MET H 213 -31.18 -21.02 -34.09
CA MET H 213 -31.86 -20.93 -32.78
C MET H 213 -31.52 -22.10 -31.84
N ARG H 214 -31.34 -23.30 -32.38
CA ARG H 214 -30.83 -24.44 -31.60
C ARG H 214 -29.33 -24.26 -31.29
N ARG H 215 -28.95 -23.25 -30.49
CA ARG H 215 -27.53 -23.04 -30.07
C ARG H 215 -27.33 -21.93 -29.03
#